data_5W69
#
_entry.id   5W69
#
_cell.length_a   51.182
_cell.length_b   182.137
_cell.length_c   222.736
_cell.angle_alpha   90.00
_cell.angle_beta   90.00
_cell.angle_gamma   90.00
#
_symmetry.space_group_name_H-M   'P 21 21 21'
#
loop_
_entity.id
_entity.type
_entity.pdbx_description
1 polymer 'HLA class I histocompatibility antigen, Cw-6 alpha chain'
2 polymer Beta-2-microglobulin
3 polymer ALA-ARG-PHE-ASN-ASP-LEU-ARG-PHE-VAL
4 water water
#
loop_
_entity_poly.entity_id
_entity_poly.type
_entity_poly.pdbx_seq_one_letter_code
_entity_poly.pdbx_strand_id
1 'polypeptide(L)'
;CSHSMRYFDTAVSRPGRGEPRFISVGYVDDTQFVRFDSDAASPRGEPRAPWVEQEGPEYWDRETQKYKRQAQADRVNLRK
LRGYYNQSEDGSHTLQWMYGCDLGPDGRLLRGYDQSAYDGKDYIALNEDLRSWTAADTAAQITQRKWEAAREAEQWRAYL
EGTCVEWLRRYLENGKETLQRAEHPKTHVTHHPVSDHEATLRCWALGFYPAEITLTWQRDGEDQTQDTELVETRPAGDGT
FQKWAAVVVPSGEEQRYTCHVQHEGLPEPLTLRWEP
;
A,C,E,G
2 'polypeptide(L)'
;MIQRTPKIQVYSRHPAENGKSNFLNCYVSGFHPSDIEVDLLKNGERIEKVEHSDLSFSKDWSFYLLYYTEFTPTEKDEYA
CRVNHVTLSQPKIVKWDRDM
;
B,D,F,H
3 'polypeptide(L)' ARFNDLRFV I,J,K,L
#
# COMPACT_ATOMS: atom_id res chain seq x y z
N SER A 2 27.11 27.59 -3.97
CA SER A 2 27.93 28.41 -3.07
C SER A 2 27.81 27.92 -1.64
N HIS A 3 28.94 27.46 -1.07
CA HIS A 3 28.97 26.98 0.33
C HIS A 3 28.90 28.14 1.27
N SER A 4 28.31 27.91 2.43
CA SER A 4 28.14 28.95 3.42
C SER A 4 28.25 28.42 4.84
N MET A 5 28.58 29.32 5.76
CA MET A 5 28.59 29.06 7.19
C MET A 5 27.68 30.13 7.82
N ARG A 6 26.72 29.72 8.66
CA ARG A 6 25.80 30.62 9.34
C ARG A 6 25.69 30.29 10.78
N TYR A 7 25.54 31.32 11.62
CA TYR A 7 25.24 31.20 13.05
C TYR A 7 23.89 31.84 13.27
N PHE A 8 23.04 31.15 14.06
CA PHE A 8 21.68 31.59 14.39
C PHE A 8 21.54 31.67 15.93
N ASP A 9 21.53 32.91 16.47
CA ASP A 9 21.39 33.15 17.91
C ASP A 9 20.04 33.64 18.23
N THR A 10 19.47 33.15 19.35
CA THR A 10 18.13 33.51 19.82
C THR A 10 18.20 33.76 21.31
N ALA A 11 17.84 34.96 21.75
CA ALA A 11 17.79 35.35 23.16
C ALA A 11 16.36 35.75 23.48
N VAL A 12 15.76 35.07 24.47
CA VAL A 12 14.36 35.30 24.80
C VAL A 12 14.20 35.60 26.27
N SER A 13 13.57 36.74 26.60
CA SER A 13 13.33 37.09 27.99
C SER A 13 12.08 36.39 28.54
N ARG A 14 12.14 35.99 29.80
CA ARG A 14 11.03 35.28 30.39
C ARG A 14 10.77 35.91 31.71
N PRO A 15 10.14 37.09 31.71
CA PRO A 15 9.84 37.77 32.98
C PRO A 15 9.19 36.86 34.01
N GLY A 16 9.76 36.82 35.20
CA GLY A 16 9.23 35.98 36.28
C GLY A 16 9.49 34.49 36.17
N ARG A 17 10.12 34.06 35.08
CA ARG A 17 10.43 32.66 34.84
C ARG A 17 11.96 32.47 34.75
N GLY A 18 12.73 33.36 35.39
CA GLY A 18 14.18 33.28 35.42
C GLY A 18 14.93 34.11 34.39
N GLU A 19 16.25 33.80 34.17
CA GLU A 19 17.12 34.54 33.23
C GLU A 19 16.68 34.35 31.78
N PRO A 20 16.90 35.35 30.87
CA PRO A 20 16.58 35.10 29.45
C PRO A 20 17.36 33.92 28.90
N ARG A 21 16.69 33.11 28.10
CA ARG A 21 17.31 31.94 27.50
C ARG A 21 18.07 32.36 26.25
N PHE A 22 19.35 31.94 26.09
CA PHE A 22 20.15 32.12 24.90
C PHE A 22 20.41 30.72 24.27
N ILE A 23 19.97 30.50 23.01
CA ILE A 23 20.11 29.27 22.21
C ILE A 23 20.83 29.69 20.94
N SER A 24 21.80 28.91 20.51
CA SER A 24 22.55 29.18 19.31
C SER A 24 22.84 27.88 18.58
N VAL A 25 22.74 27.95 17.24
CA VAL A 25 23.02 26.84 16.32
C VAL A 25 23.91 27.36 15.18
N GLY A 26 24.81 26.51 14.71
CA GLY A 26 25.73 26.81 13.62
C GLY A 26 25.54 25.79 12.53
N TYR A 27 25.59 26.26 11.27
CA TYR A 27 25.40 25.43 10.10
C TYR A 27 26.46 25.66 9.05
N VAL A 28 26.75 24.61 8.31
CA VAL A 28 27.54 24.63 7.11
C VAL A 28 26.50 24.11 6.15
N ASP A 29 26.03 25.00 5.27
CA ASP A 29 24.97 24.75 4.30
C ASP A 29 23.70 24.32 5.06
N ASP A 30 23.18 23.13 4.82
CA ASP A 30 22.00 22.62 5.51
C ASP A 30 22.36 21.59 6.60
N THR A 31 23.63 21.63 7.05
CA THR A 31 24.14 20.72 8.09
C THR A 31 24.50 21.44 9.36
N GLN A 32 23.76 21.17 10.45
CA GLN A 32 24.06 21.78 11.75
C GLN A 32 25.26 21.08 12.30
N PHE A 33 26.23 21.86 12.86
CA PHE A 33 27.48 21.32 13.41
C PHE A 33 27.72 21.67 14.86
N VAL A 34 27.00 22.65 15.42
CA VAL A 34 27.14 23.05 16.84
C VAL A 34 25.78 23.58 17.38
N ARG A 35 25.55 23.47 18.69
CA ARG A 35 24.39 24.00 19.44
C ARG A 35 24.99 24.65 20.71
N PHE A 36 24.18 25.35 21.51
CA PHE A 36 24.51 25.86 22.82
C PHE A 36 23.17 26.23 23.39
N ASP A 37 22.85 25.76 24.56
CA ASP A 37 21.59 26.10 25.16
C ASP A 37 21.89 26.51 26.55
N SER A 38 21.57 27.78 26.89
CA SER A 38 21.84 28.31 28.24
C SER A 38 21.06 27.56 29.35
N ASP A 39 19.98 26.84 28.98
CA ASP A 39 19.15 26.06 29.89
C ASP A 39 19.63 24.63 30.15
N ALA A 40 20.68 24.20 29.43
CA ALA A 40 21.32 22.87 29.60
C ALA A 40 21.91 22.79 31.03
N ALA A 41 22.12 21.54 31.52
CA ALA A 41 22.66 21.20 32.83
C ALA A 41 23.99 21.94 33.07
N SER A 42 24.96 21.71 32.16
CA SER A 42 26.26 22.41 32.17
C SER A 42 26.37 22.96 30.75
N PRO A 43 25.86 24.20 30.52
CA PRO A 43 25.84 24.75 29.17
C PRO A 43 27.22 24.85 28.54
N ARG A 44 27.37 24.22 27.37
CA ARG A 44 28.62 24.18 26.59
C ARG A 44 28.29 24.11 25.14
N GLY A 45 29.29 24.36 24.32
CA GLY A 45 29.19 24.23 22.89
C GLY A 45 29.34 22.76 22.64
N GLU A 46 28.36 22.17 21.99
CA GLU A 46 28.35 20.73 21.73
C GLU A 46 28.42 20.47 20.23
N PRO A 47 29.26 19.52 19.79
CA PRO A 47 29.30 19.19 18.35
C PRO A 47 28.03 18.49 17.91
N ARG A 48 27.57 18.73 16.68
CA ARG A 48 26.36 18.16 16.11
C ARG A 48 26.63 17.51 14.74
N ALA A 49 27.91 17.53 14.32
CA ALA A 49 28.43 16.96 13.07
C ALA A 49 29.78 16.29 13.33
N PRO A 50 30.05 15.16 12.66
CA PRO A 50 31.33 14.46 12.89
C PRO A 50 32.60 15.22 12.56
N TRP A 51 32.56 16.13 11.60
CA TRP A 51 33.74 16.86 11.12
C TRP A 51 34.26 17.98 12.08
N VAL A 52 33.50 18.29 13.17
CA VAL A 52 33.92 19.22 14.23
C VAL A 52 34.23 18.47 15.56
N GLU A 53 33.94 17.15 15.68
CA GLU A 53 34.20 16.49 16.96
C GLU A 53 35.66 16.06 17.07
N GLN A 54 36.44 16.22 15.97
CA GLN A 54 37.88 15.93 16.01
C GLN A 54 38.73 17.19 16.29
N GLU A 55 38.09 18.38 16.44
CA GLU A 55 38.77 19.64 16.80
C GLU A 55 39.02 19.46 18.30
N GLY A 56 40.18 19.90 18.80
CA GLY A 56 40.56 19.66 20.18
C GLY A 56 39.66 20.13 21.31
N PRO A 57 39.98 19.74 22.59
CA PRO A 57 39.22 20.27 23.74
C PRO A 57 39.41 21.79 23.84
N GLU A 58 40.57 22.34 23.41
CA GLU A 58 40.87 23.78 23.37
C GLU A 58 39.83 24.48 22.53
N TYR A 59 39.56 23.95 21.33
CA TYR A 59 38.59 24.53 20.40
C TYR A 59 37.25 24.66 21.10
N TRP A 60 36.76 23.55 21.70
CA TRP A 60 35.46 23.46 22.35
C TRP A 60 35.36 24.29 23.61
N ASP A 61 36.45 24.42 24.37
CA ASP A 61 36.48 25.29 25.56
C ASP A 61 36.36 26.76 25.09
N ARG A 62 37.00 27.08 23.97
CA ARG A 62 37.02 28.42 23.38
C ARG A 62 35.65 28.81 22.84
N GLU A 63 34.95 27.88 22.15
CA GLU A 63 33.60 28.12 21.63
C GLU A 63 32.66 28.25 22.76
N THR A 64 32.69 27.34 23.76
CA THR A 64 31.90 27.37 25.01
C THR A 64 31.97 28.77 25.66
N GLN A 65 33.19 29.35 25.83
CA GLN A 65 33.42 30.67 26.40
C GLN A 65 32.81 31.79 25.55
N LYS A 66 32.87 31.69 24.23
CA LYS A 66 32.30 32.71 23.35
C LYS A 66 30.80 32.75 23.55
N TYR A 67 30.15 31.56 23.65
CA TYR A 67 28.73 31.41 23.87
C TYR A 67 28.32 31.94 25.24
N LYS A 68 29.01 31.48 26.32
CA LYS A 68 28.71 31.87 27.72
C LYS A 68 28.70 33.38 27.89
N ARG A 69 29.70 34.07 27.27
CA ARG A 69 29.85 35.53 27.33
C ARG A 69 28.79 36.26 26.52
N GLN A 70 28.48 35.78 25.27
CA GLN A 70 27.41 36.37 24.44
C GLN A 70 26.01 36.14 25.08
N ALA A 71 25.78 35.01 25.77
CA ALA A 71 24.53 34.77 26.49
C ALA A 71 24.32 35.86 27.58
N GLN A 72 25.35 36.24 28.35
CA GLN A 72 25.31 37.32 29.35
C GLN A 72 25.14 38.67 28.66
N ALA A 73 25.79 38.85 27.49
CA ALA A 73 25.72 40.10 26.76
C ALA A 73 24.32 40.30 26.22
N ASP A 74 23.71 39.26 25.65
CA ASP A 74 22.36 39.38 25.07
C ASP A 74 21.32 39.62 26.14
N ARG A 75 21.62 39.24 27.38
CA ARG A 75 20.75 39.50 28.55
C ARG A 75 20.73 41.00 28.82
N VAL A 76 21.92 41.65 28.72
CA VAL A 76 22.08 43.11 28.82
C VAL A 76 21.35 43.74 27.66
N ASN A 77 21.55 43.20 26.44
CA ASN A 77 20.93 43.72 25.20
C ASN A 77 19.44 43.73 25.26
N LEU A 78 18.80 42.67 25.78
CA LEU A 78 17.33 42.63 25.94
C LEU A 78 16.83 43.70 26.91
N ARG A 79 17.52 43.97 28.04
CA ARG A 79 17.12 45.10 28.89
C ARG A 79 17.28 46.40 28.08
N LYS A 80 18.49 46.65 27.48
CA LYS A 80 18.72 47.84 26.67
C LYS A 80 17.63 48.13 25.65
N LEU A 81 17.20 47.09 24.91
CA LEU A 81 16.21 47.18 23.83
C LEU A 81 14.82 47.58 24.34
N ARG A 82 14.36 47.02 25.47
CA ARG A 82 13.14 47.32 26.21
C ARG A 82 13.15 48.82 26.49
N GLY A 83 14.31 49.31 26.92
CA GLY A 83 14.52 50.70 27.29
C GLY A 83 14.37 51.63 26.12
N TYR A 84 14.95 51.20 25.01
CA TYR A 84 14.92 51.92 23.76
C TYR A 84 13.50 52.05 23.29
N TYR A 85 12.72 50.96 23.32
CA TYR A 85 11.33 50.89 22.84
C TYR A 85 10.31 51.29 23.88
N ASN A 86 10.77 51.58 25.09
CA ASN A 86 9.94 51.98 26.22
C ASN A 86 8.88 50.89 26.55
N GLN A 87 9.33 49.64 26.65
CA GLN A 87 8.48 48.50 26.95
C GLN A 87 8.53 48.11 28.46
N SER A 88 7.49 47.49 29.00
CA SER A 88 7.43 47.06 30.40
C SER A 88 8.33 45.89 30.72
N GLU A 89 8.61 45.76 32.05
CA GLU A 89 9.35 44.70 32.68
C GLU A 89 8.61 43.38 32.39
N ASP A 90 7.28 43.46 32.25
CA ASP A 90 6.28 42.39 32.17
C ASP A 90 6.31 41.47 30.94
N GLY A 91 6.63 41.99 29.78
CA GLY A 91 6.54 41.23 28.56
C GLY A 91 7.78 40.47 28.16
N SER A 92 7.58 39.36 27.43
CA SER A 92 8.63 38.51 26.86
C SER A 92 9.10 39.10 25.51
N HIS A 93 10.40 39.19 25.28
CA HIS A 93 10.91 39.73 24.02
C HIS A 93 11.96 38.85 23.41
N THR A 94 12.18 38.97 22.08
CA THR A 94 13.15 38.13 21.34
C THR A 94 14.18 38.98 20.63
N LEU A 95 15.45 38.60 20.78
CA LEU A 95 16.60 39.19 20.07
C LEU A 95 17.28 38.05 19.32
N GLN A 96 17.47 38.24 18.00
CA GLN A 96 18.05 37.24 17.07
C GLN A 96 19.20 37.79 16.31
N TRP A 97 20.26 37.01 16.17
CA TRP A 97 21.47 37.37 15.42
C TRP A 97 21.70 36.34 14.36
N MET A 98 22.15 36.78 13.21
CA MET A 98 22.45 35.87 12.11
CA MET A 98 22.41 35.90 12.09
C MET A 98 23.68 36.39 11.39
N TYR A 99 24.74 35.59 11.42
CA TYR A 99 25.98 36.00 10.77
C TYR A 99 26.69 34.84 10.11
N GLY A 100 27.53 35.18 9.17
CA GLY A 100 28.28 34.20 8.43
C GLY A 100 28.78 34.70 7.10
N CYS A 101 29.33 33.74 6.32
CA CYS A 101 29.98 33.98 5.04
C CYS A 101 29.59 32.96 4.02
N ASP A 102 29.53 33.40 2.75
CA ASP A 102 29.28 32.59 1.57
C ASP A 102 30.64 32.52 0.89
N LEU A 103 31.06 31.31 0.48
CA LEU A 103 32.36 31.09 -0.17
C LEU A 103 32.23 31.28 -1.69
N GLY A 104 33.21 31.97 -2.28
CA GLY A 104 33.26 32.24 -3.71
C GLY A 104 34.09 31.23 -4.50
N PRO A 105 34.04 31.26 -5.85
CA PRO A 105 34.84 30.29 -6.61
C PRO A 105 36.34 30.39 -6.34
N ASP A 106 36.85 31.63 -6.18
CA ASP A 106 38.26 32.00 -5.95
C ASP A 106 38.83 31.51 -4.61
N GLY A 107 37.97 30.94 -3.75
CA GLY A 107 38.33 30.44 -2.44
C GLY A 107 38.28 31.52 -1.37
N ARG A 108 37.86 32.73 -1.81
CA ARG A 108 37.70 33.94 -0.99
C ARG A 108 36.20 34.20 -0.73
N LEU A 109 35.90 35.18 0.16
CA LEU A 109 34.54 35.61 0.49
C LEU A 109 33.76 36.06 -0.76
N LEU A 110 32.48 35.65 -0.81
CA LEU A 110 31.54 36.06 -1.86
C LEU A 110 30.57 37.12 -1.25
N ARG A 111 30.06 36.86 -0.02
CA ARG A 111 29.13 37.71 0.70
C ARG A 111 29.22 37.47 2.19
N GLY A 112 29.28 38.58 2.95
CA GLY A 112 29.30 38.57 4.40
C GLY A 112 27.98 39.04 4.98
N TYR A 113 27.58 38.44 6.11
CA TYR A 113 26.30 38.73 6.78
C TYR A 113 26.49 38.95 8.25
N ASP A 114 25.74 39.95 8.79
CA ASP A 114 25.72 40.35 10.21
C ASP A 114 24.41 41.10 10.42
N GLN A 115 23.35 40.34 10.60
CA GLN A 115 21.97 40.83 10.74
C GLN A 115 21.38 40.54 12.13
N SER A 116 20.44 41.40 12.57
CA SER A 116 19.69 41.21 13.82
C SER A 116 18.20 41.53 13.63
N ALA A 117 17.35 40.97 14.50
CA ALA A 117 15.90 41.25 14.56
C ALA A 117 15.48 41.27 16.00
N TYR A 118 14.67 42.27 16.36
CA TYR A 118 14.09 42.41 17.68
C TYR A 118 12.60 42.21 17.51
N ASP A 119 12.06 41.20 18.20
CA ASP A 119 10.65 40.83 18.12
C ASP A 119 10.23 40.53 16.67
N GLY A 120 11.08 39.80 15.98
CA GLY A 120 10.84 39.32 14.64
C GLY A 120 10.92 40.32 13.52
N LYS A 121 11.44 41.54 13.80
CA LYS A 121 11.57 42.63 12.82
C LYS A 121 13.03 43.07 12.75
N ASP A 122 13.54 43.35 11.54
CA ASP A 122 14.92 43.78 11.33
C ASP A 122 15.26 44.92 12.27
N TYR A 123 16.40 44.77 12.94
CA TYR A 123 16.85 45.74 13.91
C TYR A 123 18.00 46.54 13.27
N ILE A 124 19.19 45.93 13.15
CA ILE A 124 20.34 46.57 12.51
C ILE A 124 21.14 45.51 11.75
N ALA A 125 21.57 45.83 10.53
CA ALA A 125 22.35 44.92 9.72
C ALA A 125 23.61 45.56 9.16
N LEU A 126 24.65 44.77 8.93
CA LEU A 126 25.88 45.21 8.31
C LEU A 126 25.62 45.16 6.80
N ASN A 127 25.94 46.26 6.08
CA ASN A 127 25.73 46.33 4.63
C ASN A 127 26.69 45.40 3.86
N GLU A 128 26.35 45.04 2.62
CA GLU A 128 27.15 44.15 1.75
C GLU A 128 28.62 44.63 1.64
N ASP A 129 28.87 45.97 1.71
CA ASP A 129 30.21 46.59 1.67
C ASP A 129 31.06 46.29 2.95
N LEU A 130 30.42 45.84 4.05
CA LEU A 130 31.01 45.48 5.34
C LEU A 130 31.70 46.67 6.00
N ARG A 131 31.32 47.89 5.58
CA ARG A 131 31.87 49.16 6.10
C ARG A 131 30.80 50.05 6.77
N SER A 132 29.51 49.70 6.62
CA SER A 132 28.39 50.50 7.13
C SER A 132 27.22 49.65 7.59
N TRP A 133 26.27 50.33 8.25
CA TRP A 133 25.09 49.73 8.84
C TRP A 133 23.76 50.26 8.32
N THR A 134 22.73 49.40 8.35
CA THR A 134 21.35 49.71 8.05
C THR A 134 20.56 49.54 9.32
N ALA A 135 20.12 50.66 9.94
CA ALA A 135 19.32 50.70 11.17
C ALA A 135 17.91 50.84 10.70
N ALA A 136 17.06 49.85 11.02
CA ALA A 136 15.68 49.80 10.52
C ALA A 136 14.70 50.83 11.15
N ASP A 137 15.04 51.39 12.34
CA ASP A 137 14.18 52.34 13.03
C ASP A 137 14.92 53.33 13.95
N THR A 138 14.19 54.18 14.69
CA THR A 138 14.69 55.14 15.67
C THR A 138 15.58 54.45 16.79
N ALA A 139 15.14 53.30 17.37
CA ALA A 139 15.95 52.59 18.37
C ALA A 139 17.29 52.12 17.81
N ALA A 140 17.28 51.47 16.62
CA ALA A 140 18.48 50.91 15.97
C ALA A 140 19.55 51.97 15.62
N GLN A 141 19.10 53.20 15.38
CA GLN A 141 19.89 54.39 15.17
C GLN A 141 20.75 54.67 16.45
N ILE A 142 20.26 54.38 17.67
CA ILE A 142 21.04 54.51 18.92
C ILE A 142 22.26 53.52 18.92
N THR A 143 22.00 52.24 18.55
CA THR A 143 23.03 51.20 18.48
C THR A 143 24.06 51.64 17.48
N GLN A 144 23.59 51.98 16.26
CA GLN A 144 24.45 52.47 15.17
C GLN A 144 25.36 53.65 15.64
N ARG A 145 24.86 54.60 16.50
CA ARG A 145 25.71 55.73 16.98
C ARG A 145 26.87 55.18 17.79
N LYS A 146 26.58 54.14 18.59
CA LYS A 146 27.51 53.45 19.46
C LYS A 146 28.57 52.72 18.63
N TRP A 147 28.10 51.94 17.64
CA TRP A 147 28.92 51.13 16.74
C TRP A 147 29.78 51.93 15.78
N GLU A 148 29.36 53.14 15.39
CA GLU A 148 30.11 54.00 14.51
C GLU A 148 31.28 54.57 15.33
N ALA A 149 31.06 54.91 16.60
CA ALA A 149 32.10 55.47 17.50
C ALA A 149 33.12 54.41 17.87
N ALA A 150 32.64 53.20 18.25
CA ALA A 150 33.43 52.03 18.62
C ALA A 150 34.14 51.43 17.41
N ARG A 151 33.72 51.85 16.20
CA ARG A 151 34.24 51.39 14.93
C ARG A 151 34.11 49.86 14.81
N GLU A 152 32.89 49.33 15.13
CA GLU A 152 32.57 47.90 15.13
C GLU A 152 32.66 47.20 13.80
N ALA A 153 32.40 47.89 12.70
CA ALA A 153 32.44 47.25 11.38
C ALA A 153 33.85 46.70 11.04
N GLU A 154 34.91 47.35 11.57
CA GLU A 154 36.30 46.94 11.38
C GLU A 154 36.50 45.49 11.79
N GLN A 155 36.06 45.15 13.00
CA GLN A 155 36.15 43.81 13.60
C GLN A 155 35.45 42.79 12.74
N TRP A 156 34.22 43.13 12.32
CA TRP A 156 33.34 42.29 11.53
C TRP A 156 33.84 42.02 10.12
N ARG A 157 34.26 43.09 9.41
CA ARG A 157 34.85 43.01 8.07
C ARG A 157 36.02 42.04 8.15
N ALA A 158 36.88 42.18 9.18
CA ALA A 158 38.04 41.32 9.38
C ALA A 158 37.65 39.86 9.63
N TYR A 159 36.57 39.64 10.42
CA TYR A 159 36.10 38.28 10.70
C TYR A 159 35.53 37.62 9.45
N LEU A 160 34.55 38.27 8.81
CA LEU A 160 33.83 37.75 7.65
C LEU A 160 34.71 37.51 6.46
N GLU A 161 35.70 38.39 6.19
CA GLU A 161 36.64 38.26 5.08
C GLU A 161 37.72 37.23 5.35
N GLY A 162 38.24 37.23 6.56
CA GLY A 162 39.32 36.34 6.99
C GLY A 162 38.88 35.10 7.72
N THR A 163 38.76 35.20 9.04
CA THR A 163 38.43 34.11 9.95
C THR A 163 37.26 33.21 9.48
N CYS A 164 36.09 33.78 9.20
CA CYS A 164 34.90 33.03 8.77
C CYS A 164 35.22 32.08 7.58
N VAL A 165 35.81 32.64 6.51
CA VAL A 165 36.16 31.95 5.28
C VAL A 165 37.13 30.79 5.55
N GLU A 166 38.14 31.02 6.40
CA GLU A 166 39.12 30.00 6.72
C GLU A 166 38.51 28.83 7.51
N TRP A 167 37.57 29.12 8.41
CA TRP A 167 36.92 28.01 9.11
C TRP A 167 36.03 27.19 8.17
N LEU A 168 35.22 27.87 7.35
CA LEU A 168 34.34 27.21 6.40
C LEU A 168 35.18 26.31 5.48
N ARG A 169 36.31 26.81 4.97
CA ARG A 169 37.21 26.05 4.09
C ARG A 169 37.72 24.80 4.83
N ARG A 170 38.09 24.96 6.12
CA ARG A 170 38.55 23.88 7.00
C ARG A 170 37.43 22.85 7.20
N TYR A 171 36.24 23.28 7.75
CA TYR A 171 35.07 22.43 7.95
C TYR A 171 34.68 21.72 6.68
N LEU A 172 34.71 22.43 5.50
CA LEU A 172 34.40 21.82 4.18
C LEU A 172 35.39 20.73 3.82
N GLU A 173 36.63 20.81 4.29
CA GLU A 173 37.65 19.82 4.00
C GLU A 173 37.46 18.62 4.95
N ASN A 174 37.32 18.90 6.25
CA ASN A 174 37.12 17.87 7.28
C ASN A 174 35.90 16.95 6.97
N GLY A 175 34.83 17.52 6.41
CA GLY A 175 33.63 16.79 6.05
C GLY A 175 33.32 16.77 4.57
N LYS A 176 34.35 16.74 3.70
CA LYS A 176 34.16 16.77 2.25
C LYS A 176 33.31 15.63 1.72
N GLU A 177 33.38 14.45 2.35
CA GLU A 177 32.62 13.24 1.98
C GLU A 177 31.13 13.37 2.20
N THR A 178 30.71 14.35 3.00
CA THR A 178 29.32 14.60 3.38
C THR A 178 28.83 15.98 2.86
N LEU A 179 29.60 17.04 3.15
CA LEU A 179 29.30 18.43 2.80
C LEU A 179 29.48 18.80 1.33
N GLN A 180 30.39 18.11 0.60
CA GLN A 180 30.68 18.44 -0.79
C GLN A 180 30.19 17.38 -1.76
N ARG A 181 29.37 16.42 -1.27
CA ARG A 181 28.71 15.36 -2.05
C ARG A 181 27.22 15.62 -1.92
N ALA A 182 26.55 15.94 -3.01
CA ALA A 182 25.10 16.13 -2.96
C ALA A 182 24.43 14.77 -3.09
N GLU A 183 23.27 14.58 -2.45
CA GLU A 183 22.53 13.32 -2.55
C GLU A 183 21.26 13.59 -3.36
N HIS A 184 21.15 12.96 -4.53
CA HIS A 184 20.01 13.15 -5.43
C HIS A 184 18.70 12.69 -4.79
N PRO A 185 17.55 13.30 -5.09
CA PRO A 185 16.29 12.81 -4.50
C PRO A 185 15.84 11.48 -5.10
N LYS A 186 15.26 10.63 -4.24
CA LYS A 186 14.68 9.35 -4.67
C LYS A 186 13.22 9.73 -4.91
N THR A 187 12.78 9.57 -6.17
CA THR A 187 11.49 10.03 -6.67
C THR A 187 10.57 8.92 -7.11
N HIS A 188 9.25 9.13 -6.88
CA HIS A 188 8.19 8.23 -7.29
C HIS A 188 6.88 8.97 -7.27
N VAL A 189 5.87 8.43 -7.95
CA VAL A 189 4.53 9.00 -8.04
C VAL A 189 3.52 8.06 -7.37
N THR A 190 2.62 8.61 -6.53
CA THR A 190 1.52 7.84 -5.92
C THR A 190 0.19 8.39 -6.43
N HIS A 191 -0.81 7.56 -6.40
CA HIS A 191 -2.14 7.86 -6.91
C HIS A 191 -3.18 7.59 -5.82
N HIS A 192 -3.99 8.60 -5.53
CA HIS A 192 -5.02 8.53 -4.48
C HIS A 192 -6.38 9.04 -4.98
N PRO A 193 -7.30 8.13 -5.39
CA PRO A 193 -8.63 8.57 -5.84
C PRO A 193 -9.37 9.45 -4.81
N VAL A 194 -10.04 10.50 -5.30
CA VAL A 194 -10.77 11.48 -4.49
C VAL A 194 -12.28 11.26 -4.68
N SER A 195 -12.66 10.79 -5.85
CA SER A 195 -14.04 10.53 -6.22
C SER A 195 -14.01 9.48 -7.34
N ASP A 196 -15.15 9.16 -7.92
CA ASP A 196 -15.22 8.21 -9.03
C ASP A 196 -14.69 8.84 -10.34
N HIS A 197 -14.48 10.19 -10.36
CA HIS A 197 -14.09 10.93 -11.54
C HIS A 197 -12.75 11.72 -11.42
N GLU A 198 -12.18 11.81 -10.21
CA GLU A 198 -10.89 12.48 -9.98
C GLU A 198 -9.96 11.67 -9.12
N ALA A 199 -8.67 12.00 -9.15
CA ALA A 199 -7.62 11.34 -8.36
C ALA A 199 -6.49 12.31 -8.10
N THR A 200 -5.87 12.21 -6.91
CA THR A 200 -4.68 13.00 -6.59
C THR A 200 -3.44 12.24 -7.06
N LEU A 201 -2.57 12.91 -7.84
CA LEU A 201 -1.29 12.36 -8.25
C LEU A 201 -0.28 13.11 -7.41
N ARG A 202 0.50 12.38 -6.60
CA ARG A 202 1.49 13.00 -5.74
C ARG A 202 2.88 12.56 -6.17
N CYS A 203 3.72 13.53 -6.49
CA CYS A 203 5.10 13.37 -6.87
C CYS A 203 5.96 13.51 -5.65
N TRP A 204 6.78 12.50 -5.31
CA TRP A 204 7.64 12.53 -4.13
C TRP A 204 9.10 12.68 -4.43
N ALA A 205 9.81 13.44 -3.60
CA ALA A 205 11.26 13.61 -3.66
C ALA A 205 11.73 13.35 -2.24
N LEU A 206 12.48 12.28 -2.05
CA LEU A 206 12.93 11.88 -0.73
C LEU A 206 14.43 11.71 -0.59
N GLY A 207 14.94 11.87 0.64
CA GLY A 207 16.32 11.61 1.02
C GLY A 207 17.37 12.35 0.25
N PHE A 208 17.09 13.65 -0.04
CA PHE A 208 18.00 14.53 -0.78
C PHE A 208 18.70 15.50 0.13
N TYR A 209 19.91 15.87 -0.28
CA TYR A 209 20.74 16.85 0.37
C TYR A 209 21.53 17.58 -0.73
N PRO A 210 21.58 18.95 -0.79
CA PRO A 210 20.96 19.91 0.15
C PRO A 210 19.48 20.08 -0.08
N ALA A 211 18.84 20.93 0.72
CA ALA A 211 17.41 21.14 0.71
C ALA A 211 16.86 21.74 -0.57
N GLU A 212 17.63 22.62 -1.28
CA GLU A 212 17.16 23.29 -2.51
C GLU A 212 16.75 22.29 -3.57
N ILE A 213 15.50 22.39 -4.00
CA ILE A 213 14.86 21.49 -4.98
C ILE A 213 13.70 22.19 -5.69
N THR A 214 13.32 21.71 -6.89
CA THR A 214 12.21 22.22 -7.69
C THR A 214 11.41 21.02 -8.15
N LEU A 215 10.17 20.93 -7.67
CA LEU A 215 9.18 19.92 -7.99
C LEU A 215 8.03 20.67 -8.68
N THR A 216 7.70 20.31 -9.92
CA THR A 216 6.60 20.91 -10.68
C THR A 216 5.81 19.82 -11.40
N TRP A 217 4.53 20.06 -11.64
CA TRP A 217 3.65 19.19 -12.39
C TRP A 217 3.27 19.98 -13.66
N GLN A 218 3.24 19.27 -14.78
CA GLN A 218 2.84 19.83 -16.07
C GLN A 218 1.74 18.98 -16.65
N ARG A 219 0.72 19.60 -17.28
CA ARG A 219 -0.35 18.88 -17.99
C ARG A 219 -0.21 19.22 -19.46
N ASP A 220 0.22 18.25 -20.29
CA ASP A 220 0.49 18.45 -21.72
C ASP A 220 1.56 19.51 -21.90
N GLY A 221 2.53 19.52 -20.99
CA GLY A 221 3.65 20.44 -21.03
C GLY A 221 3.36 21.82 -20.51
N GLU A 222 2.12 22.06 -20.05
CA GLU A 222 1.69 23.34 -19.51
C GLU A 222 1.79 23.30 -18.01
N ASP A 223 2.56 24.21 -17.44
CA ASP A 223 2.80 24.27 -16.00
C ASP A 223 1.50 24.43 -15.25
N GLN A 224 1.27 23.57 -14.26
CA GLN A 224 0.09 23.55 -13.43
C GLN A 224 0.38 24.22 -12.09
N THR A 225 1.06 25.34 -12.11
CA THR A 225 1.50 26.00 -10.89
C THR A 225 0.31 26.46 -10.00
N GLN A 226 -0.73 27.05 -10.57
CA GLN A 226 -1.94 27.47 -9.83
C GLN A 226 -2.74 26.26 -9.22
N ASP A 227 -2.59 25.04 -9.78
CA ASP A 227 -3.35 23.85 -9.35
C ASP A 227 -2.57 22.82 -8.57
N THR A 228 -1.31 23.14 -8.22
CA THR A 228 -0.42 22.24 -7.49
C THR A 228 -0.33 22.61 -6.03
N GLU A 229 -0.56 21.61 -5.17
CA GLU A 229 -0.33 21.68 -3.74
C GLU A 229 1.13 21.25 -3.62
N LEU A 230 1.95 22.15 -3.11
CA LEU A 230 3.38 21.96 -2.98
C LEU A 230 3.71 22.23 -1.51
N VAL A 231 4.03 21.18 -0.76
CA VAL A 231 4.38 21.29 0.65
C VAL A 231 5.76 21.94 0.78
N GLU A 232 6.06 22.58 1.94
CA GLU A 232 7.39 23.10 2.18
C GLU A 232 8.40 21.95 2.35
N THR A 233 9.66 22.17 1.89
CA THR A 233 10.75 21.21 2.06
C THR A 233 10.92 20.99 3.58
N ARG A 234 10.83 19.73 3.97
CA ARG A 234 10.85 19.33 5.38
C ARG A 234 12.02 18.40 5.71
N PRO A 235 12.58 18.48 6.94
CA PRO A 235 13.64 17.53 7.32
C PRO A 235 13.11 16.12 7.58
N ALA A 236 13.81 15.10 7.05
CA ALA A 236 13.47 13.68 7.30
C ALA A 236 13.87 13.31 8.73
N GLY A 237 14.83 14.05 9.29
CA GLY A 237 15.33 13.84 10.65
C GLY A 237 16.71 13.22 10.71
N ASP A 238 17.20 12.80 9.55
CA ASP A 238 18.48 12.07 9.39
C ASP A 238 19.50 12.84 8.55
N GLY A 239 19.27 14.15 8.39
CA GLY A 239 20.14 15.03 7.64
C GLY A 239 19.73 15.20 6.20
N THR A 240 18.75 14.41 5.75
CA THR A 240 18.19 14.50 4.39
C THR A 240 16.82 15.20 4.43
N PHE A 241 16.35 15.62 3.25
CA PHE A 241 15.09 16.35 3.12
C PHE A 241 14.04 15.63 2.30
N GLN A 242 12.78 16.07 2.41
CA GLN A 242 11.61 15.55 1.71
C GLN A 242 10.77 16.70 1.17
N LYS A 243 10.07 16.43 0.07
CA LYS A 243 9.13 17.36 -0.56
C LYS A 243 8.20 16.54 -1.45
N TRP A 244 6.99 17.07 -1.66
CA TRP A 244 5.99 16.51 -2.57
C TRP A 244 5.12 17.60 -3.20
N ALA A 245 4.71 17.37 -4.45
CA ALA A 245 3.84 18.21 -5.24
C ALA A 245 2.69 17.32 -5.65
N ALA A 246 1.45 17.72 -5.35
CA ALA A 246 0.24 16.99 -5.70
C ALA A 246 -0.66 17.81 -6.58
N VAL A 247 -1.33 17.12 -7.51
CA VAL A 247 -2.27 17.71 -8.44
C VAL A 247 -3.51 16.77 -8.54
N VAL A 248 -4.72 17.37 -8.61
CA VAL A 248 -5.97 16.61 -8.72
C VAL A 248 -6.28 16.50 -10.21
N VAL A 249 -6.25 15.27 -10.71
CA VAL A 249 -6.42 15.00 -12.12
C VAL A 249 -7.71 14.27 -12.46
N PRO A 250 -8.36 14.54 -13.62
CA PRO A 250 -9.54 13.73 -14.01
C PRO A 250 -9.09 12.28 -14.24
N SER A 251 -9.83 11.29 -13.74
CA SER A 251 -9.51 9.86 -13.89
C SER A 251 -9.48 9.49 -15.37
N GLY A 252 -8.39 8.83 -15.77
CA GLY A 252 -8.16 8.42 -17.14
C GLY A 252 -7.21 9.37 -17.87
N GLU A 253 -6.95 10.54 -17.28
CA GLU A 253 -6.09 11.54 -17.87
C GLU A 253 -4.71 11.62 -17.24
N GLU A 254 -4.35 10.67 -16.37
CA GLU A 254 -3.07 10.62 -15.64
C GLU A 254 -1.84 10.72 -16.51
N GLN A 255 -1.85 10.13 -17.69
CA GLN A 255 -0.67 10.13 -18.56
C GLN A 255 -0.38 11.49 -19.18
N ARG A 256 -1.29 12.47 -19.02
CA ARG A 256 -1.16 13.83 -19.54
C ARG A 256 -0.37 14.68 -18.59
N TYR A 257 -0.11 14.12 -17.42
CA TYR A 257 0.60 14.77 -16.34
C TYR A 257 2.01 14.22 -16.19
N THR A 258 2.99 15.12 -15.97
CA THR A 258 4.41 14.80 -15.78
C THR A 258 4.95 15.62 -14.67
N CYS A 259 5.68 14.98 -13.79
CA CYS A 259 6.36 15.62 -12.69
C CYS A 259 7.77 15.88 -13.07
N HIS A 260 8.29 17.07 -12.72
CA HIS A 260 9.63 17.51 -13.09
C HIS A 260 10.43 17.83 -11.86
N VAL A 261 11.58 17.14 -11.72
CA VAL A 261 12.47 17.31 -10.57
C VAL A 261 13.79 17.93 -10.98
N GLN A 262 14.21 18.96 -10.25
CA GLN A 262 15.49 19.65 -10.42
C GLN A 262 16.19 19.65 -9.06
N HIS A 263 17.43 19.12 -9.04
CA HIS A 263 18.27 19.01 -7.85
C HIS A 263 19.72 18.91 -8.27
N GLU A 264 20.61 19.54 -7.47
CA GLU A 264 22.08 19.61 -7.60
C GLU A 264 22.69 18.18 -7.83
N GLY A 265 22.15 17.19 -7.12
CA GLY A 265 22.55 15.80 -7.17
C GLY A 265 22.16 15.03 -8.41
N LEU A 266 21.25 15.61 -9.23
CA LEU A 266 20.77 15.00 -10.47
C LEU A 266 21.57 15.48 -11.67
N PRO A 267 22.12 14.52 -12.48
CA PRO A 267 22.92 14.89 -13.65
C PRO A 267 22.11 15.65 -14.72
N GLU A 268 20.85 15.25 -14.89
CA GLU A 268 19.90 15.86 -15.80
C GLU A 268 18.57 15.96 -15.01
N PRO A 269 17.67 16.95 -15.28
CA PRO A 269 16.37 16.96 -14.61
C PRO A 269 15.54 15.72 -14.99
N LEU A 270 14.72 15.26 -14.06
CA LEU A 270 13.87 14.07 -14.22
C LEU A 270 12.52 14.47 -14.68
N THR A 271 11.84 13.54 -15.34
CA THR A 271 10.46 13.65 -15.75
C THR A 271 9.83 12.34 -15.34
N LEU A 272 8.86 12.39 -14.45
CA LEU A 272 8.19 11.19 -13.98
C LEU A 272 6.73 11.21 -14.39
N ARG A 273 6.21 10.03 -14.74
CA ARG A 273 4.82 9.82 -15.12
C ARG A 273 4.32 8.64 -14.25
N TRP A 274 3.02 8.68 -13.91
CA TRP A 274 2.37 7.66 -13.07
C TRP A 274 2.41 6.31 -13.82
N MET B 1 6.90 44.32 16.92
CA MET B 1 6.38 43.14 17.61
C MET B 1 5.48 42.29 16.68
N ILE B 2 6.14 41.63 15.66
CA ILE B 2 5.45 40.81 14.66
C ILE B 2 5.06 39.46 15.26
N GLN B 3 4.00 38.87 14.75
CA GLN B 3 3.47 37.59 15.20
C GLN B 3 3.21 36.78 13.95
N ARG B 4 3.80 35.56 13.88
CA ARG B 4 3.62 34.70 12.72
C ARG B 4 3.07 33.34 13.12
N THR B 5 2.05 32.85 12.36
CA THR B 5 1.37 31.57 12.56
C THR B 5 2.25 30.34 12.19
N PRO B 6 2.33 29.28 13.05
CA PRO B 6 3.10 28.11 12.66
C PRO B 6 2.45 27.33 11.53
N LYS B 7 3.30 26.81 10.62
CA LYS B 7 2.91 25.91 9.55
C LYS B 7 3.25 24.56 10.15
N ILE B 8 2.37 23.57 10.01
CA ILE B 8 2.54 22.23 10.63
C ILE B 8 2.52 21.14 9.56
N GLN B 9 3.42 20.16 9.69
CA GLN B 9 3.49 18.98 8.81
C GLN B 9 3.77 17.77 9.66
N VAL B 10 2.86 16.76 9.60
CA VAL B 10 3.09 15.53 10.35
C VAL B 10 3.24 14.39 9.34
N TYR B 11 4.41 13.77 9.37
CA TYR B 11 4.84 12.77 8.39
C TYR B 11 5.85 11.80 9.05
N SER B 12 6.26 10.76 8.30
CA SER B 12 7.21 9.76 8.74
C SER B 12 8.55 9.96 8.02
N ARG B 13 9.66 9.56 8.63
CA ARG B 13 10.99 9.67 8.03
C ARG B 13 11.07 8.82 6.74
N HIS B 14 10.55 7.57 6.83
CA HIS B 14 10.54 6.60 5.73
C HIS B 14 9.12 6.29 5.34
N PRO B 15 8.82 5.87 4.08
CA PRO B 15 7.44 5.49 3.75
C PRO B 15 6.95 4.37 4.68
N ALA B 16 5.75 4.59 5.22
CA ALA B 16 5.09 3.73 6.19
C ALA B 16 4.85 2.33 5.67
N GLU B 17 5.24 1.35 6.49
CA GLU B 17 5.04 -0.09 6.30
C GLU B 17 4.56 -0.58 7.64
N ASN B 18 3.39 -1.24 7.67
CA ASN B 18 2.77 -1.74 8.89
C ASN B 18 3.65 -2.78 9.54
N GLY B 19 3.95 -2.57 10.81
CA GLY B 19 4.77 -3.51 11.55
C GLY B 19 6.26 -3.24 11.49
N LYS B 20 6.67 -2.14 10.81
CA LYS B 20 8.07 -1.78 10.67
C LYS B 20 8.39 -0.48 11.39
N SER B 21 9.46 -0.51 12.22
CA SER B 21 9.85 0.66 12.99
C SER B 21 10.27 1.79 12.01
N ASN B 22 9.88 3.01 12.37
CA ASN B 22 10.08 4.21 11.59
C ASN B 22 10.11 5.38 12.61
N PHE B 23 10.09 6.61 12.12
CA PHE B 23 10.09 7.80 12.96
C PHE B 23 8.94 8.70 12.60
N LEU B 24 8.20 9.20 13.60
CA LEU B 24 7.06 10.11 13.45
C LEU B 24 7.58 11.52 13.68
N ASN B 25 7.37 12.41 12.71
CA ASN B 25 7.84 13.78 12.74
C ASN B 25 6.72 14.76 12.73
N CYS B 26 6.92 15.87 13.44
CA CYS B 26 6.04 17.03 13.39
C CYS B 26 6.93 18.21 13.19
N TYR B 27 6.85 18.78 12.00
CA TYR B 27 7.67 19.90 11.65
C TYR B 27 6.81 21.14 11.72
N VAL B 28 7.12 21.99 12.70
CA VAL B 28 6.51 23.31 12.91
C VAL B 28 7.51 24.38 12.43
N SER B 29 7.07 25.22 11.50
CA SER B 29 7.91 26.26 10.95
C SER B 29 7.14 27.57 10.76
N GLY B 30 7.88 28.61 10.41
CA GLY B 30 7.37 29.92 10.10
C GLY B 30 6.69 30.69 11.23
N PHE B 31 6.82 30.24 12.50
CA PHE B 31 6.22 30.89 13.66
C PHE B 31 7.10 31.96 14.31
N HIS B 32 6.49 32.87 15.07
CA HIS B 32 7.11 33.96 15.87
C HIS B 32 6.04 34.50 16.81
N PRO B 33 6.28 34.57 18.15
CA PRO B 33 7.52 34.30 18.90
C PRO B 33 7.86 32.80 19.01
N SER B 34 9.00 32.47 19.64
CA SER B 34 9.53 31.13 19.71
C SER B 34 8.76 30.14 20.63
N ASP B 35 8.00 30.64 21.63
CA ASP B 35 7.22 29.77 22.54
C ASP B 35 6.16 29.05 21.74
N ILE B 36 6.26 27.74 21.72
CA ILE B 36 5.34 26.86 21.02
C ILE B 36 5.21 25.59 21.85
N GLU B 37 4.00 24.98 21.79
CA GLU B 37 3.61 23.78 22.52
C GLU B 37 3.32 22.73 21.47
N VAL B 38 4.18 21.68 21.37
CA VAL B 38 4.01 20.63 20.37
C VAL B 38 3.96 19.25 21.02
N ASP B 39 2.89 18.49 20.73
CA ASP B 39 2.72 17.12 21.24
C ASP B 39 2.42 16.16 20.10
N LEU B 40 3.05 14.95 20.15
CA LEU B 40 2.75 13.89 19.20
C LEU B 40 1.77 12.99 19.93
N LEU B 41 0.64 12.68 19.30
CA LEU B 41 -0.38 11.87 19.94
C LEU B 41 -0.54 10.50 19.27
N LYS B 42 -0.91 9.50 20.05
CA LYS B 42 -1.23 8.16 19.60
C LYS B 42 -2.59 7.88 20.22
N ASN B 43 -3.61 7.83 19.36
CA ASN B 43 -5.01 7.61 19.72
C ASN B 43 -5.49 8.64 20.74
N GLY B 44 -5.17 9.90 20.46
CA GLY B 44 -5.52 11.05 21.29
C GLY B 44 -4.70 11.26 22.54
N GLU B 45 -3.87 10.27 22.89
CA GLU B 45 -3.04 10.33 24.12
C GLU B 45 -1.64 10.78 23.75
N ARG B 46 -1.08 11.71 24.55
CA ARG B 46 0.26 12.27 24.35
C ARG B 46 1.34 11.19 24.42
N ILE B 47 2.25 11.16 23.44
CA ILE B 47 3.39 10.22 23.41
C ILE B 47 4.43 10.83 24.32
N GLU B 48 4.94 10.03 25.25
CA GLU B 48 5.89 10.48 26.26
C GLU B 48 7.31 10.76 25.77
N LYS B 49 8.00 9.77 25.16
CA LYS B 49 9.40 9.90 24.73
C LYS B 49 9.55 10.63 23.39
N VAL B 50 9.30 11.95 23.39
CA VAL B 50 9.41 12.77 22.19
C VAL B 50 10.58 13.71 22.32
N GLU B 51 11.47 13.71 21.33
CA GLU B 51 12.64 14.58 21.29
C GLU B 51 12.38 15.70 20.27
N HIS B 52 13.11 16.80 20.37
CA HIS B 52 12.96 17.88 19.42
C HIS B 52 14.30 18.48 19.01
N SER B 53 14.33 19.14 17.84
CA SER B 53 15.51 19.80 17.32
C SER B 53 15.82 21.04 18.15
N ASP B 54 16.98 21.65 17.89
CA ASP B 54 17.43 22.83 18.57
C ASP B 54 16.82 24.01 17.85
N LEU B 55 16.24 24.95 18.60
CA LEU B 55 15.60 26.11 18.01
C LEU B 55 16.53 26.84 17.07
N SER B 56 16.05 26.99 15.83
CA SER B 56 16.72 27.66 14.75
C SER B 56 15.65 28.50 14.01
N PHE B 57 16.05 29.26 12.99
CA PHE B 57 15.15 30.11 12.27
C PHE B 57 15.62 30.32 10.85
N SER B 58 14.71 30.80 10.00
CA SER B 58 14.88 31.06 8.58
C SER B 58 15.40 32.46 8.32
N LYS B 59 15.73 32.79 7.06
CA LYS B 59 16.21 34.10 6.63
C LYS B 59 15.27 35.23 7.09
N ASP B 60 13.94 34.97 7.07
CA ASP B 60 12.91 35.94 7.46
C ASP B 60 12.72 36.07 8.98
N TRP B 61 13.58 35.36 9.79
CA TRP B 61 13.61 35.36 11.28
C TRP B 61 12.60 34.42 11.94
N SER B 62 11.72 33.77 11.16
CA SER B 62 10.71 32.88 11.71
C SER B 62 11.33 31.59 12.18
N PHE B 63 10.87 31.07 13.29
CA PHE B 63 11.40 29.84 13.85
C PHE B 63 10.91 28.57 13.20
N TYR B 64 11.67 27.46 13.46
CA TYR B 64 11.36 26.11 13.04
C TYR B 64 11.91 25.09 14.02
N LEU B 65 11.12 24.02 14.27
CA LEU B 65 11.47 22.95 15.18
C LEU B 65 10.97 21.67 14.59
N LEU B 66 11.71 20.57 14.87
CA LEU B 66 11.27 19.26 14.45
C LEU B 66 11.12 18.45 15.70
N TYR B 67 9.89 17.95 15.97
CA TYR B 67 9.58 17.06 17.09
C TYR B 67 9.47 15.68 16.47
N TYR B 68 10.09 14.67 17.09
CA TYR B 68 10.11 13.30 16.55
C TYR B 68 10.13 12.18 17.61
N THR B 69 9.59 11.01 17.23
CA THR B 69 9.58 9.81 18.07
C THR B 69 9.68 8.53 17.24
N GLU B 70 10.31 7.48 17.76
CA GLU B 70 10.37 6.19 17.07
C GLU B 70 8.97 5.62 17.17
N PHE B 71 8.46 5.05 16.11
CA PHE B 71 7.14 4.44 16.17
C PHE B 71 7.03 3.27 15.19
N THR B 72 6.05 2.39 15.44
CA THR B 72 5.77 1.27 14.56
C THR B 72 4.34 1.44 14.13
N PRO B 73 4.09 1.96 12.92
CA PRO B 73 2.70 2.16 12.47
C PRO B 73 1.97 0.85 12.24
N THR B 74 0.68 0.83 12.57
CA THR B 74 -0.23 -0.29 12.37
C THR B 74 -1.53 0.24 11.76
N GLU B 75 -2.46 -0.65 11.37
CA GLU B 75 -3.71 -0.19 10.76
C GLU B 75 -4.62 0.48 11.82
N LYS B 76 -4.80 -0.18 12.98
CA LYS B 76 -5.63 0.33 14.08
C LYS B 76 -5.21 1.72 14.57
N ASP B 77 -3.91 1.89 14.93
CA ASP B 77 -3.31 3.10 15.49
C ASP B 77 -3.51 4.35 14.66
N GLU B 78 -3.83 5.47 15.38
CA GLU B 78 -4.09 6.80 14.84
C GLU B 78 -3.11 7.80 15.43
N TYR B 79 -2.25 8.35 14.60
CA TYR B 79 -1.24 9.31 15.04
C TYR B 79 -1.60 10.72 14.62
N ALA B 80 -1.12 11.70 15.40
CA ALA B 80 -1.45 13.11 15.19
C ALA B 80 -0.42 13.97 15.86
N CYS B 81 -0.48 15.26 15.54
CA CYS B 81 0.37 16.27 16.13
C CYS B 81 -0.53 17.41 16.60
N ARG B 82 -0.39 17.82 17.87
CA ARG B 82 -1.18 18.92 18.42
C ARG B 82 -0.27 20.12 18.70
N VAL B 83 -0.59 21.26 18.09
CA VAL B 83 0.22 22.49 18.21
C VAL B 83 -0.62 23.66 18.78
N ASN B 84 0.00 24.45 19.66
CA ASN B 84 -0.55 25.69 20.18
C ASN B 84 0.50 26.79 20.19
N HIS B 85 0.05 27.98 19.82
CA HIS B 85 0.85 29.18 19.68
C HIS B 85 -0.09 30.34 19.83
N VAL B 86 0.43 31.47 20.30
CA VAL B 86 -0.35 32.68 20.54
C VAL B 86 -1.09 33.18 19.29
N THR B 87 -0.60 32.87 18.08
CA THR B 87 -1.22 33.26 16.81
C THR B 87 -2.43 32.39 16.47
N LEU B 88 -2.47 31.14 16.96
CA LEU B 88 -3.58 30.25 16.73
C LEU B 88 -4.76 30.60 17.65
N SER B 89 -5.98 30.62 17.04
CA SER B 89 -7.28 30.86 17.64
C SER B 89 -7.57 29.79 18.68
N GLN B 90 -7.09 28.55 18.41
CA GLN B 90 -7.26 27.38 19.27
C GLN B 90 -6.20 26.35 18.89
N PRO B 91 -5.88 25.36 19.77
CA PRO B 91 -4.88 24.32 19.38
C PRO B 91 -5.23 23.59 18.12
N LYS B 92 -4.24 23.43 17.22
CA LYS B 92 -4.47 22.80 15.95
C LYS B 92 -3.98 21.37 16.01
N ILE B 93 -4.83 20.42 15.62
CA ILE B 93 -4.48 19.00 15.56
C ILE B 93 -4.45 18.56 14.09
N VAL B 94 -3.28 18.08 13.66
CA VAL B 94 -3.03 17.60 12.30
C VAL B 94 -2.82 16.10 12.38
N LYS B 95 -3.74 15.35 11.79
CA LYS B 95 -3.65 13.89 11.79
C LYS B 95 -2.51 13.40 10.87
N TRP B 96 -1.88 12.31 11.24
CA TRP B 96 -0.88 11.71 10.40
C TRP B 96 -1.62 10.84 9.34
N ASP B 97 -1.27 11.06 8.04
CA ASP B 97 -1.77 10.38 6.85
C ASP B 97 -0.51 9.83 6.18
N ARG B 98 -0.40 8.50 6.06
CA ARG B 98 0.78 7.87 5.48
C ARG B 98 1.05 8.28 4.03
N ASP B 99 0.01 8.77 3.32
CA ASP B 99 0.10 9.22 1.92
C ASP B 99 0.55 10.67 1.77
N MET B 100 0.98 11.33 2.88
CA MET B 100 1.39 12.75 2.91
C MET B 100 2.68 13.03 3.70
N SER C 2 27.66 -21.85 11.57
CA SER C 2 28.91 -22.46 11.15
C SER C 2 29.30 -21.99 9.75
N HIS C 3 30.52 -21.42 9.59
CA HIS C 3 30.98 -20.94 8.29
C HIS C 3 31.36 -22.11 7.42
N SER C 4 31.16 -21.97 6.10
CA SER C 4 31.44 -23.03 5.15
C SER C 4 31.98 -22.53 3.82
N MET C 5 32.69 -23.40 3.11
CA MET C 5 33.19 -23.15 1.77
C MET C 5 32.70 -24.31 0.92
N ARG C 6 32.02 -24.00 -0.19
CA ARG C 6 31.48 -25.01 -1.10
C ARG C 6 31.83 -24.71 -2.53
N TYR C 7 32.06 -25.77 -3.31
CA TYR C 7 32.27 -25.70 -4.75
C TYR C 7 31.14 -26.49 -5.40
N PHE C 8 30.54 -25.91 -6.45
CA PHE C 8 29.45 -26.51 -7.23
C PHE C 8 29.88 -26.62 -8.71
N ASP C 9 30.17 -27.83 -9.16
CA ASP C 9 30.61 -28.10 -10.53
C ASP C 9 29.52 -28.75 -11.28
N THR C 10 29.37 -28.37 -12.55
CA THR C 10 28.36 -28.92 -13.47
C THR C 10 28.99 -29.16 -14.84
N ALA C 11 28.94 -30.40 -15.31
CA ALA C 11 29.44 -30.83 -16.61
C ALA C 11 28.27 -31.48 -17.32
N VAL C 12 27.87 -30.88 -18.47
CA VAL C 12 26.72 -31.29 -19.28
C VAL C 12 27.17 -31.64 -20.70
N SER C 13 26.87 -32.84 -21.19
CA SER C 13 27.28 -33.20 -22.53
C SER C 13 26.30 -32.63 -23.52
N ARG C 14 26.77 -32.24 -24.71
CA ARG C 14 25.90 -31.63 -25.71
C ARG C 14 26.12 -32.38 -26.99
N PRO C 15 25.54 -33.61 -27.16
CA PRO C 15 25.74 -34.35 -28.42
C PRO C 15 25.41 -33.54 -29.67
N GLY C 16 26.37 -33.47 -30.58
CA GLY C 16 26.22 -32.76 -31.84
C GLY C 16 26.32 -31.26 -31.74
N ARG C 17 26.33 -30.71 -30.52
CA ARG C 17 26.42 -29.27 -30.29
C ARG C 17 27.75 -28.94 -29.59
N GLY C 18 28.82 -29.66 -29.93
CA GLY C 18 30.14 -29.42 -29.36
C GLY C 18 30.59 -30.27 -28.19
N GLU C 19 31.59 -29.76 -27.46
CA GLU C 19 32.22 -30.38 -26.30
C GLU C 19 31.37 -30.19 -25.07
N PRO C 20 31.42 -31.09 -24.08
CA PRO C 20 30.63 -30.85 -22.85
C PRO C 20 30.97 -29.53 -22.16
N ARG C 21 29.93 -28.84 -21.67
CA ARG C 21 30.12 -27.58 -20.97
C ARG C 21 30.43 -27.87 -19.54
N PHE C 22 31.44 -27.18 -19.01
CA PHE C 22 31.80 -27.26 -17.59
C PHE C 22 31.66 -25.87 -16.99
N ILE C 23 30.86 -25.75 -15.92
CA ILE C 23 30.60 -24.51 -15.19
C ILE C 23 30.82 -24.79 -13.72
N SER C 24 31.53 -23.91 -13.05
CA SER C 24 31.81 -24.07 -11.63
C SER C 24 31.65 -22.72 -10.90
N VAL C 25 31.08 -22.79 -9.70
CA VAL C 25 30.91 -21.65 -8.80
C VAL C 25 31.36 -22.06 -7.37
N GLY C 26 31.94 -21.10 -6.67
CA GLY C 26 32.48 -21.28 -5.33
C GLY C 26 31.84 -20.27 -4.41
N TYR C 27 31.53 -20.71 -3.20
CA TYR C 27 30.84 -19.90 -2.20
C TYR C 27 31.54 -20.01 -0.83
N VAL C 28 31.42 -18.97 -0.03
CA VAL C 28 31.79 -18.91 1.37
C VAL C 28 30.45 -18.51 1.92
N ASP C 29 29.77 -19.44 2.65
CA ASP C 29 28.40 -19.28 3.15
C ASP C 29 27.47 -19.08 1.96
N ASP C 30 26.72 -17.96 1.90
CA ASP C 30 25.80 -17.60 0.81
C ASP C 30 26.38 -16.49 -0.12
N THR C 31 27.72 -16.28 -0.03
CA THR C 31 28.46 -15.30 -0.83
C THR C 31 29.34 -15.98 -1.84
N GLN C 32 29.06 -15.71 -3.14
CA GLN C 32 29.82 -16.30 -4.23
C GLN C 32 31.10 -15.56 -4.35
N PHE C 33 32.18 -16.27 -4.61
CA PHE C 33 33.45 -15.57 -4.73
C PHE C 33 34.21 -15.90 -6.00
N VAL C 34 33.85 -16.97 -6.68
CA VAL C 34 34.52 -17.37 -7.92
C VAL C 34 33.50 -17.99 -8.88
N ARG C 35 33.89 -18.09 -10.14
CA ARG C 35 33.17 -18.74 -11.23
C ARG C 35 34.21 -19.14 -12.30
N PHE C 36 33.89 -20.16 -13.07
CA PHE C 36 34.60 -20.63 -14.25
C PHE C 36 33.51 -21.21 -15.17
N ASP C 37 33.55 -20.85 -16.46
CA ASP C 37 32.60 -21.36 -17.45
C ASP C 37 33.43 -21.66 -18.67
N SER C 38 33.43 -22.94 -19.11
CA SER C 38 34.20 -23.42 -20.25
C SER C 38 33.76 -22.78 -21.58
N ASP C 39 32.54 -22.21 -21.64
CA ASP C 39 31.99 -21.54 -22.81
C ASP C 39 32.33 -20.03 -22.95
N ALA C 40 33.01 -19.47 -21.93
CA ALA C 40 33.46 -18.08 -21.91
C ALA C 40 34.49 -17.89 -23.03
N ALA C 41 34.69 -16.62 -23.47
CA ALA C 41 35.62 -16.21 -24.53
C ALA C 41 37.03 -16.73 -24.25
N SER C 42 37.58 -16.37 -23.05
CA SER C 42 38.86 -16.84 -22.56
C SER C 42 38.54 -17.45 -21.20
N PRO C 43 38.18 -18.76 -21.15
CA PRO C 43 37.79 -19.36 -19.87
C PRO C 43 38.88 -19.29 -18.82
N ARG C 44 38.50 -18.70 -17.67
CA ARG C 44 39.35 -18.53 -16.49
C ARG C 44 38.55 -18.41 -15.26
N GLY C 45 39.25 -18.53 -14.14
CA GLY C 45 38.66 -18.37 -12.82
C GLY C 45 38.53 -16.88 -12.66
N GLU C 46 37.30 -16.42 -12.42
CA GLU C 46 37.03 -14.98 -12.27
C GLU C 46 36.57 -14.67 -10.87
N PRO C 47 37.08 -13.56 -10.25
CA PRO C 47 36.59 -13.19 -8.91
C PRO C 47 35.15 -12.69 -8.97
N ARG C 48 34.35 -13.02 -7.93
CA ARG C 48 32.95 -12.63 -7.82
C ARG C 48 32.65 -11.94 -6.50
N ALA C 49 33.69 -11.78 -5.68
CA ALA C 49 33.63 -11.11 -4.39
C ALA C 49 34.90 -10.26 -4.20
N PRO C 50 34.81 -9.08 -3.57
CA PRO C 50 36.00 -8.23 -3.41
C PRO C 50 37.14 -8.82 -2.62
N TRP C 51 36.86 -9.68 -1.63
CA TRP C 51 37.88 -10.26 -0.72
C TRP C 51 38.82 -11.32 -1.38
N VAL C 52 38.56 -11.75 -2.64
CA VAL C 52 39.46 -12.65 -3.39
C VAL C 52 40.20 -11.88 -4.50
N GLU C 53 39.71 -10.67 -4.83
CA GLU C 53 40.32 -9.81 -5.83
C GLU C 53 41.79 -9.46 -5.51
N GLN C 54 42.12 -9.29 -4.20
CA GLN C 54 43.46 -8.93 -3.74
C GLN C 54 44.40 -10.13 -3.59
N GLU C 55 43.96 -11.38 -3.96
CA GLU C 55 44.90 -12.54 -4.05
C GLU C 55 45.73 -12.23 -5.33
N GLY C 56 46.93 -12.73 -5.41
CA GLY C 56 47.73 -12.36 -6.58
C GLY C 56 47.37 -12.93 -7.94
N PRO C 57 48.05 -12.47 -9.05
CA PRO C 57 47.83 -13.11 -10.37
C PRO C 57 48.24 -14.58 -10.35
N GLU C 58 49.22 -14.96 -9.50
CA GLU C 58 49.72 -16.30 -9.29
C GLU C 58 48.61 -17.22 -8.75
N TYR C 59 47.76 -16.72 -7.82
CA TYR C 59 46.60 -17.43 -7.27
C TYR C 59 45.60 -17.72 -8.41
N TRP C 60 45.22 -16.67 -9.17
CA TRP C 60 44.23 -16.75 -10.24
C TRP C 60 44.68 -17.61 -11.42
N ASP C 61 45.98 -17.60 -11.76
CA ASP C 61 46.52 -18.46 -12.81
C ASP C 61 46.48 -19.92 -12.35
N ARG C 62 46.75 -20.16 -11.04
CA ARG C 62 46.73 -21.49 -10.42
C ARG C 62 45.29 -22.06 -10.38
N GLU C 63 44.30 -21.22 -10.00
CA GLU C 63 42.91 -21.64 -9.97
C GLU C 63 42.43 -21.92 -11.38
N THR C 64 42.80 -21.05 -12.35
CA THR C 64 42.43 -21.19 -13.76
C THR C 64 42.86 -22.54 -14.30
N GLN C 65 44.10 -22.91 -14.01
CA GLN C 65 44.66 -24.19 -14.41
C GLN C 65 43.91 -25.38 -13.78
N LYS C 66 43.52 -25.25 -12.52
CA LYS C 66 42.79 -26.34 -11.85
C LYS C 66 41.47 -26.58 -12.54
N TYR C 67 40.76 -25.48 -12.88
CA TYR C 67 39.49 -25.50 -13.58
C TYR C 67 39.64 -26.06 -15.01
N LYS C 68 40.58 -25.53 -15.80
CA LYS C 68 40.81 -25.98 -17.17
C LYS C 68 41.03 -27.51 -17.27
N ARG C 69 41.84 -28.06 -16.34
CA ARG C 69 42.17 -29.48 -16.27
C ARG C 69 40.98 -30.32 -15.81
N GLN C 70 40.22 -29.90 -14.77
CA GLN C 70 38.99 -30.60 -14.31
C GLN C 70 37.88 -30.56 -15.37
N ALA C 71 37.73 -29.45 -16.10
CA ALA C 71 36.75 -29.34 -17.20
C ALA C 71 37.06 -30.47 -18.22
N GLN C 72 38.35 -30.72 -18.48
CA GLN C 72 38.78 -31.76 -19.42
C GLN C 72 38.60 -33.18 -18.87
N ALA C 73 38.81 -33.32 -17.56
CA ALA C 73 38.66 -34.57 -16.83
C ALA C 73 37.22 -34.92 -16.79
N ASP C 74 36.30 -33.95 -16.54
CA ASP C 74 34.87 -34.25 -16.48
C ASP C 74 34.30 -34.65 -17.84
N ARG C 75 34.99 -34.26 -18.93
CA ARG C 75 34.60 -34.66 -20.26
C ARG C 75 34.82 -36.15 -20.42
N VAL C 76 35.91 -36.66 -19.82
CA VAL C 76 36.28 -38.08 -19.77
C VAL C 76 35.29 -38.77 -18.87
N ASN C 77 35.00 -38.17 -17.71
CA ASN C 77 34.07 -38.73 -16.71
C ASN C 77 32.69 -38.97 -17.30
N LEU C 78 32.17 -37.99 -18.09
CA LEU C 78 30.87 -38.12 -18.75
C LEU C 78 30.88 -39.29 -19.74
N ARG C 79 32.00 -39.52 -20.45
CA ARG C 79 32.08 -40.66 -21.37
C ARG C 79 32.12 -41.98 -20.54
N LYS C 80 32.93 -42.04 -19.41
CA LYS C 80 33.04 -43.22 -18.54
C LYS C 80 31.68 -43.64 -18.00
N LEU C 81 30.84 -42.68 -17.53
CA LEU C 81 29.54 -42.98 -16.96
C LEU C 81 28.58 -43.39 -17.99
N ARG C 82 28.68 -42.84 -19.20
CA ARG C 82 27.83 -43.24 -20.32
C ARG C 82 28.09 -44.75 -20.54
N GLY C 83 29.37 -45.12 -20.55
CA GLY C 83 29.79 -46.53 -20.65
C GLY C 83 29.31 -47.44 -19.51
N TYR C 84 29.40 -46.98 -18.23
CA TYR C 84 28.97 -47.70 -17.03
C TYR C 84 27.51 -48.03 -17.08
N TYR C 85 26.70 -47.06 -17.51
CA TYR C 85 25.24 -47.21 -17.58
C TYR C 85 24.79 -47.74 -18.93
N ASN C 86 25.74 -47.94 -19.87
CA ASN C 86 25.51 -48.42 -21.24
C ASN C 86 24.46 -47.55 -21.95
N GLN C 87 24.72 -46.22 -21.96
CA GLN C 87 23.82 -45.23 -22.55
C GLN C 87 24.22 -44.83 -23.95
N SER C 88 23.22 -44.41 -24.72
CA SER C 88 23.37 -43.98 -26.10
C SER C 88 24.16 -42.71 -26.17
N GLU C 89 24.90 -42.56 -27.25
CA GLU C 89 25.72 -41.40 -27.54
C GLU C 89 24.85 -40.13 -27.83
N ASP C 90 23.57 -40.32 -28.27
CA ASP C 90 22.56 -39.28 -28.65
C ASP C 90 22.14 -38.38 -27.49
N GLY C 91 22.20 -38.91 -26.28
CA GLY C 91 21.70 -38.19 -25.13
C GLY C 91 22.64 -37.25 -24.45
N SER C 92 22.07 -36.21 -23.83
CA SER C 92 22.73 -35.24 -22.99
C SER C 92 22.71 -35.76 -21.53
N HIS C 93 23.85 -35.72 -20.83
CA HIS C 93 23.91 -36.19 -19.44
C HIS C 93 24.57 -35.17 -18.54
N THR C 94 24.30 -35.22 -17.24
CA THR C 94 24.82 -34.25 -16.27
C THR C 94 25.61 -34.97 -15.15
N LEU C 95 26.74 -34.39 -14.77
CA LEU C 95 27.62 -34.85 -13.70
C LEU C 95 27.82 -33.63 -12.80
N GLN C 96 27.40 -33.69 -11.53
CA GLN C 96 27.55 -32.58 -10.60
C GLN C 96 28.43 -32.94 -9.44
N TRP C 97 29.37 -32.08 -9.11
CA TRP C 97 30.26 -32.29 -7.98
C TRP C 97 29.98 -31.20 -6.97
N MET C 98 30.00 -31.54 -5.70
CA MET C 98 29.73 -30.63 -4.58
CA MET C 98 29.84 -30.57 -4.63
C MET C 98 30.75 -30.98 -3.47
N TYR C 99 31.83 -30.20 -3.28
CA TYR C 99 32.78 -30.48 -2.22
C TYR C 99 33.08 -29.25 -1.34
N GLY C 100 33.49 -29.50 -0.11
CA GLY C 100 33.78 -28.40 0.81
C GLY C 100 33.91 -28.73 2.28
N CYS C 101 34.12 -27.69 3.08
CA CYS C 101 34.33 -27.81 4.51
C CYS C 101 33.49 -26.83 5.29
N ASP C 102 33.03 -27.27 6.48
CA ASP C 102 32.33 -26.48 7.47
C ASP C 102 33.37 -26.25 8.57
N LEU C 103 33.50 -25.00 9.03
CA LEU C 103 34.46 -24.61 10.07
C LEU C 103 33.85 -24.82 11.48
N GLY C 104 34.64 -25.41 12.37
CA GLY C 104 34.28 -25.68 13.75
C GLY C 104 34.67 -24.58 14.74
N PRO C 105 34.21 -24.66 16.01
CA PRO C 105 34.57 -23.61 16.97
C PRO C 105 36.07 -23.46 17.16
N ASP C 106 36.79 -24.61 17.25
CA ASP C 106 38.24 -24.74 17.46
C ASP C 106 39.14 -24.17 16.32
N GLY C 107 38.51 -23.73 15.22
CA GLY C 107 39.20 -23.18 14.06
C GLY C 107 39.62 -24.27 13.09
N ARG C 108 39.25 -25.54 13.41
CA ARG C 108 39.53 -26.76 12.64
C ARG C 108 38.24 -27.24 11.97
N LEU C 109 38.36 -28.26 11.11
CA LEU C 109 37.23 -28.85 10.38
C LEU C 109 36.13 -29.39 11.32
N LEU C 110 34.87 -29.17 10.89
CA LEU C 110 33.68 -29.64 11.59
C LEU C 110 33.09 -30.78 10.77
N ARG C 111 33.01 -30.58 9.42
CA ARG C 111 32.50 -31.56 8.46
C ARG C 111 33.10 -31.32 7.09
N GLY C 112 33.48 -32.42 6.43
CA GLY C 112 34.00 -32.43 5.07
C GLY C 112 33.00 -33.06 4.14
N TYR C 113 32.94 -32.52 2.91
CA TYR C 113 32.00 -32.95 1.86
C TYR C 113 32.70 -33.16 0.54
N ASP C 114 32.24 -34.20 -0.15
CA ASP C 114 32.68 -34.60 -1.49
C ASP C 114 31.59 -35.50 -2.04
N GLN C 115 30.66 -34.92 -2.78
CA GLN C 115 29.52 -35.70 -3.28
C GLN C 115 29.29 -35.48 -4.74
N SER C 116 28.74 -36.50 -5.41
CA SER C 116 28.44 -36.41 -6.82
C SER C 116 27.01 -36.86 -7.15
N ALA C 117 26.50 -36.41 -8.28
CA ALA C 117 25.21 -36.81 -8.82
C ALA C 117 25.36 -36.97 -10.33
N TYR C 118 24.83 -38.06 -10.84
CA TYR C 118 24.80 -38.32 -12.27
C TYR C 118 23.34 -38.29 -12.64
N ASP C 119 22.97 -37.36 -13.54
CA ASP C 119 21.61 -37.13 -14.00
C ASP C 119 20.68 -36.88 -12.84
N GLY C 120 21.14 -36.03 -11.92
CA GLY C 120 20.41 -35.57 -10.73
C GLY C 120 20.14 -36.57 -9.64
N LYS C 121 20.85 -37.70 -9.63
CA LYS C 121 20.73 -38.77 -8.63
C LYS C 121 22.11 -39.04 -8.02
N ASP C 122 22.18 -39.21 -6.68
CA ASP C 122 23.43 -39.49 -5.96
C ASP C 122 24.20 -40.59 -6.66
N TYR C 123 25.48 -40.31 -6.92
CA TYR C 123 26.36 -41.26 -7.59
C TYR C 123 27.30 -41.84 -6.54
N ILE C 124 28.30 -41.05 -6.05
CA ILE C 124 29.27 -41.50 -5.04
C ILE C 124 29.64 -40.34 -4.11
N ALA C 125 29.66 -40.61 -2.82
CA ALA C 125 29.98 -39.59 -1.82
C ALA C 125 31.02 -40.05 -0.81
N LEU C 126 31.85 -39.11 -0.32
CA LEU C 126 32.84 -39.41 0.70
C LEU C 126 32.09 -39.40 2.05
N ASN C 127 32.28 -40.44 2.88
CA ASN C 127 31.61 -40.56 4.17
C ASN C 127 32.15 -39.54 5.18
N GLU C 128 31.38 -39.24 6.26
CA GLU C 128 31.78 -38.23 7.26
C GLU C 128 33.19 -38.45 7.83
N ASP C 129 33.62 -39.74 8.01
CA ASP C 129 34.95 -40.15 8.50
C ASP C 129 36.10 -39.71 7.59
N LEU C 130 35.81 -39.53 6.27
CA LEU C 130 36.72 -39.08 5.21
C LEU C 130 37.75 -40.15 4.82
N ARG C 131 37.42 -41.43 5.11
CA ARG C 131 38.26 -42.61 4.83
C ARG C 131 37.53 -43.62 3.91
N SER C 132 36.24 -43.41 3.69
CA SER C 132 35.44 -44.33 2.88
C SER C 132 34.40 -43.65 2.01
N TRP C 133 33.83 -44.42 1.10
CA TRP C 133 32.84 -43.97 0.12
C TRP C 133 31.50 -44.70 0.21
N THR C 134 30.45 -43.97 -0.20
CA THR C 134 29.08 -44.49 -0.33
C THR C 134 28.74 -44.43 -1.82
N ALA C 135 28.70 -45.59 -2.47
CA ALA C 135 28.35 -45.75 -3.88
C ALA C 135 26.84 -46.05 -3.87
N ALA C 136 26.04 -45.20 -4.51
CA ALA C 136 24.59 -45.33 -4.54
C ALA C 136 24.04 -46.50 -5.40
N ASP C 137 24.83 -46.99 -6.38
CA ASP C 137 24.43 -48.09 -7.27
C ASP C 137 25.56 -48.96 -7.79
N THR C 138 25.25 -49.97 -8.61
CA THR C 138 26.23 -50.88 -9.22
C THR C 138 27.36 -50.15 -9.94
N ALA C 139 27.06 -49.06 -10.68
CA ALA C 139 28.07 -48.33 -11.45
C ALA C 139 29.06 -47.61 -10.57
N ALA C 140 28.56 -46.80 -9.60
CA ALA C 140 29.36 -46.05 -8.63
C ALA C 140 30.27 -46.97 -7.82
N GLN C 141 29.93 -48.26 -7.74
CA GLN C 141 30.69 -49.30 -7.08
C GLN C 141 31.98 -49.57 -7.88
N ILE C 142 31.92 -49.41 -9.23
CA ILE C 142 33.08 -49.52 -10.11
C ILE C 142 34.01 -48.35 -9.72
N THR C 143 33.47 -47.13 -9.45
CA THR C 143 34.28 -45.98 -9.03
C THR C 143 34.83 -46.15 -7.61
N GLN C 144 33.96 -46.55 -6.67
CA GLN C 144 34.35 -46.79 -5.28
C GLN C 144 35.56 -47.72 -5.22
N ARG C 145 35.56 -48.78 -6.07
CA ARG C 145 36.66 -49.72 -6.15
C ARG C 145 37.90 -49.13 -6.83
N LYS C 146 37.73 -48.32 -7.91
CA LYS C 146 38.83 -47.62 -8.60
C LYS C 146 39.56 -46.71 -7.60
N TRP C 147 38.79 -45.89 -6.87
CA TRP C 147 39.25 -44.95 -5.86
C TRP C 147 39.85 -45.59 -4.62
N GLU C 148 39.41 -46.81 -4.27
CA GLU C 148 40.00 -47.51 -3.12
C GLU C 148 41.39 -48.02 -3.50
N ALA C 149 41.55 -48.47 -4.76
CA ALA C 149 42.81 -48.99 -5.29
C ALA C 149 43.81 -47.86 -5.46
N ALA C 150 43.33 -46.74 -6.09
CA ALA C 150 44.10 -45.53 -6.36
C ALA C 150 44.47 -44.76 -5.09
N ARG C 151 43.91 -45.13 -3.92
CA ARG C 151 44.09 -44.44 -2.63
C ARG C 151 43.67 -42.96 -2.75
N GLU C 152 42.46 -42.69 -3.27
CA GLU C 152 41.95 -41.32 -3.49
C GLU C 152 41.51 -40.61 -2.21
N ALA C 153 41.04 -41.34 -1.20
CA ALA C 153 40.57 -40.72 0.04
C ALA C 153 41.68 -39.96 0.72
N GLU C 154 42.92 -40.50 0.65
CA GLU C 154 44.13 -39.89 1.23
C GLU C 154 44.18 -38.43 0.88
N GLN C 155 44.19 -38.11 -0.44
CA GLN C 155 44.25 -36.76 -1.02
C GLN C 155 43.13 -35.89 -0.50
N TRP C 156 41.89 -36.43 -0.49
CA TRP C 156 40.68 -35.71 -0.08
C TRP C 156 40.64 -35.40 1.38
N ARG C 157 40.94 -36.39 2.22
CA ARG C 157 41.00 -36.23 3.67
C ARG C 157 41.98 -35.12 3.99
N ALA C 158 43.16 -35.14 3.33
CA ALA C 158 44.22 -34.14 3.50
C ALA C 158 43.76 -32.76 3.04
N TYR C 159 42.99 -32.68 1.90
CA TYR C 159 42.47 -31.40 1.40
C TYR C 159 41.44 -30.82 2.35
N LEU C 160 40.38 -31.59 2.64
CA LEU C 160 39.24 -31.15 3.48
C LEU C 160 39.62 -30.78 4.87
N GLU C 161 40.58 -31.52 5.50
CA GLU C 161 41.04 -31.24 6.86
C GLU C 161 42.02 -30.11 6.93
N GLY C 162 42.91 -30.04 5.95
CA GLY C 162 43.98 -29.06 5.89
C GLY C 162 43.73 -27.88 4.99
N THR C 163 44.05 -28.01 3.70
CA THR C 163 43.92 -26.97 2.68
C THR C 163 42.59 -26.21 2.73
N CYS C 164 41.45 -26.93 2.61
CA CYS C 164 40.11 -26.33 2.59
C CYS C 164 39.90 -25.34 3.75
N VAL C 165 40.10 -25.82 4.98
CA VAL C 165 39.95 -25.05 6.22
C VAL C 165 40.85 -23.76 6.21
N GLU C 166 42.10 -23.90 5.71
CA GLU C 166 43.09 -22.81 5.61
C GLU C 166 42.54 -21.68 4.74
N TRP C 167 41.98 -22.04 3.61
CA TRP C 167 41.47 -21.06 2.68
C TRP C 167 40.24 -20.37 3.20
N LEU C 168 39.26 -21.14 3.71
CA LEU C 168 38.03 -20.62 4.29
C LEU C 168 38.37 -19.59 5.38
N ARG C 169 39.32 -19.95 6.31
CA ARG C 169 39.76 -19.07 7.39
C ARG C 169 40.32 -17.76 6.83
N ARG C 170 41.09 -17.87 5.74
CA ARG C 170 41.69 -16.73 5.04
C ARG C 170 40.59 -15.85 4.45
N TYR C 171 39.66 -16.45 3.65
CA TYR C 171 38.55 -15.75 3.02
C TYR C 171 37.67 -15.02 4.05
N LEU C 172 37.41 -15.65 5.23
CA LEU C 172 36.64 -15.07 6.34
C LEU C 172 37.36 -13.89 6.99
N GLU C 173 38.70 -13.90 6.96
CA GLU C 173 39.45 -12.79 7.50
C GLU C 173 39.44 -11.64 6.49
N ASN C 174 39.75 -11.92 5.20
CA ASN C 174 39.78 -10.95 4.11
C ASN C 174 38.45 -10.20 3.95
N GLY C 175 37.34 -10.91 4.18
CA GLY C 175 36.02 -10.33 4.09
C GLY C 175 35.25 -10.41 5.40
N LYS C 176 35.88 -10.07 6.53
CA LYS C 176 35.22 -10.13 7.85
C LYS C 176 34.09 -9.14 7.98
N GLU C 177 34.22 -7.94 7.37
CA GLU C 177 33.22 -6.86 7.44
C GLU C 177 31.93 -7.18 6.67
N THR C 178 31.97 -8.20 5.82
CA THR C 178 30.84 -8.62 5.00
C THR C 178 30.36 -10.06 5.36
N LEU C 179 31.32 -11.01 5.40
CA LEU C 179 31.06 -12.44 5.68
C LEU C 179 30.81 -12.80 7.15
N GLN C 180 31.33 -12.00 8.11
CA GLN C 180 31.18 -12.29 9.53
C GLN C 180 30.21 -11.33 10.24
N ARG C 181 29.45 -10.57 9.45
CA ARG C 181 28.45 -9.64 9.94
C ARG C 181 27.15 -10.02 9.30
N ALA C 182 26.21 -10.57 10.08
CA ALA C 182 24.88 -10.94 9.59
C ALA C 182 24.04 -9.69 9.47
N GLU C 183 23.14 -9.63 8.48
CA GLU C 183 22.25 -8.50 8.29
C GLU C 183 20.84 -8.96 8.60
N HIS C 184 20.24 -8.36 9.63
CA HIS C 184 18.89 -8.72 10.09
C HIS C 184 17.84 -8.40 9.04
N PRO C 185 16.74 -9.18 8.94
CA PRO C 185 15.71 -8.86 7.93
C PRO C 185 14.91 -7.61 8.28
N LYS C 186 14.56 -6.83 7.24
CA LYS C 186 13.69 -5.66 7.39
C LYS C 186 12.27 -6.25 7.12
N THR C 187 11.42 -6.20 8.14
CA THR C 187 10.12 -6.87 8.17
C THR C 187 8.93 -5.93 8.27
N HIS C 188 7.81 -6.31 7.63
CA HIS C 188 6.55 -5.59 7.64
C HIS C 188 5.45 -6.51 7.16
N VAL C 189 4.19 -6.14 7.42
CA VAL C 189 3.00 -6.91 7.00
C VAL C 189 2.17 -6.09 5.98
N THR C 190 1.72 -6.75 4.91
CA THR C 190 0.82 -6.13 3.93
C THR C 190 -0.53 -6.87 3.97
N HIS C 191 -1.57 -6.18 3.55
CA HIS C 191 -2.94 -6.68 3.59
C HIS C 191 -3.56 -6.54 2.22
N HIS C 192 -4.06 -7.67 1.67
CA HIS C 192 -4.65 -7.75 0.35
C HIS C 192 -6.01 -8.46 0.36
N PRO C 193 -7.14 -7.70 0.37
CA PRO C 193 -8.47 -8.34 0.37
C PRO C 193 -8.68 -9.31 -0.80
N VAL C 194 -9.34 -10.43 -0.53
CA VAL C 194 -9.62 -11.46 -1.52
C VAL C 194 -11.13 -11.43 -1.88
N SER C 195 -11.96 -11.09 -0.88
CA SER C 195 -13.41 -11.01 -1.00
C SER C 195 -13.91 -10.02 0.05
N ASP C 196 -15.23 -9.93 0.21
CA ASP C 196 -15.84 -9.03 1.19
C ASP C 196 -15.70 -9.62 2.62
N HIS C 197 -15.34 -10.93 2.71
CA HIS C 197 -15.25 -11.71 3.93
C HIS C 197 -13.86 -12.21 4.33
N GLU C 198 -12.86 -12.14 3.41
CA GLU C 198 -11.48 -12.59 3.62
C GLU C 198 -10.44 -11.62 3.09
N ALA C 199 -9.19 -11.78 3.58
CA ALA C 199 -8.04 -10.98 3.18
C ALA C 199 -6.76 -11.76 3.35
N THR C 200 -5.77 -11.53 2.46
CA THR C 200 -4.46 -12.15 2.60
C THR C 200 -3.58 -11.22 3.44
N LEU C 201 -2.94 -11.77 4.49
CA LEU C 201 -1.95 -11.07 5.29
C LEU C 201 -0.63 -11.63 4.88
N ARG C 202 0.25 -10.80 4.35
CA ARG C 202 1.58 -11.23 3.89
C ARG C 202 2.67 -10.60 4.76
N CYS C 203 3.45 -11.46 5.39
CA CYS C 203 4.57 -11.09 6.22
C CYS C 203 5.82 -11.07 5.39
N TRP C 204 6.56 -9.96 5.35
CA TRP C 204 7.78 -9.84 4.54
C TRP C 204 9.05 -9.79 5.33
N ALA C 205 10.09 -10.43 4.84
CA ALA C 205 11.44 -10.39 5.41
C ALA C 205 12.34 -10.03 4.25
N LEU C 206 12.96 -8.85 4.30
CA LEU C 206 13.77 -8.35 3.19
C LEU C 206 15.20 -7.96 3.57
N GLY C 207 16.10 -8.04 2.59
CA GLY C 207 17.48 -7.59 2.71
C GLY C 207 18.30 -8.19 3.83
N PHE C 208 18.09 -9.51 4.05
CA PHE C 208 18.81 -10.26 5.07
C PHE C 208 19.92 -11.12 4.50
N TYR C 209 20.97 -11.32 5.30
CA TYR C 209 22.09 -12.17 5.01
C TYR C 209 22.54 -12.81 6.33
N PRO C 210 22.75 -14.15 6.42
CA PRO C 210 22.64 -15.17 5.37
C PRO C 210 21.20 -15.54 5.08
N ALA C 211 21.00 -16.45 4.13
CA ALA C 211 19.69 -16.86 3.67
C ALA C 211 18.83 -17.57 4.70
N GLU C 212 19.43 -18.29 5.70
CA GLU C 212 18.68 -19.04 6.72
C GLU C 212 17.77 -18.15 7.50
N ILE C 213 16.47 -18.44 7.46
CA ILE C 213 15.39 -17.66 8.10
C ILE C 213 14.17 -18.54 8.36
N THR C 214 13.36 -18.15 9.33
CA THR C 214 12.11 -18.84 9.69
C THR C 214 11.03 -17.79 9.85
N LEU C 215 10.05 -17.83 8.95
CA LEU C 215 8.86 -17.00 8.88
C LEU C 215 7.70 -17.92 9.14
N THR C 216 6.93 -17.68 10.21
CA THR C 216 5.73 -18.43 10.54
C THR C 216 4.58 -17.48 10.89
N TRP C 217 3.34 -17.90 10.66
CA TRP C 217 2.11 -17.21 11.04
C TRP C 217 1.47 -18.04 12.13
N GLN C 218 0.96 -17.37 13.16
CA GLN C 218 0.24 -18.00 14.24
C GLN C 218 -1.14 -17.31 14.39
N ARG C 219 -2.22 -18.08 14.69
CA ARG C 219 -3.54 -17.50 15.00
C ARG C 219 -3.80 -17.86 16.45
N ASP C 220 -3.81 -16.84 17.36
CA ASP C 220 -3.98 -17.03 18.82
C ASP C 220 -2.91 -17.98 19.35
N GLY C 221 -1.69 -17.83 18.82
CA GLY C 221 -0.54 -18.61 19.23
C GLY C 221 -0.45 -20.00 18.66
N GLU C 222 -1.43 -20.40 17.81
CA GLU C 222 -1.44 -21.70 17.18
C GLU C 222 -0.86 -21.57 15.78
N ASP C 223 0.19 -22.34 15.50
CA ASP C 223 0.90 -22.36 14.22
C ASP C 223 -0.04 -22.68 13.09
N GLN C 224 -0.07 -21.82 12.08
CA GLN C 224 -0.91 -21.95 10.89
C GLN C 224 -0.12 -22.63 9.73
N THR C 225 0.64 -23.67 10.03
CA THR C 225 1.53 -24.26 9.05
C THR C 225 0.77 -24.84 7.84
N GLN C 226 -0.37 -25.55 8.06
CA GLN C 226 -1.14 -26.12 6.94
C GLN C 226 -1.80 -25.06 6.02
N ASP C 227 -2.04 -23.84 6.52
CA ASP C 227 -2.71 -22.76 5.81
C ASP C 227 -1.83 -21.58 5.41
N THR C 228 -0.50 -21.74 5.52
CA THR C 228 0.46 -20.70 5.13
C THR C 228 1.12 -21.03 3.82
N GLU C 229 1.10 -20.05 2.91
CA GLU C 229 1.83 -20.07 1.66
C GLU C 229 3.14 -19.40 2.04
N LEU C 230 4.20 -20.14 1.87
CA LEU C 230 5.54 -19.72 2.21
C LEU C 230 6.39 -19.90 0.95
N VAL C 231 6.81 -18.77 0.33
CA VAL C 231 7.66 -18.86 -0.87
C VAL C 231 9.10 -19.28 -0.51
N GLU C 232 9.85 -19.83 -1.48
CA GLU C 232 11.26 -20.16 -1.24
C GLU C 232 12.06 -18.88 -1.06
N THR C 233 13.09 -18.92 -0.20
CA THR C 233 14.02 -17.81 0.04
C THR C 233 14.70 -17.52 -1.31
N ARG C 234 14.54 -16.28 -1.76
CA ARG C 234 15.01 -15.85 -3.07
C ARG C 234 16.05 -14.75 -3.01
N PRO C 235 16.99 -14.72 -3.98
CA PRO C 235 17.98 -13.63 -3.99
C PRO C 235 17.38 -12.30 -4.42
N ALA C 236 17.72 -11.20 -3.72
CA ALA C 236 17.28 -9.85 -4.10
C ALA C 236 18.09 -9.38 -5.29
N GLY C 237 19.28 -9.96 -5.46
CA GLY C 237 20.20 -9.65 -6.56
C GLY C 237 21.35 -8.76 -6.17
N ASP C 238 21.36 -8.34 -4.88
CA ASP C 238 22.37 -7.42 -4.32
C ASP C 238 23.15 -8.08 -3.17
N GLY C 239 23.11 -9.42 -3.10
CA GLY C 239 23.78 -10.19 -2.05
C GLY C 239 22.93 -10.48 -0.84
N THR C 240 21.75 -9.86 -0.76
CA THR C 240 20.79 -10.10 0.31
C THR C 240 19.64 -10.99 -0.20
N PHE C 241 18.83 -11.50 0.74
CA PHE C 241 17.73 -12.39 0.44
C PHE C 241 16.38 -11.85 0.85
N GLN C 242 15.31 -12.46 0.31
CA GLN C 242 13.91 -12.12 0.55
C GLN C 242 13.09 -13.37 0.78
N LYS C 243 12.02 -13.23 1.55
CA LYS C 243 11.06 -14.29 1.83
C LYS C 243 9.78 -13.65 2.30
N TRP C 244 8.65 -14.34 2.09
CA TRP C 244 7.33 -13.95 2.58
C TRP C 244 6.44 -15.19 2.91
N ALA C 245 5.60 -15.04 3.94
CA ALA C 245 4.65 -16.03 4.39
C ALA C 245 3.32 -15.33 4.36
N ALA C 246 2.33 -15.93 3.68
CA ALA C 246 0.99 -15.37 3.56
C ALA C 246 -0.05 -16.33 4.07
N VAL C 247 -1.09 -15.77 4.70
CA VAL C 247 -2.21 -16.51 5.26
C VAL C 247 -3.53 -15.76 4.93
N VAL C 248 -4.60 -16.53 4.60
CA VAL C 248 -5.90 -15.96 4.26
C VAL C 248 -6.72 -15.91 5.52
N VAL C 249 -7.05 -14.72 5.98
CA VAL C 249 -7.72 -14.46 7.25
C VAL C 249 -9.14 -13.95 7.07
N PRO C 250 -10.08 -14.33 7.95
CA PRO C 250 -11.42 -13.70 7.88
C PRO C 250 -11.30 -12.18 8.21
N SER C 251 -11.98 -11.33 7.44
CA SER C 251 -11.96 -9.88 7.65
C SER C 251 -12.48 -9.52 9.03
N GLY C 252 -11.70 -8.72 9.75
CA GLY C 252 -12.02 -8.31 11.10
C GLY C 252 -11.27 -9.10 12.14
N GLU C 253 -10.63 -10.21 11.72
CA GLU C 253 -9.89 -11.09 12.62
C GLU C 253 -8.38 -10.96 12.52
N GLU C 254 -7.89 -9.93 11.82
CA GLU C 254 -6.46 -9.70 11.57
C GLU C 254 -5.58 -9.64 12.80
N GLN C 255 -6.06 -9.06 13.89
CA GLN C 255 -5.26 -8.93 15.10
C GLN C 255 -5.00 -10.25 15.83
N ARG C 256 -5.66 -11.33 15.40
CA ARG C 256 -5.54 -12.69 15.98
C ARG C 256 -4.38 -13.41 15.37
N TYR C 257 -3.75 -12.79 14.36
CA TYR C 257 -2.59 -13.29 13.63
C TYR C 257 -1.33 -12.53 13.98
N THR C 258 -0.26 -13.29 14.13
CA THR C 258 1.06 -12.78 14.40
C THR C 258 2.05 -13.52 13.54
N CYS C 259 2.95 -12.75 12.95
CA CYS C 259 4.05 -13.27 12.17
C CYS C 259 5.27 -13.33 13.02
N HIS C 260 6.01 -14.43 12.90
CA HIS C 260 7.19 -14.67 13.73
C HIS C 260 8.43 -14.85 12.90
N VAL C 261 9.44 -14.02 13.16
CA VAL C 261 10.69 -14.03 12.39
C VAL C 261 11.86 -14.47 13.23
N GLN C 262 12.64 -15.40 12.71
CA GLN C 262 13.87 -15.93 13.34
C GLN C 262 14.97 -15.81 12.33
N HIS C 263 16.04 -15.08 12.70
CA HIS C 263 17.25 -14.86 11.91
C HIS C 263 18.47 -14.60 12.83
N GLU C 264 19.64 -15.04 12.39
CA GLU C 264 20.95 -14.91 13.01
C GLU C 264 21.23 -13.45 13.40
N GLY C 265 20.86 -12.52 12.52
CA GLY C 265 21.04 -11.07 12.67
C GLY C 265 20.13 -10.38 13.66
N LEU C 266 19.08 -11.09 14.13
CA LEU C 266 18.13 -10.59 15.10
C LEU C 266 18.55 -10.98 16.53
N PRO C 267 18.65 -9.99 17.44
CA PRO C 267 19.04 -10.29 18.83
C PRO C 267 18.02 -11.16 19.56
N GLU C 268 16.74 -10.93 19.28
CA GLU C 268 15.59 -11.66 19.81
C GLU C 268 14.65 -11.90 18.61
N PRO C 269 13.87 -13.02 18.57
CA PRO C 269 12.89 -13.18 17.49
C PRO C 269 11.80 -12.12 17.54
N LEU C 270 11.30 -11.72 16.35
CA LEU C 270 10.28 -10.69 16.17
C LEU C 270 8.93 -11.27 16.16
N THR C 271 7.95 -10.47 16.56
CA THR C 271 6.54 -10.80 16.44
C THR C 271 5.92 -9.58 15.78
N LEU C 272 5.35 -9.74 14.61
CA LEU C 272 4.69 -8.64 13.89
C LEU C 272 3.19 -8.90 13.79
N ARG C 273 2.42 -7.84 13.83
CA ARG C 273 0.98 -7.82 13.74
C ARG C 273 0.63 -6.77 12.68
N TRP C 274 -0.48 -6.97 11.96
CA TRP C 274 -0.93 -6.02 10.93
C TRP C 274 -1.35 -4.68 11.59
N MET D 1 18.15 -41.22 -14.90
CA MET D 1 17.78 -39.92 -15.44
C MET D 1 16.54 -39.29 -14.74
N ILE D 2 16.65 -38.06 -14.17
CA ILE D 2 15.54 -37.35 -13.51
C ILE D 2 15.08 -36.18 -14.36
N GLN D 3 13.87 -35.68 -14.10
CA GLN D 3 13.35 -34.49 -14.78
C GLN D 3 12.51 -33.68 -13.78
N ARG D 4 12.97 -32.45 -13.45
CA ARG D 4 12.25 -31.64 -12.47
C ARG D 4 11.84 -30.32 -13.11
N THR D 5 10.54 -29.97 -13.00
CA THR D 5 9.97 -28.71 -13.53
C THR D 5 10.58 -27.54 -12.76
N PRO D 6 10.87 -26.37 -13.37
CA PRO D 6 11.37 -25.28 -12.56
C PRO D 6 10.25 -24.66 -11.74
N LYS D 7 10.64 -24.04 -10.63
CA LYS D 7 9.77 -23.23 -9.81
C LYS D 7 10.17 -21.84 -10.29
N ILE D 8 9.20 -20.95 -10.51
CA ILE D 8 9.45 -19.60 -11.01
C ILE D 8 8.90 -18.58 -10.04
N GLN D 9 9.67 -17.50 -9.78
CA GLN D 9 9.27 -16.36 -8.96
C GLN D 9 9.70 -15.07 -9.67
N VAL D 10 8.72 -14.20 -9.98
CA VAL D 10 8.93 -12.90 -10.58
C VAL D 10 8.64 -11.82 -9.55
N TYR D 11 9.69 -11.06 -9.21
CA TYR D 11 9.63 -10.04 -8.16
C TYR D 11 10.64 -8.93 -8.41
N SER D 12 10.52 -7.84 -7.61
CA SER D 12 11.44 -6.70 -7.68
C SER D 12 12.42 -6.78 -6.53
N ARG D 13 13.59 -6.18 -6.69
CA ARG D 13 14.63 -6.13 -5.64
C ARG D 13 14.10 -5.31 -4.44
N HIS D 14 13.49 -4.14 -4.74
CA HIS D 14 12.93 -3.21 -3.76
C HIS D 14 11.45 -3.11 -3.93
N PRO D 15 10.66 -2.74 -2.89
CA PRO D 15 9.20 -2.64 -3.10
C PRO D 15 8.91 -1.60 -4.20
N ALA D 16 8.10 -1.99 -5.17
CA ALA D 16 7.74 -1.19 -6.33
C ALA D 16 7.09 0.10 -5.97
N GLU D 17 7.60 1.19 -6.58
CA GLU D 17 7.12 2.57 -6.48
C GLU D 17 7.10 3.02 -7.92
N ASN D 18 5.95 3.52 -8.39
CA ASN D 18 5.76 3.99 -9.76
C ASN D 18 6.67 5.16 -10.05
N GLY D 19 7.42 5.06 -11.13
CA GLY D 19 8.36 6.08 -11.57
C GLY D 19 9.74 5.97 -10.94
N LYS D 20 10.00 4.91 -10.14
CA LYS D 20 11.29 4.76 -9.46
C LYS D 20 12.06 3.58 -10.00
N SER D 21 13.34 3.80 -10.37
CA SER D 21 14.17 2.74 -10.89
C SER D 21 14.33 1.65 -9.82
N ASN D 22 14.27 0.41 -10.28
CA ASN D 22 14.30 -0.80 -9.49
C ASN D 22 14.88 -1.89 -10.38
N PHE D 23 14.88 -3.13 -9.89
CA PHE D 23 15.38 -4.29 -10.63
C PHE D 23 14.32 -5.35 -10.69
N LEU D 24 14.09 -5.88 -11.87
CA LEU D 24 13.12 -6.96 -12.14
C LEU D 24 13.87 -8.29 -12.14
N ASN D 25 13.45 -9.21 -11.26
CA ASN D 25 14.07 -10.50 -11.09
C ASN D 25 13.17 -11.64 -11.48
N CYS D 26 13.77 -12.70 -12.05
CA CYS D 26 13.10 -13.96 -12.31
C CYS D 26 13.96 -15.02 -11.79
N TYR D 27 13.52 -15.63 -10.69
CA TYR D 27 14.29 -16.66 -10.04
C TYR D 27 13.67 -17.99 -10.39
N VAL D 28 14.41 -18.79 -11.16
CA VAL D 28 14.06 -20.13 -11.57
C VAL D 28 14.90 -21.07 -10.75
N SER D 29 14.25 -21.97 -10.01
CA SER D 29 14.95 -22.93 -9.16
C SER D 29 14.32 -24.34 -9.28
N GLY D 30 14.93 -25.31 -8.65
CA GLY D 30 14.46 -26.68 -8.55
C GLY D 30 14.33 -27.48 -9.84
N PHE D 31 14.94 -26.97 -10.96
CA PHE D 31 14.84 -27.61 -12.28
C PHE D 31 15.99 -28.58 -12.55
N HIS D 32 15.75 -29.58 -13.45
CA HIS D 32 16.71 -30.59 -13.90
C HIS D 32 16.14 -31.21 -15.18
N PRO D 33 16.91 -31.31 -16.30
CA PRO D 33 18.31 -30.91 -16.50
C PRO D 33 18.55 -29.38 -16.55
N SER D 34 19.81 -28.95 -16.70
CA SER D 34 20.19 -27.54 -16.63
C SER D 34 19.77 -26.64 -17.82
N ASP D 35 19.48 -27.21 -19.01
CA ASP D 35 19.08 -26.37 -20.14
C ASP D 35 17.75 -25.75 -19.85
N ILE D 36 17.74 -24.42 -19.84
CA ILE D 36 16.59 -23.59 -19.57
C ILE D 36 16.73 -22.32 -20.38
N GLU D 37 15.58 -21.75 -20.80
CA GLU D 37 15.44 -20.54 -21.60
C GLU D 37 14.58 -19.60 -20.78
N VAL D 38 15.14 -18.47 -20.36
CA VAL D 38 14.41 -17.52 -19.54
C VAL D 38 14.41 -16.12 -20.16
N ASP D 39 13.24 -15.48 -20.28
CA ASP D 39 13.10 -14.13 -20.82
C ASP D 39 12.25 -13.28 -19.90
N LEU D 40 12.64 -12.02 -19.74
CA LEU D 40 11.87 -11.05 -18.99
C LEU D 40 11.12 -10.26 -20.05
N LEU D 41 9.80 -10.13 -19.88
CA LEU D 41 8.98 -9.43 -20.86
C LEU D 41 8.40 -8.14 -20.33
N LYS D 42 8.21 -7.16 -21.22
CA LYS D 42 7.55 -5.89 -20.96
C LYS D 42 6.48 -5.80 -22.02
N ASN D 43 5.22 -5.93 -21.62
CA ASN D 43 4.03 -5.91 -22.47
C ASN D 43 4.14 -6.96 -23.58
N GLY D 44 4.53 -8.17 -23.18
CA GLY D 44 4.67 -9.32 -24.06
C GLY D 44 5.92 -9.35 -24.92
N GLU D 45 6.67 -8.23 -24.96
CA GLU D 45 7.89 -8.10 -25.76
C GLU D 45 9.11 -8.40 -24.90
N ARG D 46 10.04 -9.23 -25.40
CA ARG D 46 11.27 -9.61 -24.71
C ARG D 46 12.15 -8.40 -24.40
N ILE D 47 12.63 -8.28 -23.15
CA ILE D 47 13.53 -7.20 -22.72
C ILE D 47 14.91 -7.65 -23.17
N GLU D 48 15.64 -6.76 -23.89
CA GLU D 48 16.94 -7.08 -24.47
C GLU D 48 18.10 -7.19 -23.47
N LYS D 49 18.38 -6.15 -22.69
CA LYS D 49 19.52 -6.12 -21.76
C LYS D 49 19.27 -6.88 -20.44
N VAL D 50 19.19 -8.21 -20.51
CA VAL D 50 18.93 -9.04 -19.33
C VAL D 50 20.16 -9.85 -19.00
N GLU D 51 20.61 -9.77 -17.74
CA GLU D 51 21.79 -10.49 -17.25
C GLU D 51 21.30 -11.64 -16.40
N HIS D 52 22.16 -12.65 -16.17
CA HIS D 52 21.81 -13.77 -15.32
C HIS D 52 22.95 -14.23 -14.45
N SER D 53 22.64 -14.91 -13.34
CA SER D 53 23.62 -15.47 -12.41
C SER D 53 24.33 -16.67 -13.06
N ASP D 54 25.36 -17.18 -12.39
CA ASP D 54 26.14 -18.34 -12.88
C ASP D 54 25.42 -19.58 -12.42
N LEU D 55 25.29 -20.58 -13.32
CA LEU D 55 24.59 -21.83 -12.98
C LEU D 55 25.16 -22.48 -11.74
N SER D 56 24.28 -22.71 -10.77
CA SER D 56 24.60 -23.30 -9.49
C SER D 56 23.43 -24.23 -9.16
N PHE D 57 23.52 -24.93 -8.03
CA PHE D 57 22.48 -25.87 -7.63
C PHE D 57 22.44 -25.99 -6.11
N SER D 58 21.34 -26.54 -5.62
CA SER D 58 21.04 -26.77 -4.22
C SER D 58 21.55 -28.14 -3.73
N LYS D 59 21.39 -28.44 -2.41
CA LYS D 59 21.77 -29.71 -1.81
C LYS D 59 21.09 -30.90 -2.52
N ASP D 60 19.86 -30.72 -3.04
CA ASP D 60 19.12 -31.78 -3.77
C ASP D 60 19.55 -31.94 -5.22
N TRP D 61 20.61 -31.19 -5.66
CA TRP D 61 21.22 -31.21 -7.00
C TRP D 61 20.46 -30.40 -8.04
N SER D 62 19.29 -29.89 -7.66
CA SER D 62 18.45 -29.17 -8.60
C SER D 62 18.94 -27.75 -8.77
N PHE D 63 19.02 -27.31 -10.04
CA PHE D 63 19.59 -26.03 -10.46
C PHE D 63 18.79 -24.81 -10.06
N TYR D 64 19.46 -23.63 -10.11
CA TYR D 64 18.88 -22.32 -9.86
C TYR D 64 19.63 -21.24 -10.63
N LEU D 65 18.89 -20.26 -11.16
CA LEU D 65 19.44 -19.11 -11.90
C LEU D 65 18.62 -17.90 -11.53
N LEU D 66 19.27 -16.74 -11.53
CA LEU D 66 18.57 -15.49 -11.33
C LEU D 66 18.79 -14.66 -12.57
N TYR D 67 17.71 -14.30 -13.28
CA TYR D 67 17.72 -13.42 -14.45
C TYR D 67 17.20 -12.07 -13.94
N TYR D 68 17.89 -10.97 -14.30
CA TYR D 68 17.52 -9.64 -13.83
C TYR D 68 17.78 -8.50 -14.81
N THR D 69 17.02 -7.41 -14.68
CA THR D 69 17.18 -6.19 -15.48
C THR D 69 16.75 -4.94 -14.71
N GLU D 70 17.37 -3.78 -15.00
CA GLU D 70 16.95 -2.51 -14.38
C GLU D 70 15.58 -2.20 -15.01
N PHE D 71 14.57 -1.81 -14.22
CA PHE D 71 13.25 -1.44 -14.77
C PHE D 71 12.61 -0.36 -13.93
N THR D 72 11.83 0.52 -14.55
CA THR D 72 11.09 1.61 -13.88
C THR D 72 9.62 1.28 -14.01
N PRO D 73 9.02 0.69 -12.95
CA PRO D 73 7.60 0.30 -13.06
C PRO D 73 6.65 1.47 -13.14
N THR D 74 5.57 1.30 -13.91
CA THR D 74 4.50 2.28 -14.08
C THR D 74 3.18 1.55 -13.99
N GLU D 75 2.04 2.29 -13.98
CA GLU D 75 0.73 1.65 -13.90
C GLU D 75 0.36 0.91 -15.20
N LYS D 76 0.55 1.57 -16.36
CA LYS D 76 0.26 0.98 -17.67
C LYS D 76 1.05 -0.34 -17.94
N ASP D 77 2.38 -0.29 -17.79
CA ASP D 77 3.31 -1.39 -18.07
C ASP D 77 3.02 -2.69 -17.31
N GLU D 78 3.17 -3.82 -18.06
CA GLU D 78 2.93 -5.18 -17.60
C GLU D 78 4.18 -6.00 -17.78
N TYR D 79 4.77 -6.42 -16.67
CA TYR D 79 6.00 -7.23 -16.69
C TYR D 79 5.70 -8.69 -16.43
N ALA D 80 6.53 -9.55 -16.96
CA ALA D 80 6.37 -10.99 -16.86
C ALA D 80 7.69 -11.67 -17.08
N CYS D 81 7.69 -12.96 -16.78
CA CYS D 81 8.84 -13.82 -16.99
C CYS D 81 8.36 -15.04 -17.77
N ARG D 82 9.04 -15.36 -18.85
CA ARG D 82 8.67 -16.51 -19.67
C ARG D 82 9.81 -17.55 -19.62
N VAL D 83 9.46 -18.76 -19.19
CA VAL D 83 10.43 -19.85 -18.99
C VAL D 83 10.06 -21.06 -19.85
N ASN D 84 11.07 -21.69 -20.47
CA ASN D 84 10.89 -22.91 -21.22
C ASN D 84 11.93 -23.93 -20.80
N HIS D 85 11.47 -25.18 -20.68
CA HIS D 85 12.23 -26.31 -20.15
C HIS D 85 11.58 -27.55 -20.72
N VAL D 86 12.34 -28.67 -20.83
CA VAL D 86 11.78 -29.94 -21.32
C VAL D 86 10.57 -30.41 -20.55
N THR D 87 10.43 -30.03 -19.27
CA THR D 87 9.32 -30.45 -18.43
C THR D 87 8.04 -29.69 -18.75
N LEU D 88 8.13 -28.67 -19.61
CA LEU D 88 6.95 -27.87 -19.98
C LEU D 88 6.46 -28.16 -21.41
N SER D 89 5.12 -28.20 -21.61
CA SER D 89 4.45 -28.44 -22.91
C SER D 89 4.64 -27.22 -23.81
N GLN D 90 4.70 -26.06 -23.20
CA GLN D 90 4.85 -24.76 -23.84
C GLN D 90 5.50 -23.80 -22.82
N PRO D 91 6.10 -22.67 -23.27
CA PRO D 91 6.67 -21.73 -22.32
C PRO D 91 5.69 -21.27 -21.24
N LYS D 92 6.11 -21.32 -19.95
CA LYS D 92 5.31 -20.88 -18.82
C LYS D 92 5.57 -19.39 -18.55
N ILE D 93 4.47 -18.59 -18.55
CA ILE D 93 4.57 -17.17 -18.31
C ILE D 93 3.98 -16.82 -16.93
N VAL D 94 4.82 -16.22 -16.09
CA VAL D 94 4.43 -15.77 -14.75
C VAL D 94 4.47 -14.23 -14.76
N LYS D 95 3.30 -13.62 -14.58
CA LYS D 95 3.16 -12.16 -14.58
C LYS D 95 3.75 -11.59 -13.28
N TRP D 96 4.37 -10.45 -13.36
CA TRP D 96 4.86 -9.77 -12.20
C TRP D 96 3.67 -9.03 -11.52
N ASP D 97 3.55 -9.24 -10.20
CA ASP D 97 2.57 -8.66 -9.27
C ASP D 97 3.43 -7.99 -8.19
N ARG D 98 3.30 -6.69 -8.04
CA ARG D 98 4.10 -5.92 -7.08
C ARG D 98 3.89 -6.34 -5.63
N ASP D 99 2.75 -7.00 -5.31
CA ASP D 99 2.40 -7.51 -3.98
C ASP D 99 3.00 -8.89 -3.67
N MET D 100 3.81 -9.45 -4.58
CA MET D 100 4.40 -10.78 -4.43
C MET D 100 5.94 -10.86 -4.68
N SER E 2 -11.22 -36.72 -33.51
CA SER E 2 -12.69 -36.57 -33.45
C SER E 2 -13.17 -36.19 -32.05
N HIS E 3 -13.72 -34.96 -31.95
CA HIS E 3 -14.25 -34.45 -30.69
C HIS E 3 -15.55 -35.15 -30.35
N SER E 4 -15.77 -35.45 -29.08
CA SER E 4 -16.99 -36.09 -28.67
C SER E 4 -17.55 -35.42 -27.43
N MET E 5 -18.81 -35.71 -27.11
CA MET E 5 -19.50 -35.30 -25.89
C MET E 5 -20.17 -36.57 -25.39
N ARG E 6 -19.94 -36.92 -24.13
CA ARG E 6 -20.52 -38.11 -23.54
C ARG E 6 -21.11 -37.79 -22.21
N TYR E 7 -22.22 -38.47 -21.89
CA TYR E 7 -22.87 -38.43 -20.56
C TYR E 7 -22.81 -39.83 -20.01
N PHE E 8 -22.43 -39.94 -18.73
CA PHE E 8 -22.29 -41.21 -17.98
C PHE E 8 -23.17 -41.15 -16.76
N ASP E 9 -24.28 -41.88 -16.78
CA ASP E 9 -25.26 -41.90 -15.67
C ASP E 9 -25.18 -43.20 -14.95
N THR E 10 -25.17 -43.18 -13.62
CA THR E 10 -25.15 -44.39 -12.78
C THR E 10 -26.25 -44.28 -11.71
N ALA E 11 -27.23 -45.21 -11.73
CA ALA E 11 -28.30 -45.27 -10.71
C ALA E 11 -28.14 -46.58 -9.97
N VAL E 12 -28.01 -46.52 -8.65
CA VAL E 12 -27.78 -47.68 -7.75
C VAL E 12 -28.86 -47.75 -6.69
N SER E 13 -29.61 -48.87 -6.62
CA SER E 13 -30.68 -48.98 -5.64
C SER E 13 -30.11 -49.36 -4.30
N ARG E 14 -30.71 -48.88 -3.20
CA ARG E 14 -30.24 -49.24 -1.86
C ARG E 14 -31.46 -49.73 -1.10
N PRO E 15 -32.01 -50.94 -1.39
CA PRO E 15 -33.23 -51.40 -0.68
C PRO E 15 -33.14 -51.28 0.84
N GLY E 16 -34.19 -50.66 1.40
CA GLY E 16 -34.33 -50.42 2.83
C GLY E 16 -33.39 -49.39 3.42
N ARG E 17 -32.36 -48.95 2.65
CA ARG E 17 -31.35 -47.95 3.06
C ARG E 17 -31.52 -46.60 2.31
N GLY E 18 -32.74 -46.30 1.85
CA GLY E 18 -33.05 -45.05 1.14
C GLY E 18 -33.47 -45.18 -0.31
N GLU E 19 -33.60 -44.03 -0.99
CA GLU E 19 -33.98 -44.01 -2.41
C GLU E 19 -32.73 -44.21 -3.22
N PRO E 20 -32.81 -44.75 -4.45
CA PRO E 20 -31.59 -45.01 -5.23
C PRO E 20 -30.71 -43.78 -5.42
N ARG E 21 -29.40 -43.96 -5.43
CA ARG E 21 -28.48 -42.86 -5.73
C ARG E 21 -28.32 -42.72 -7.23
N PHE E 22 -28.39 -41.47 -7.73
CA PHE E 22 -28.15 -41.16 -9.14
C PHE E 22 -26.91 -40.22 -9.29
N ILE E 23 -25.88 -40.67 -9.95
CA ILE E 23 -24.67 -39.87 -10.20
C ILE E 23 -24.54 -39.76 -11.72
N SER E 24 -24.29 -38.55 -12.21
CA SER E 24 -24.07 -38.31 -13.61
C SER E 24 -22.90 -37.35 -13.81
N VAL E 25 -22.10 -37.66 -14.86
CA VAL E 25 -20.94 -36.87 -15.26
C VAL E 25 -20.98 -36.69 -16.79
N GLY E 26 -20.52 -35.52 -17.22
CA GLY E 26 -20.50 -35.13 -18.63
C GLY E 26 -19.10 -34.74 -19.02
N TYR E 27 -18.71 -35.16 -20.23
CA TYR E 27 -17.36 -34.93 -20.76
C TYR E 27 -17.39 -34.42 -22.17
N VAL E 28 -16.40 -33.62 -22.52
CA VAL E 28 -16.11 -33.18 -23.89
C VAL E 28 -14.70 -33.74 -24.02
N ASP E 29 -14.55 -34.79 -24.84
CA ASP E 29 -13.31 -35.54 -24.98
C ASP E 29 -12.98 -36.15 -23.63
N ASP E 30 -11.76 -35.90 -23.10
CA ASP E 30 -11.28 -36.42 -21.80
C ASP E 30 -11.38 -35.38 -20.66
N THR E 31 -12.23 -34.34 -20.88
CA THR E 31 -12.45 -33.24 -19.94
C THR E 31 -13.85 -33.23 -19.34
N GLN E 32 -13.94 -33.41 -17.99
CA GLN E 32 -15.20 -33.38 -17.28
C GLN E 32 -15.64 -31.94 -17.19
N PHE E 33 -16.92 -31.66 -17.57
CA PHE E 33 -17.45 -30.30 -17.50
C PHE E 33 -18.63 -30.16 -16.56
N VAL E 34 -19.23 -31.28 -16.15
CA VAL E 34 -20.41 -31.22 -15.29
C VAL E 34 -20.52 -32.43 -14.43
N ARG E 35 -21.17 -32.29 -13.26
CA ARG E 35 -21.50 -33.40 -12.37
C ARG E 35 -22.89 -33.23 -11.80
N PHE E 36 -23.46 -34.30 -11.27
CA PHE E 36 -24.74 -34.29 -10.56
C PHE E 36 -24.77 -35.47 -9.60
N ASP E 37 -24.93 -35.22 -8.31
CA ASP E 37 -25.07 -36.34 -7.37
C ASP E 37 -26.33 -36.15 -6.53
N SER E 38 -27.33 -37.03 -6.72
CA SER E 38 -28.62 -37.02 -5.99
C SER E 38 -28.46 -37.01 -4.47
N ASP E 39 -27.28 -37.43 -3.95
CA ASP E 39 -26.99 -37.47 -2.52
C ASP E 39 -26.44 -36.17 -1.93
N ALA E 40 -26.17 -35.18 -2.77
CA ALA E 40 -25.69 -33.86 -2.35
C ALA E 40 -26.77 -33.17 -1.50
N ALA E 41 -26.34 -32.18 -0.67
CA ALA E 41 -27.18 -31.36 0.21
C ALA E 41 -28.36 -30.74 -0.56
N SER E 42 -28.04 -29.97 -1.63
CA SER E 42 -29.01 -29.40 -2.55
C SER E 42 -28.54 -29.87 -3.93
N PRO E 43 -29.02 -31.05 -4.37
CA PRO E 43 -28.54 -31.61 -5.64
C PRO E 43 -28.78 -30.66 -6.80
N ARG E 44 -27.67 -30.21 -7.41
CA ARG E 44 -27.62 -29.30 -8.55
C ARG E 44 -26.60 -29.81 -9.58
N GLY E 45 -26.82 -29.47 -10.87
CA GLY E 45 -25.82 -29.65 -11.92
C GLY E 45 -24.74 -28.63 -11.61
N GLU E 46 -23.53 -29.09 -11.43
CA GLU E 46 -22.40 -28.24 -11.06
C GLU E 46 -21.35 -28.20 -12.14
N PRO E 47 -20.82 -27.00 -12.48
CA PRO E 47 -19.75 -26.93 -13.50
C PRO E 47 -18.47 -27.57 -12.99
N ARG E 48 -17.71 -28.21 -13.89
CA ARG E 48 -16.42 -28.87 -13.56
C ARG E 48 -15.29 -28.41 -14.49
N ALA E 49 -15.62 -27.51 -15.45
CA ALA E 49 -14.74 -26.90 -16.41
C ALA E 49 -15.02 -25.41 -16.53
N PRO E 50 -14.01 -24.55 -16.73
CA PRO E 50 -14.27 -23.10 -16.84
C PRO E 50 -15.18 -22.65 -17.99
N TRP E 51 -15.16 -23.36 -19.13
CA TRP E 51 -15.92 -22.99 -20.33
C TRP E 51 -17.47 -23.20 -20.24
N VAL E 52 -17.99 -23.80 -19.17
CA VAL E 52 -19.45 -23.93 -18.98
C VAL E 52 -19.89 -23.01 -17.84
N GLU E 53 -18.91 -22.52 -17.03
CA GLU E 53 -19.16 -21.63 -15.90
C GLU E 53 -19.89 -20.34 -16.33
N GLN E 54 -19.57 -19.82 -17.52
CA GLN E 54 -20.15 -18.57 -18.03
C GLN E 54 -21.49 -18.73 -18.72
N GLU E 55 -22.09 -19.94 -18.71
CA GLU E 55 -23.39 -20.20 -19.36
C GLU E 55 -24.58 -19.49 -18.68
N GLY E 56 -24.43 -19.10 -17.43
CA GLY E 56 -25.47 -18.35 -16.72
C GLY E 56 -26.38 -19.19 -15.84
N PRO E 57 -27.39 -18.57 -15.20
CA PRO E 57 -28.25 -19.32 -14.27
C PRO E 57 -29.37 -20.12 -14.91
N GLU E 58 -30.01 -19.60 -15.99
CA GLU E 58 -31.10 -20.29 -16.69
C GLU E 58 -30.62 -21.59 -17.29
N TYR E 59 -29.36 -21.63 -17.81
CA TYR E 59 -28.80 -22.86 -18.36
C TYR E 59 -28.63 -23.94 -17.25
N TRP E 60 -28.05 -23.55 -16.10
CA TRP E 60 -27.80 -24.41 -14.96
C TRP E 60 -29.06 -24.86 -14.27
N ASP E 61 -30.09 -24.01 -14.21
CA ASP E 61 -31.38 -24.39 -13.63
C ASP E 61 -32.05 -25.45 -14.51
N ARG E 62 -31.88 -25.33 -15.84
CA ARG E 62 -32.48 -26.22 -16.83
C ARG E 62 -31.81 -27.58 -16.77
N GLU E 63 -30.49 -27.60 -16.65
CA GLU E 63 -29.74 -28.85 -16.55
C GLU E 63 -30.10 -29.56 -15.25
N THR E 64 -30.19 -28.81 -14.15
CA THR E 64 -30.53 -29.30 -12.81
C THR E 64 -31.83 -30.04 -12.83
N GLN E 65 -32.84 -29.45 -13.48
CA GLN E 65 -34.16 -30.02 -13.68
C GLN E 65 -34.14 -31.28 -14.52
N LYS E 66 -33.29 -31.34 -15.54
CA LYS E 66 -33.17 -32.53 -16.39
C LYS E 66 -32.64 -33.68 -15.59
N TYR E 67 -31.63 -33.41 -14.74
CA TYR E 67 -31.02 -34.39 -13.83
C TYR E 67 -32.03 -34.87 -12.76
N LYS E 68 -32.70 -33.93 -12.06
CA LYS E 68 -33.67 -34.24 -11.00
C LYS E 68 -34.78 -35.20 -11.50
N ARG E 69 -35.29 -34.93 -12.72
CA ARG E 69 -36.34 -35.74 -13.34
C ARG E 69 -35.85 -37.08 -13.76
N GLN E 70 -34.62 -37.17 -14.33
CA GLN E 70 -34.04 -38.45 -14.71
C GLN E 70 -33.69 -39.26 -13.47
N ALA E 71 -33.27 -38.61 -12.37
CA ALA E 71 -32.97 -39.31 -11.10
C ALA E 71 -34.24 -39.98 -10.66
N GLN E 72 -35.35 -39.24 -10.68
CA GLN E 72 -36.66 -39.77 -10.32
C GLN E 72 -37.10 -40.96 -11.20
N ALA E 73 -36.93 -40.84 -12.50
CA ALA E 73 -37.31 -41.84 -13.47
C ALA E 73 -36.53 -43.13 -13.29
N ASP E 74 -35.20 -43.03 -13.09
CA ASP E 74 -34.33 -44.18 -12.81
C ASP E 74 -34.75 -44.92 -11.52
N ARG E 75 -35.27 -44.22 -10.53
CA ARG E 75 -35.85 -44.81 -9.32
C ARG E 75 -36.98 -45.81 -9.77
N VAL E 76 -37.87 -45.40 -10.69
CA VAL E 76 -38.95 -46.26 -11.22
C VAL E 76 -38.34 -47.38 -12.07
N ASN E 77 -37.41 -46.99 -12.97
CA ASN E 77 -36.70 -47.88 -13.89
C ASN E 77 -36.11 -49.07 -13.12
N LEU E 78 -35.39 -48.83 -11.98
CA LEU E 78 -34.75 -49.85 -11.16
C LEU E 78 -35.76 -50.82 -10.56
N ARG E 79 -36.98 -50.34 -10.25
CA ARG E 79 -38.08 -51.15 -9.72
C ARG E 79 -38.66 -52.04 -10.83
N LYS E 80 -38.76 -51.47 -12.06
CA LYS E 80 -39.21 -52.18 -13.25
C LYS E 80 -38.24 -53.31 -13.61
N LEU E 81 -36.93 -53.01 -13.60
CA LEU E 81 -35.87 -53.94 -13.98
C LEU E 81 -35.80 -55.11 -13.04
N ARG E 82 -36.02 -54.89 -11.72
CA ARG E 82 -36.06 -55.93 -10.69
C ARG E 82 -37.15 -56.93 -11.07
N GLY E 83 -38.31 -56.39 -11.45
CA GLY E 83 -39.46 -57.16 -11.89
C GLY E 83 -39.22 -57.99 -13.15
N TYR E 84 -38.59 -57.36 -14.18
CA TYR E 84 -38.28 -57.99 -15.47
C TYR E 84 -37.38 -59.21 -15.29
N TYR E 85 -36.35 -59.07 -14.43
CA TYR E 85 -35.40 -60.15 -14.14
C TYR E 85 -35.83 -61.09 -13.02
N ASN E 86 -36.98 -60.75 -12.37
CA ASN E 86 -37.55 -61.52 -11.25
C ASN E 86 -36.55 -61.60 -10.11
N GLN E 87 -35.98 -60.47 -9.75
CA GLN E 87 -34.99 -60.41 -8.67
C GLN E 87 -35.60 -60.11 -7.30
N SER E 88 -34.87 -60.41 -6.25
CA SER E 88 -35.37 -60.19 -4.93
C SER E 88 -35.43 -58.71 -4.64
N GLU E 89 -36.31 -58.31 -3.71
CA GLU E 89 -36.40 -56.90 -3.37
C GLU E 89 -35.30 -56.51 -2.38
N ASP E 90 -34.52 -57.48 -1.84
CA ASP E 90 -33.41 -57.29 -0.88
C ASP E 90 -32.13 -56.70 -1.50
N GLY E 91 -31.80 -57.09 -2.74
CA GLY E 91 -30.57 -56.72 -3.40
C GLY E 91 -30.49 -55.37 -4.07
N SER E 92 -29.27 -54.82 -4.07
CA SER E 92 -28.83 -53.58 -4.69
C SER E 92 -28.49 -53.86 -6.17
N HIS E 93 -28.95 -53.01 -7.06
CA HIS E 93 -28.72 -53.18 -8.50
C HIS E 93 -28.25 -51.90 -9.13
N THR E 94 -27.60 -52.00 -10.31
CA THR E 94 -27.04 -50.85 -11.02
C THR E 94 -27.66 -50.72 -12.44
N LEU E 95 -28.13 -49.52 -12.78
CA LEU E 95 -28.55 -49.16 -14.12
C LEU E 95 -27.60 -48.02 -14.55
N GLN E 96 -26.95 -48.16 -15.72
CA GLN E 96 -25.99 -47.20 -16.28
C GLN E 96 -26.43 -46.78 -17.65
N TRP E 97 -26.33 -45.49 -17.94
CA TRP E 97 -26.68 -44.91 -19.24
C TRP E 97 -25.47 -44.21 -19.80
N MET E 98 -25.29 -44.31 -21.12
CA MET E 98 -24.20 -43.69 -21.84
C MET E 98 -24.72 -43.16 -23.16
N TYR E 99 -24.65 -41.86 -23.33
CA TYR E 99 -25.08 -41.25 -24.56
C TYR E 99 -24.22 -40.09 -24.96
N GLY E 100 -24.25 -39.79 -26.26
CA GLY E 100 -23.50 -38.68 -26.78
C GLY E 100 -23.29 -38.76 -28.26
N CYS E 101 -22.45 -37.84 -28.76
CA CYS E 101 -22.13 -37.63 -30.16
C CYS E 101 -20.66 -37.40 -30.38
N ASP E 102 -20.17 -37.86 -31.54
CA ASP E 102 -18.81 -37.66 -32.05
C ASP E 102 -18.98 -36.67 -33.18
N LEU E 103 -18.17 -35.60 -33.23
CA LEU E 103 -18.21 -34.56 -34.27
C LEU E 103 -17.38 -34.95 -35.49
N GLY E 104 -17.95 -34.74 -36.68
CA GLY E 104 -17.32 -35.06 -37.96
C GLY E 104 -16.61 -33.89 -38.61
N PRO E 105 -15.85 -34.12 -39.70
CA PRO E 105 -15.13 -33.01 -40.33
C PRO E 105 -16.05 -31.90 -40.82
N ASP E 106 -17.21 -32.27 -41.40
CA ASP E 106 -18.26 -31.40 -41.96
C ASP E 106 -18.97 -30.47 -40.93
N GLY E 107 -18.67 -30.67 -39.64
CA GLY E 107 -19.27 -29.91 -38.55
C GLY E 107 -20.58 -30.52 -38.08
N ARG E 108 -20.95 -31.66 -38.71
CA ARG E 108 -22.14 -32.46 -38.44
C ARG E 108 -21.75 -33.73 -37.64
N LEU E 109 -22.74 -34.50 -37.21
CA LEU E 109 -22.56 -35.76 -36.50
C LEU E 109 -21.77 -36.80 -37.31
N LEU E 110 -20.89 -37.51 -36.63
CA LEU E 110 -20.08 -38.59 -37.18
C LEU E 110 -20.66 -39.93 -36.67
N ARG E 111 -21.01 -39.99 -35.34
CA ARG E 111 -21.56 -41.18 -34.69
C ARG E 111 -22.34 -40.78 -33.45
N GLY E 112 -23.50 -41.38 -33.28
CA GLY E 112 -24.36 -41.17 -32.13
C GLY E 112 -24.39 -42.41 -31.26
N TYR E 113 -24.50 -42.19 -29.95
CA TYR E 113 -24.53 -43.27 -28.95
C TYR E 113 -25.69 -43.08 -27.96
N ASP E 114 -26.32 -44.22 -27.56
CA ASP E 114 -27.42 -44.34 -26.59
C ASP E 114 -27.46 -45.79 -26.09
N GLN E 115 -26.66 -46.09 -25.07
CA GLN E 115 -26.53 -47.45 -24.57
C GLN E 115 -26.79 -47.55 -23.08
N SER E 116 -27.08 -48.77 -22.61
CA SER E 116 -27.42 -49.06 -21.23
C SER E 116 -26.92 -50.41 -20.76
N ALA E 117 -26.64 -50.48 -19.48
CA ALA E 117 -26.20 -51.72 -18.85
C ALA E 117 -26.97 -51.87 -17.57
N TYR E 118 -27.35 -53.09 -17.26
CA TYR E 118 -27.99 -53.41 -16.00
C TYR E 118 -27.12 -54.44 -15.33
N ASP E 119 -26.63 -54.10 -14.14
CA ASP E 119 -25.73 -54.92 -13.37
C ASP E 119 -24.47 -55.30 -14.16
N GLY E 120 -23.92 -54.28 -14.84
CA GLY E 120 -22.69 -54.36 -15.62
C GLY E 120 -22.73 -55.20 -16.88
N LYS E 121 -23.94 -55.53 -17.39
CA LYS E 121 -24.14 -56.31 -18.61
C LYS E 121 -25.01 -55.48 -19.55
N ASP E 122 -24.65 -55.43 -20.86
CA ASP E 122 -25.42 -54.68 -21.87
C ASP E 122 -26.90 -55.00 -21.75
N TYR E 123 -27.71 -53.95 -21.69
CA TYR E 123 -29.14 -54.07 -21.58
C TYR E 123 -29.79 -53.78 -22.94
N ILE E 124 -29.81 -52.53 -23.38
CA ILE E 124 -30.35 -52.15 -24.69
C ILE E 124 -29.54 -50.99 -25.29
N ALA E 125 -29.19 -51.08 -26.58
CA ALA E 125 -28.44 -50.02 -27.23
C ALA E 125 -29.06 -49.53 -28.55
N LEU E 126 -28.91 -48.25 -28.88
CA LEU E 126 -29.36 -47.69 -30.15
C LEU E 126 -28.30 -48.06 -31.17
N ASN E 127 -28.71 -48.64 -32.32
CA ASN E 127 -27.79 -49.04 -33.40
C ASN E 127 -27.16 -47.82 -34.10
N GLU E 128 -25.99 -47.99 -34.76
CA GLU E 128 -25.28 -46.89 -35.44
C GLU E 128 -26.21 -46.13 -36.38
N ASP E 129 -27.21 -46.82 -37.00
CA ASP E 129 -28.18 -46.22 -37.92
C ASP E 129 -29.14 -45.22 -37.24
N LEU E 130 -29.22 -45.24 -35.89
CA LEU E 130 -30.08 -44.39 -35.04
C LEU E 130 -31.55 -44.56 -35.34
N ARG E 131 -31.92 -45.71 -35.95
CA ARG E 131 -33.30 -46.05 -36.31
C ARG E 131 -33.79 -47.32 -35.61
N SER E 132 -32.89 -48.09 -35.00
CA SER E 132 -33.23 -49.37 -34.38
C SER E 132 -32.42 -49.66 -33.12
N TRP E 133 -32.82 -50.73 -32.42
CA TRP E 133 -32.26 -51.15 -31.14
C TRP E 133 -31.74 -52.56 -31.13
N THR E 134 -30.72 -52.78 -30.25
CA THR E 134 -30.14 -54.09 -29.94
C THR E 134 -30.44 -54.40 -28.48
N ALA E 135 -31.36 -55.34 -28.24
CA ALA E 135 -31.77 -55.81 -26.92
C ALA E 135 -30.95 -57.05 -26.64
N ALA E 136 -30.15 -57.00 -25.58
CA ALA E 136 -29.20 -58.07 -25.24
C ALA E 136 -29.81 -59.36 -24.67
N ASP E 137 -31.05 -59.30 -24.14
CA ASP E 137 -31.74 -60.46 -23.54
C ASP E 137 -33.27 -60.33 -23.54
N THR E 138 -33.95 -61.39 -23.04
CA THR E 138 -35.42 -61.47 -22.97
C THR E 138 -36.04 -60.31 -22.21
N ALA E 139 -35.37 -59.82 -21.15
CA ALA E 139 -35.90 -58.73 -20.33
C ALA E 139 -35.79 -57.42 -21.06
N ALA E 140 -34.72 -57.21 -21.84
CA ALA E 140 -34.49 -55.99 -22.59
C ALA E 140 -35.42 -55.86 -23.75
N GLN E 141 -35.92 -56.99 -24.28
CA GLN E 141 -36.81 -56.88 -25.42
C GLN E 141 -38.20 -56.41 -24.96
N ILE E 142 -38.44 -56.36 -23.62
CA ILE E 142 -39.67 -55.73 -23.07
C ILE E 142 -39.56 -54.20 -23.29
N THR E 143 -38.40 -53.60 -22.96
CA THR E 143 -38.09 -52.18 -23.19
C THR E 143 -38.16 -51.89 -24.70
N GLN E 144 -37.45 -52.69 -25.53
CA GLN E 144 -37.48 -52.55 -26.98
C GLN E 144 -38.88 -52.52 -27.57
N ARG E 145 -39.78 -53.44 -27.18
CA ARG E 145 -41.16 -53.47 -27.65
C ARG E 145 -41.84 -52.12 -27.30
N LYS E 146 -41.58 -51.60 -26.06
CA LYS E 146 -42.09 -50.33 -25.55
C LYS E 146 -41.62 -49.16 -26.43
N TRP E 147 -40.29 -49.10 -26.66
CA TRP E 147 -39.62 -48.06 -27.43
C TRP E 147 -39.92 -48.10 -28.92
N GLU E 148 -40.28 -49.29 -29.45
CA GLU E 148 -40.63 -49.40 -30.87
C GLU E 148 -42.00 -48.78 -31.05
N ALA E 149 -42.92 -49.06 -30.09
CA ALA E 149 -44.29 -48.56 -30.10
C ALA E 149 -44.32 -47.04 -29.89
N ALA E 150 -43.55 -46.56 -28.89
CA ALA E 150 -43.42 -45.15 -28.53
C ALA E 150 -42.65 -44.35 -29.59
N ARG E 151 -41.99 -45.08 -30.53
CA ARG E 151 -41.13 -44.59 -31.61
C ARG E 151 -40.05 -43.67 -31.04
N GLU E 152 -39.34 -44.18 -30.01
CA GLU E 152 -38.27 -43.49 -29.29
C GLU E 152 -37.05 -43.23 -30.12
N ALA E 153 -36.66 -44.18 -31.01
CA ALA E 153 -35.40 -43.95 -31.76
C ALA E 153 -35.45 -42.64 -32.53
N GLU E 154 -36.60 -42.31 -33.16
CA GLU E 154 -36.83 -41.05 -33.86
C GLU E 154 -36.51 -39.80 -32.98
N GLN E 155 -36.75 -39.89 -31.68
CA GLN E 155 -36.56 -38.84 -30.69
C GLN E 155 -35.11 -38.51 -30.44
N TRP E 156 -34.32 -39.58 -30.29
CA TRP E 156 -32.90 -39.68 -30.06
C TRP E 156 -32.10 -39.29 -31.28
N ARG E 157 -32.51 -39.77 -32.47
CA ARG E 157 -31.90 -39.44 -33.77
C ARG E 157 -31.92 -37.90 -33.90
N ALA E 158 -33.06 -37.24 -33.55
CA ALA E 158 -33.20 -35.79 -33.58
C ALA E 158 -32.24 -35.08 -32.57
N TYR E 159 -32.09 -35.65 -31.35
CA TYR E 159 -31.18 -35.07 -30.37
C TYR E 159 -29.72 -35.20 -30.79
N LEU E 160 -29.29 -36.44 -31.11
CA LEU E 160 -27.91 -36.76 -31.43
C LEU E 160 -27.44 -36.05 -32.68
N GLU E 161 -28.29 -35.91 -33.70
CA GLU E 161 -27.96 -35.23 -34.96
C GLU E 161 -27.99 -33.72 -34.87
N GLY E 162 -28.93 -33.20 -34.10
CA GLY E 162 -29.11 -31.76 -33.93
C GLY E 162 -28.56 -31.19 -32.65
N THR E 163 -29.37 -31.22 -31.57
CA THR E 163 -29.05 -30.65 -30.26
C THR E 163 -27.65 -31.03 -29.69
N CYS E 164 -27.31 -32.32 -29.64
CA CYS E 164 -26.04 -32.80 -29.11
C CYS E 164 -24.86 -32.11 -29.80
N VAL E 165 -24.84 -32.15 -31.13
CA VAL E 165 -23.78 -31.59 -31.97
C VAL E 165 -23.60 -30.09 -31.72
N GLU E 166 -24.72 -29.35 -31.67
CA GLU E 166 -24.69 -27.91 -31.47
C GLU E 166 -24.09 -27.51 -30.10
N TRP E 167 -24.39 -28.29 -29.04
CA TRP E 167 -23.79 -28.02 -27.75
C TRP E 167 -22.31 -28.29 -27.76
N LEU E 168 -21.93 -29.46 -28.30
CA LEU E 168 -20.53 -29.86 -28.47
C LEU E 168 -19.74 -28.76 -29.19
N ARG E 169 -20.29 -28.28 -30.31
CA ARG E 169 -19.67 -27.24 -31.09
C ARG E 169 -19.46 -25.97 -30.28
N ARG E 170 -20.47 -25.60 -29.47
CA ARG E 170 -20.46 -24.45 -28.56
C ARG E 170 -19.36 -24.63 -27.48
N TYR E 171 -19.35 -25.79 -26.79
CA TYR E 171 -18.38 -26.11 -25.76
C TYR E 171 -16.94 -26.03 -26.28
N LEU E 172 -16.69 -26.55 -27.50
CA LEU E 172 -15.40 -26.51 -28.16
C LEU E 172 -14.92 -25.09 -28.52
N GLU E 173 -15.85 -24.14 -28.85
CA GLU E 173 -15.40 -22.74 -29.09
C GLU E 173 -15.10 -22.07 -27.72
N ASN E 174 -16.04 -22.23 -26.73
CA ASN E 174 -15.89 -21.65 -25.39
C ASN E 174 -14.57 -22.02 -24.72
N GLY E 175 -14.13 -23.26 -24.91
CA GLY E 175 -12.87 -23.72 -24.33
C GLY E 175 -11.83 -24.11 -25.35
N LYS E 176 -11.77 -23.42 -26.52
CA LYS E 176 -10.84 -23.78 -27.59
C LYS E 176 -9.38 -23.79 -27.16
N GLU E 177 -9.02 -22.91 -26.21
CA GLU E 177 -7.67 -22.76 -25.67
C GLU E 177 -7.21 -23.96 -24.87
N THR E 178 -8.15 -24.78 -24.40
CA THR E 178 -7.87 -25.97 -23.59
C THR E 178 -8.28 -27.27 -24.26
N LEU E 179 -9.53 -27.32 -24.78
CA LEU E 179 -10.17 -28.46 -25.42
C LEU E 179 -9.61 -28.81 -26.76
N GLN E 180 -9.26 -27.78 -27.57
CA GLN E 180 -8.75 -27.96 -28.94
C GLN E 180 -7.22 -27.89 -29.04
N ARG E 181 -6.55 -27.77 -27.87
CA ARG E 181 -5.09 -27.74 -27.77
C ARG E 181 -4.63 -29.00 -27.07
N ALA E 182 -3.76 -29.73 -27.75
CA ALA E 182 -3.22 -30.97 -27.21
C ALA E 182 -1.93 -30.64 -26.51
N GLU E 183 -1.64 -31.37 -25.41
CA GLU E 183 -0.40 -31.23 -24.64
C GLU E 183 0.43 -32.46 -24.94
N HIS E 184 1.59 -32.29 -25.58
CA HIS E 184 2.46 -33.40 -25.93
C HIS E 184 2.96 -34.09 -24.65
N PRO E 185 3.23 -35.43 -24.67
CA PRO E 185 3.76 -36.04 -23.45
C PRO E 185 5.22 -35.66 -23.20
N LYS E 186 5.58 -35.50 -21.92
CA LYS E 186 6.96 -35.24 -21.51
C LYS E 186 7.49 -36.65 -21.28
N THR E 187 8.48 -37.05 -22.09
CA THR E 187 9.03 -38.41 -22.13
C THR E 187 10.49 -38.52 -21.71
N HIS E 188 10.82 -39.64 -21.05
CA HIS E 188 12.15 -39.98 -20.61
C HIS E 188 12.20 -41.47 -20.30
N VAL E 189 13.40 -42.03 -20.28
CA VAL E 189 13.65 -43.43 -19.98
C VAL E 189 14.42 -43.55 -18.65
N THR E 190 14.00 -44.47 -17.80
CA THR E 190 14.71 -44.78 -16.56
C THR E 190 15.23 -46.22 -16.64
N HIS E 191 16.26 -46.50 -15.88
CA HIS E 191 16.91 -47.80 -15.85
C HIS E 191 16.96 -48.32 -14.42
N HIS E 192 16.44 -49.53 -14.20
CA HIS E 192 16.36 -50.15 -12.87
C HIS E 192 16.86 -51.58 -12.91
N PRO E 193 18.12 -51.86 -12.47
CA PRO E 193 18.59 -53.28 -12.43
C PRO E 193 17.69 -54.20 -11.61
N VAL E 194 17.40 -55.40 -12.16
CA VAL E 194 16.48 -56.35 -11.52
C VAL E 194 17.20 -57.57 -11.03
N SER E 195 18.35 -57.85 -11.64
CA SER E 195 19.20 -58.98 -11.31
C SER E 195 20.63 -58.66 -11.66
N ASP E 196 21.51 -59.67 -11.52
CA ASP E 196 22.91 -59.62 -11.82
C ASP E 196 23.14 -59.51 -13.34
N HIS E 197 22.13 -59.81 -14.17
CA HIS E 197 22.36 -59.77 -15.62
C HIS E 197 21.26 -59.08 -16.42
N GLU E 198 20.25 -58.55 -15.74
CA GLU E 198 19.11 -57.88 -16.37
C GLU E 198 18.80 -56.56 -15.71
N ALA E 199 18.06 -55.71 -16.45
CA ALA E 199 17.64 -54.40 -16.01
C ALA E 199 16.27 -54.05 -16.62
N THR E 200 15.42 -53.33 -15.88
CA THR E 200 14.17 -52.84 -16.42
C THR E 200 14.44 -51.48 -17.03
N LEU E 201 14.01 -51.29 -18.29
CA LEU E 201 14.04 -50.02 -18.98
C LEU E 201 12.59 -49.57 -18.98
N ARG E 202 12.24 -48.50 -18.28
CA ARG E 202 10.89 -47.96 -18.19
C ARG E 202 10.85 -46.67 -18.98
N CYS E 203 9.96 -46.61 -19.97
CA CYS E 203 9.68 -45.47 -20.81
C CYS E 203 8.49 -44.70 -20.21
N TRP E 204 8.67 -43.40 -19.90
CA TRP E 204 7.61 -42.60 -19.31
C TRP E 204 7.01 -41.58 -20.23
N ALA E 205 5.68 -41.37 -20.13
CA ALA E 205 4.96 -40.36 -20.87
C ALA E 205 4.13 -39.65 -19.85
N LEU E 206 4.43 -38.38 -19.60
CA LEU E 206 3.75 -37.61 -18.55
C LEU E 206 3.10 -36.30 -19.03
N GLY E 207 2.06 -35.85 -18.30
CA GLY E 207 1.38 -34.57 -18.51
C GLY E 207 0.85 -34.31 -19.91
N PHE E 208 0.26 -35.35 -20.53
CA PHE E 208 -0.32 -35.28 -21.86
C PHE E 208 -1.83 -35.22 -21.83
N TYR E 209 -2.39 -34.55 -22.83
CA TYR E 209 -3.83 -34.42 -23.06
C TYR E 209 -4.02 -34.38 -24.58
N PRO E 210 -4.95 -35.19 -25.18
CA PRO E 210 -5.86 -36.16 -24.54
C PRO E 210 -5.17 -37.45 -24.10
N ALA E 211 -5.93 -38.36 -23.50
CA ALA E 211 -5.42 -39.60 -22.97
C ALA E 211 -4.88 -40.58 -24.01
N GLU E 212 -5.40 -40.55 -25.27
CA GLU E 212 -4.97 -41.47 -26.34
C GLU E 212 -3.51 -41.33 -26.60
N ILE E 213 -2.76 -42.43 -26.43
CA ILE E 213 -1.29 -42.50 -26.58
C ILE E 213 -0.87 -43.92 -26.93
N THR E 214 0.27 -44.04 -27.60
CA THR E 214 0.86 -45.33 -27.95
C THR E 214 2.30 -45.30 -27.52
N LEU E 215 2.64 -46.14 -26.53
CA LEU E 215 3.97 -46.36 -25.96
C LEU E 215 4.33 -47.80 -26.30
N THR E 216 5.37 -47.99 -27.10
CA THR E 216 5.85 -49.34 -27.49
C THR E 216 7.40 -49.39 -27.33
N TRP E 217 7.93 -50.59 -27.09
CA TRP E 217 9.35 -50.89 -27.00
C TRP E 217 9.67 -51.78 -28.18
N GLN E 218 10.81 -51.53 -28.81
CA GLN E 218 11.31 -52.32 -29.93
C GLN E 218 12.74 -52.76 -29.65
N ARG E 219 13.10 -54.00 -30.01
CA ARG E 219 14.49 -54.50 -29.88
C ARG E 219 14.98 -54.77 -31.32
N ASP E 220 15.99 -53.97 -31.76
CA ASP E 220 16.56 -54.00 -33.12
C ASP E 220 15.44 -53.67 -34.13
N GLY E 221 14.47 -52.85 -33.74
CA GLY E 221 13.37 -52.50 -34.61
C GLY E 221 12.25 -53.51 -34.60
N GLU E 222 12.41 -54.63 -33.88
CA GLU E 222 11.33 -55.60 -33.84
C GLU E 222 10.46 -55.38 -32.58
N ASP E 223 9.13 -55.31 -32.76
CA ASP E 223 8.19 -55.02 -31.66
C ASP E 223 8.26 -56.01 -30.50
N GLN E 224 8.38 -55.46 -29.29
CA GLN E 224 8.50 -56.22 -28.05
C GLN E 224 7.18 -56.22 -27.29
N THR E 225 6.09 -56.38 -28.02
CA THR E 225 4.71 -56.35 -27.51
C THR E 225 4.43 -57.46 -26.44
N GLN E 226 4.83 -58.72 -26.72
CA GLN E 226 4.65 -59.82 -25.77
C GLN E 226 5.50 -59.67 -24.49
N ASP E 227 6.61 -58.88 -24.52
CA ASP E 227 7.52 -58.71 -23.38
C ASP E 227 7.45 -57.37 -22.65
N THR E 228 6.47 -56.52 -23.00
CA THR E 228 6.29 -55.21 -22.40
C THR E 228 5.21 -55.20 -21.34
N GLU E 229 5.55 -54.65 -20.16
CA GLU E 229 4.61 -54.35 -19.08
C GLU E 229 4.17 -52.94 -19.40
N LEU E 230 2.88 -52.77 -19.66
CA LEU E 230 2.29 -51.52 -20.06
C LEU E 230 1.16 -51.21 -19.10
N VAL E 231 1.35 -50.21 -18.22
CA VAL E 231 0.29 -49.83 -17.29
C VAL E 231 -0.84 -49.08 -18.01
N GLU E 232 -2.06 -49.08 -17.43
CA GLU E 232 -3.18 -48.36 -18.02
C GLU E 232 -2.94 -46.88 -17.90
N THR E 233 -3.38 -46.10 -18.91
CA THR E 233 -3.30 -44.64 -18.91
C THR E 233 -4.08 -44.16 -17.69
N ARG E 234 -3.39 -43.42 -16.84
CA ARG E 234 -3.93 -42.97 -15.55
C ARG E 234 -4.00 -41.44 -15.44
N PRO E 235 -5.02 -40.91 -14.75
CA PRO E 235 -5.09 -39.45 -14.58
C PRO E 235 -4.04 -38.93 -13.59
N ALA E 236 -3.36 -37.83 -13.94
CA ALA E 236 -2.40 -37.19 -13.05
C ALA E 236 -3.12 -36.47 -11.93
N GLY E 237 -4.39 -36.14 -12.16
CA GLY E 237 -5.26 -35.46 -11.18
C GLY E 237 -5.42 -33.99 -11.48
N ASP E 238 -4.77 -33.49 -12.55
CA ASP E 238 -4.79 -32.08 -12.96
C ASP E 238 -5.33 -31.89 -14.37
N GLY E 239 -6.00 -32.91 -14.89
CA GLY E 239 -6.55 -32.83 -16.25
C GLY E 239 -5.65 -33.43 -17.30
N THR E 240 -4.40 -33.76 -16.93
CA THR E 240 -3.43 -34.43 -17.81
C THR E 240 -3.33 -35.92 -17.45
N PHE E 241 -2.66 -36.70 -18.32
CA PHE E 241 -2.52 -38.15 -18.14
C PHE E 241 -1.09 -38.62 -18.07
N GLN E 242 -0.91 -39.86 -17.58
CA GLN E 242 0.38 -40.54 -17.43
C GLN E 242 0.30 -41.97 -17.93
N LYS E 243 1.43 -42.50 -18.39
CA LYS E 243 1.57 -43.88 -18.85
C LYS E 243 3.03 -44.22 -18.87
N TRP E 244 3.33 -45.53 -18.72
CA TRP E 244 4.67 -46.09 -18.86
C TRP E 244 4.64 -47.53 -19.42
N ALA E 245 5.66 -47.87 -20.21
CA ALA E 245 5.92 -49.18 -20.80
C ALA E 245 7.30 -49.56 -20.33
N ALA E 246 7.40 -50.73 -19.68
CA ALA E 246 8.68 -51.26 -19.19
C ALA E 246 8.99 -52.59 -19.86
N VAL E 247 10.29 -52.83 -20.09
CA VAL E 247 10.81 -54.06 -20.68
C VAL E 247 12.08 -54.49 -19.92
N VAL E 248 12.23 -55.80 -19.66
CA VAL E 248 13.37 -56.35 -18.94
C VAL E 248 14.40 -56.73 -19.97
N VAL E 249 15.53 -56.04 -19.96
CA VAL E 249 16.58 -56.18 -20.95
C VAL E 249 17.84 -56.80 -20.40
N PRO E 250 18.58 -57.60 -21.19
CA PRO E 250 19.86 -58.12 -20.69
C PRO E 250 20.85 -56.94 -20.53
N SER E 251 21.60 -56.90 -19.43
CA SER E 251 22.58 -55.83 -19.16
C SER E 251 23.65 -55.87 -20.25
N GLY E 252 23.88 -54.70 -20.83
CA GLY E 252 24.83 -54.54 -21.93
C GLY E 252 24.14 -54.45 -23.28
N GLU E 253 22.85 -54.78 -23.32
CA GLU E 253 22.09 -54.76 -24.56
C GLU E 253 21.10 -53.61 -24.68
N GLU E 254 21.19 -52.61 -23.79
CA GLU E 254 20.28 -51.46 -23.71
C GLU E 254 20.15 -50.69 -24.99
N GLN E 255 21.24 -50.55 -25.78
CA GLN E 255 21.17 -49.72 -26.99
C GLN E 255 20.33 -50.33 -28.12
N ARG E 256 20.02 -51.65 -28.02
CA ARG E 256 19.16 -52.38 -28.97
C ARG E 256 17.70 -51.94 -28.85
N TYR E 257 17.35 -51.38 -27.69
CA TYR E 257 15.99 -50.98 -27.36
C TYR E 257 15.69 -49.55 -27.65
N THR E 258 14.48 -49.32 -28.13
CA THR E 258 13.96 -48.01 -28.44
C THR E 258 12.51 -47.95 -28.05
N CYS E 259 12.14 -46.86 -27.41
CA CYS E 259 10.79 -46.58 -27.04
C CYS E 259 10.19 -45.67 -28.04
N HIS E 260 8.94 -45.95 -28.42
CA HIS E 260 8.24 -45.21 -29.45
C HIS E 260 6.99 -44.60 -28.92
N VAL E 261 6.87 -43.27 -29.07
CA VAL E 261 5.74 -42.50 -28.57
C VAL E 261 4.95 -41.89 -29.72
N GLN E 262 3.65 -42.08 -29.68
CA GLN E 262 2.69 -41.55 -30.64
C GLN E 262 1.62 -40.83 -29.83
N HIS E 263 1.45 -39.55 -30.12
CA HIS E 263 0.48 -38.67 -29.49
C HIS E 263 0.14 -37.48 -30.43
N GLU E 264 -1.11 -37.03 -30.37
CA GLU E 264 -1.71 -35.93 -31.13
C GLU E 264 -0.86 -34.65 -31.00
N GLY E 265 -0.33 -34.42 -29.79
CA GLY E 265 0.50 -33.26 -29.45
C GLY E 265 1.91 -33.27 -29.98
N LEU E 266 2.35 -34.42 -30.49
CA LEU E 266 3.69 -34.58 -31.08
C LEU E 266 3.65 -34.35 -32.58
N PRO E 267 4.50 -33.43 -33.09
CA PRO E 267 4.51 -33.14 -34.56
C PRO E 267 4.98 -34.33 -35.40
N GLU E 268 5.92 -35.10 -34.87
CA GLU E 268 6.49 -36.31 -35.46
C GLU E 268 6.60 -37.32 -34.28
N PRO E 269 6.45 -38.64 -34.52
CA PRO E 269 6.59 -39.59 -33.41
C PRO E 269 8.02 -39.57 -32.86
N LEU E 270 8.14 -39.86 -31.56
CA LEU E 270 9.40 -39.88 -30.84
C LEU E 270 9.94 -41.25 -30.83
N THR E 271 11.27 -41.31 -30.76
CA THR E 271 12.02 -42.52 -30.56
C THR E 271 12.97 -42.15 -29.44
N LEU E 272 12.88 -42.86 -28.33
CA LEU E 272 13.76 -42.61 -27.20
C LEU E 272 14.61 -43.82 -26.98
N ARG E 273 15.85 -43.57 -26.59
CA ARG E 273 16.86 -44.58 -26.27
C ARG E 273 17.37 -44.23 -24.88
N TRP E 274 17.78 -45.25 -24.11
CA TRP E 274 18.33 -45.03 -22.78
C TRP E 274 19.68 -44.20 -22.90
N MET F 1 -25.56 -60.78 -13.24
CA MET F 1 -24.80 -60.08 -12.22
C MET F 1 -23.26 -60.26 -12.37
N ILE F 2 -22.63 -59.23 -12.99
CA ILE F 2 -21.21 -59.12 -13.28
C ILE F 2 -20.56 -58.54 -12.04
N GLN F 3 -19.50 -59.22 -11.55
CA GLN F 3 -18.67 -58.74 -10.45
C GLN F 3 -17.22 -58.64 -10.97
N ARG F 4 -16.65 -57.45 -10.95
CA ARG F 4 -15.28 -57.26 -11.44
C ARG F 4 -14.40 -56.68 -10.34
N THR F 5 -13.22 -57.27 -10.17
CA THR F 5 -12.21 -56.87 -9.17
C THR F 5 -11.54 -55.53 -9.58
N PRO F 6 -11.37 -54.58 -8.62
CA PRO F 6 -10.73 -53.31 -8.99
C PRO F 6 -9.25 -53.50 -9.29
N LYS F 7 -8.76 -52.74 -10.29
CA LYS F 7 -7.34 -52.65 -10.64
C LYS F 7 -6.88 -51.42 -9.89
N ILE F 8 -5.73 -51.46 -9.23
CA ILE F 8 -5.24 -50.36 -8.40
C ILE F 8 -3.88 -49.85 -8.87
N GLN F 9 -3.67 -48.53 -8.88
CA GLN F 9 -2.40 -47.87 -9.19
C GLN F 9 -2.16 -46.73 -8.19
N VAL F 10 -1.04 -46.80 -7.47
CA VAL F 10 -0.64 -45.80 -6.47
C VAL F 10 0.58 -45.06 -7.01
N TYR F 11 0.43 -43.75 -7.18
CA TYR F 11 1.43 -42.90 -7.77
C TYR F 11 1.30 -41.44 -7.35
N SER F 12 2.25 -40.61 -7.75
CA SER F 12 2.25 -39.19 -7.44
C SER F 12 1.99 -38.43 -8.72
N ARG F 13 1.30 -37.28 -8.61
CA ARG F 13 0.98 -36.42 -9.76
C ARG F 13 2.27 -36.03 -10.48
N HIS F 14 3.27 -35.60 -9.72
CA HIS F 14 4.58 -35.17 -10.25
C HIS F 14 5.66 -36.10 -9.73
N PRO F 15 6.84 -36.20 -10.39
CA PRO F 15 7.90 -37.07 -9.84
C PRO F 15 8.30 -36.61 -8.44
N ALA F 16 8.33 -37.57 -7.51
CA ALA F 16 8.64 -37.36 -6.11
C ALA F 16 9.98 -36.67 -5.88
N GLU F 17 9.93 -35.61 -5.07
CA GLU F 17 11.08 -34.84 -4.60
C GLU F 17 10.83 -34.71 -3.11
N ASN F 18 11.78 -35.17 -2.31
CA ASN F 18 11.71 -35.14 -0.85
C ASN F 18 11.64 -33.71 -0.35
N GLY F 19 10.63 -33.43 0.46
CA GLY F 19 10.42 -32.11 1.03
C GLY F 19 9.64 -31.14 0.17
N LYS F 20 9.12 -31.62 -0.98
CA LYS F 20 8.34 -30.80 -1.89
C LYS F 20 6.91 -31.27 -1.97
N SER F 21 5.97 -30.34 -1.81
CA SER F 21 4.55 -30.67 -1.89
C SER F 21 4.22 -31.24 -3.28
N ASN F 22 3.38 -32.29 -3.27
CA ASN F 22 2.95 -33.05 -4.42
C ASN F 22 1.56 -33.59 -4.08
N PHE F 23 1.02 -34.48 -4.93
CA PHE F 23 -0.27 -35.10 -4.71
C PHE F 23 -0.13 -36.61 -4.79
N LEU F 24 -0.72 -37.33 -3.82
CA LEU F 24 -0.73 -38.79 -3.77
C LEU F 24 -2.03 -39.28 -4.37
N ASN F 25 -1.95 -40.10 -5.40
CA ASN F 25 -3.09 -40.62 -6.13
C ASN F 25 -3.25 -42.13 -5.97
N CYS F 26 -4.52 -42.58 -5.97
CA CYS F 26 -4.89 -43.99 -5.98
C CYS F 26 -5.98 -44.11 -6.98
N TYR F 27 -5.64 -44.70 -8.11
CA TYR F 27 -6.56 -44.85 -9.22
C TYR F 27 -7.05 -46.27 -9.21
N VAL F 28 -8.33 -46.43 -8.89
CA VAL F 28 -9.06 -47.69 -8.89
C VAL F 28 -9.94 -47.72 -10.14
N SER F 29 -9.75 -48.72 -10.98
CA SER F 29 -10.51 -48.87 -12.20
C SER F 29 -10.98 -50.33 -12.42
N GLY F 30 -11.78 -50.53 -13.45
CA GLY F 30 -12.29 -51.83 -13.89
C GLY F 30 -13.18 -52.60 -12.94
N PHE F 31 -13.83 -51.91 -11.99
CA PHE F 31 -14.64 -52.63 -11.01
C PHE F 31 -16.12 -52.55 -11.27
N HIS F 32 -16.85 -53.48 -10.60
CA HIS F 32 -18.29 -53.61 -10.65
C HIS F 32 -18.74 -54.55 -9.55
N PRO F 33 -19.74 -54.19 -8.68
CA PRO F 33 -20.53 -52.93 -8.64
C PRO F 33 -19.73 -51.70 -8.20
N SER F 34 -20.36 -50.53 -8.16
CA SER F 34 -19.71 -49.25 -7.87
C SER F 34 -19.30 -49.02 -6.40
N ASP F 35 -19.91 -49.72 -5.42
CA ASP F 35 -19.54 -49.52 -4.02
C ASP F 35 -18.13 -49.99 -3.80
N ILE F 36 -17.26 -49.07 -3.40
CA ILE F 36 -15.86 -49.33 -3.12
C ILE F 36 -15.45 -48.47 -1.92
N GLU F 37 -14.46 -48.96 -1.16
CA GLU F 37 -13.87 -48.36 0.04
C GLU F 37 -12.39 -48.13 -0.25
N VAL F 38 -11.97 -46.87 -0.39
CA VAL F 38 -10.58 -46.55 -0.72
C VAL F 38 -9.95 -45.61 0.32
N ASP F 39 -8.80 -46.01 0.88
CA ASP F 39 -8.08 -45.20 1.87
C ASP F 39 -6.63 -45.04 1.46
N LEU F 40 -6.10 -43.83 1.66
CA LEU F 40 -4.69 -43.55 1.43
C LEU F 40 -4.08 -43.59 2.82
N LEU F 41 -3.00 -44.34 2.97
CA LEU F 41 -2.35 -44.52 4.26
C LEU F 41 -0.98 -43.89 4.28
N LYS F 42 -0.57 -43.41 5.47
CA LYS F 42 0.76 -42.89 5.75
C LYS F 42 1.23 -43.67 6.96
N ASN F 43 2.19 -44.59 6.74
CA ASN F 43 2.77 -45.48 7.75
C ASN F 43 1.67 -46.31 8.41
N GLY F 44 0.81 -46.89 7.58
CA GLY F 44 -0.31 -47.72 8.01
C GLY F 44 -1.52 -47.00 8.59
N GLU F 45 -1.39 -45.69 8.86
CA GLU F 45 -2.48 -44.86 9.42
C GLU F 45 -3.25 -44.16 8.29
N ARG F 46 -4.59 -44.21 8.34
CA ARG F 46 -5.48 -43.59 7.34
C ARG F 46 -5.29 -42.08 7.29
N ILE F 47 -5.12 -41.51 6.07
CA ILE F 47 -5.01 -40.07 5.84
C ILE F 47 -6.41 -39.52 5.84
N GLU F 48 -6.66 -38.48 6.62
CA GLU F 48 -7.97 -37.89 6.82
C GLU F 48 -8.53 -37.08 5.63
N LYS F 49 -7.83 -36.01 5.20
CA LYS F 49 -8.33 -35.12 4.13
C LYS F 49 -8.10 -35.71 2.71
N VAL F 50 -8.87 -36.76 2.34
CA VAL F 50 -8.74 -37.40 1.04
C VAL F 50 -9.99 -37.11 0.23
N GLU F 51 -9.80 -36.60 -0.99
CA GLU F 51 -10.87 -36.27 -1.92
C GLU F 51 -10.88 -37.31 -3.00
N HIS F 52 -12.00 -37.42 -3.74
CA HIS F 52 -12.08 -38.35 -4.85
C HIS F 52 -12.83 -37.79 -6.04
N SER F 53 -12.60 -38.38 -7.22
CA SER F 53 -13.27 -37.97 -8.45
C SER F 53 -14.74 -38.38 -8.42
N ASP F 54 -15.53 -37.91 -9.40
CA ASP F 54 -16.95 -38.27 -9.50
C ASP F 54 -17.02 -39.59 -10.27
N LEU F 55 -17.84 -40.52 -9.77
CA LEU F 55 -18.01 -41.84 -10.35
C LEU F 55 -18.34 -41.76 -11.82
N SER F 56 -17.53 -42.44 -12.60
CA SER F 56 -17.62 -42.54 -14.05
C SER F 56 -17.27 -43.98 -14.40
N PHE F 57 -17.35 -44.33 -15.69
CA PHE F 57 -17.06 -45.68 -16.14
C PHE F 57 -16.55 -45.69 -17.55
N SER F 58 -15.96 -46.81 -17.95
CA SER F 58 -15.37 -47.04 -19.27
C SER F 58 -16.39 -47.62 -20.27
N LYS F 59 -15.96 -47.86 -21.53
CA LYS F 59 -16.83 -48.42 -22.58
C LYS F 59 -17.40 -49.79 -22.13
N ASP F 60 -16.61 -50.56 -21.34
CA ASP F 60 -17.04 -51.88 -20.84
C ASP F 60 -17.95 -51.82 -19.63
N TRP F 61 -18.38 -50.60 -19.23
CA TRP F 61 -19.29 -50.33 -18.09
C TRP F 61 -18.64 -50.37 -16.71
N SER F 62 -17.41 -50.89 -16.61
CA SER F 62 -16.72 -50.97 -15.33
C SER F 62 -16.35 -49.56 -14.90
N PHE F 63 -16.37 -49.34 -13.59
CA PHE F 63 -16.15 -48.06 -12.95
C PHE F 63 -14.71 -47.71 -12.75
N TYR F 64 -14.47 -46.39 -12.51
CA TYR F 64 -13.17 -45.83 -12.17
C TYR F 64 -13.32 -44.61 -11.28
N LEU F 65 -12.43 -44.50 -10.29
CA LEU F 65 -12.36 -43.40 -9.35
C LEU F 65 -10.92 -43.03 -9.10
N LEU F 66 -10.67 -41.73 -8.84
CA LEU F 66 -9.33 -41.29 -8.48
C LEU F 66 -9.44 -40.68 -7.10
N TYR F 67 -8.74 -41.25 -6.11
CA TYR F 67 -8.64 -40.77 -4.73
C TYR F 67 -7.31 -40.09 -4.61
N TYR F 68 -7.28 -38.90 -4.02
CA TYR F 68 -6.07 -38.10 -3.94
C TYR F 68 -5.95 -37.23 -2.70
N THR F 69 -4.70 -36.90 -2.31
CA THR F 69 -4.40 -35.99 -1.20
C THR F 69 -3.09 -35.24 -1.43
N GLU F 70 -3.01 -34.00 -0.94
CA GLU F 70 -1.78 -33.23 -1.01
C GLU F 70 -0.83 -33.87 -0.01
N PHE F 71 0.42 -34.06 -0.39
CA PHE F 71 1.38 -34.66 0.53
C PHE F 71 2.78 -34.14 0.26
N THR F 72 3.65 -34.29 1.26
CA THR F 72 5.05 -33.91 1.15
C THR F 72 5.84 -35.18 1.43
N PRO F 73 6.31 -35.87 0.36
CA PRO F 73 7.06 -37.12 0.57
C PRO F 73 8.41 -36.88 1.24
N THR F 74 8.83 -37.85 2.05
CA THR F 74 10.13 -37.85 2.72
C THR F 74 10.70 -39.27 2.57
N GLU F 75 11.98 -39.47 2.98
CA GLU F 75 12.63 -40.79 2.90
C GLU F 75 11.97 -41.78 3.87
N LYS F 76 11.82 -41.37 5.15
CA LYS F 76 11.23 -42.16 6.23
C LYS F 76 9.82 -42.65 5.92
N ASP F 77 8.90 -41.71 5.56
CA ASP F 77 7.49 -41.95 5.30
C ASP F 77 7.21 -42.99 4.24
N GLU F 78 6.21 -43.85 4.53
CA GLU F 78 5.75 -44.96 3.70
C GLU F 78 4.27 -44.76 3.37
N TYR F 79 3.98 -44.56 2.10
CA TYR F 79 2.61 -44.36 1.67
C TYR F 79 2.03 -45.63 1.01
N ALA F 80 0.73 -45.79 1.11
CA ALA F 80 0.02 -46.94 0.56
C ALA F 80 -1.43 -46.59 0.26
N CYS F 81 -2.10 -47.47 -0.46
CA CYS F 81 -3.49 -47.35 -0.76
C CYS F 81 -4.17 -48.67 -0.37
N ARG F 82 -5.24 -48.59 0.42
CA ARG F 82 -5.97 -49.77 0.87
C ARG F 82 -7.39 -49.76 0.26
N VAL F 83 -7.70 -50.80 -0.51
CA VAL F 83 -8.96 -50.92 -1.23
C VAL F 83 -9.76 -52.13 -0.77
N ASN F 84 -11.08 -51.97 -0.63
CA ASN F 84 -12.01 -53.07 -0.31
C ASN F 84 -13.26 -52.98 -1.23
N HIS F 85 -13.70 -54.15 -1.65
CA HIS F 85 -14.76 -54.31 -2.59
C HIS F 85 -15.32 -55.70 -2.36
N VAL F 86 -16.57 -55.96 -2.76
CA VAL F 86 -17.18 -57.29 -2.57
C VAL F 86 -16.40 -58.41 -3.24
N THR F 87 -15.62 -58.12 -4.31
CA THR F 87 -14.83 -59.09 -5.06
C THR F 87 -13.60 -59.55 -4.27
N LEU F 88 -13.11 -58.69 -3.37
CA LEU F 88 -11.95 -58.97 -2.54
C LEU F 88 -12.35 -59.66 -1.23
N SER F 89 -11.68 -60.79 -0.89
CA SER F 89 -11.95 -61.52 0.37
C SER F 89 -11.47 -60.73 1.58
N GLN F 90 -10.48 -59.86 1.37
CA GLN F 90 -9.88 -59.00 2.38
C GLN F 90 -9.32 -57.74 1.69
N PRO F 91 -9.17 -56.60 2.44
CA PRO F 91 -8.65 -55.39 1.81
C PRO F 91 -7.29 -55.59 1.15
N LYS F 92 -7.14 -55.05 -0.07
CA LYS F 92 -5.89 -55.11 -0.83
C LYS F 92 -5.10 -53.84 -0.57
N ILE F 93 -3.84 -54.00 -0.15
CA ILE F 93 -2.96 -52.86 0.10
C ILE F 93 -1.85 -52.82 -0.95
N VAL F 94 -1.78 -51.68 -1.67
CA VAL F 94 -0.74 -51.45 -2.67
C VAL F 94 0.16 -50.33 -2.14
N LYS F 95 1.45 -50.65 -1.91
CA LYS F 95 2.42 -49.65 -1.44
C LYS F 95 2.78 -48.64 -2.56
N TRP F 96 3.07 -47.36 -2.21
CA TRP F 96 3.49 -46.42 -3.26
C TRP F 96 5.04 -46.58 -3.51
N ASP F 97 5.41 -46.74 -4.78
CA ASP F 97 6.79 -46.90 -5.25
C ASP F 97 7.04 -45.67 -6.12
N ARG F 98 7.98 -44.79 -5.71
CA ARG F 98 8.37 -43.55 -6.40
C ARG F 98 8.69 -43.80 -7.90
N ASP F 99 9.28 -44.99 -8.21
CA ASP F 99 9.73 -45.42 -9.54
C ASP F 99 8.62 -45.93 -10.48
N MET F 100 7.35 -45.92 -10.03
CA MET F 100 6.21 -46.44 -10.77
C MET F 100 4.96 -45.56 -10.83
N SER G 2 -25.23 31.66 30.11
CA SER G 2 -26.48 31.42 29.38
C SER G 2 -26.22 31.10 27.91
N HIS G 3 -27.15 30.32 27.30
CA HIS G 3 -27.14 29.87 25.91
C HIS G 3 -28.44 30.25 25.25
N SER G 4 -28.41 30.46 23.93
CA SER G 4 -29.60 30.85 23.17
C SER G 4 -29.67 30.23 21.80
N MET G 5 -30.89 30.14 21.25
CA MET G 5 -31.14 29.69 19.90
C MET G 5 -31.96 30.80 19.24
N ARG G 6 -31.51 31.30 18.09
CA ARG G 6 -32.19 32.37 17.36
C ARG G 6 -32.32 32.03 15.92
N TYR G 7 -33.45 32.42 15.32
CA TYR G 7 -33.71 32.32 13.90
C TYR G 7 -33.86 33.73 13.39
N PHE G 8 -33.22 33.99 12.23
CA PHE G 8 -33.21 35.28 11.54
C PHE G 8 -33.76 35.08 10.13
N ASP G 9 -35.00 35.51 9.89
CA ASP G 9 -35.63 35.40 8.58
C ASP G 9 -35.68 36.75 7.93
N THR G 10 -35.37 36.79 6.65
CA THR G 10 -35.40 38.00 5.84
C THR G 10 -36.11 37.71 4.53
N ALA G 11 -37.24 38.39 4.30
CA ALA G 11 -38.05 38.29 3.11
C ALA G 11 -37.98 39.66 2.41
N VAL G 12 -37.47 39.70 1.16
CA VAL G 12 -37.26 40.95 0.43
C VAL G 12 -37.95 40.84 -0.88
N SER G 13 -38.92 41.74 -1.12
CA SER G 13 -39.70 41.79 -2.36
C SER G 13 -38.82 42.22 -3.52
N ARG G 14 -39.12 41.74 -4.73
CA ARG G 14 -38.30 42.12 -5.88
C ARG G 14 -39.17 42.59 -7.01
N PRO G 15 -39.73 43.82 -6.93
CA PRO G 15 -40.66 44.27 -8.00
C PRO G 15 -40.02 44.39 -9.40
N GLY G 16 -40.57 43.61 -10.35
CA GLY G 16 -40.09 43.53 -11.73
C GLY G 16 -38.87 42.66 -11.93
N ARG G 17 -38.19 42.27 -10.83
CA ARG G 17 -36.99 41.45 -10.86
C ARG G 17 -37.22 40.08 -10.18
N GLY G 18 -38.39 39.50 -10.41
CA GLY G 18 -38.77 38.18 -9.91
C GLY G 18 -39.60 38.11 -8.64
N GLU G 19 -39.63 36.91 -8.01
CA GLU G 19 -40.36 36.65 -6.79
C GLU G 19 -39.52 36.94 -5.58
N PRO G 20 -40.15 37.41 -4.46
CA PRO G 20 -39.36 37.77 -3.28
C PRO G 20 -38.41 36.69 -2.78
N ARG G 21 -37.23 37.12 -2.32
CA ARG G 21 -36.20 36.24 -1.82
C ARG G 21 -36.42 36.05 -0.35
N PHE G 22 -36.29 34.80 0.11
CA PHE G 22 -36.38 34.46 1.52
C PHE G 22 -35.06 33.83 1.91
N ILE G 23 -34.37 34.43 2.90
CA ILE G 23 -33.11 33.93 3.44
C ILE G 23 -33.31 33.76 4.93
N SER G 24 -33.03 32.58 5.42
CA SER G 24 -33.13 32.31 6.85
C SER G 24 -31.84 31.64 7.36
N VAL G 25 -31.42 32.06 8.55
CA VAL G 25 -30.25 31.55 9.24
C VAL G 25 -30.61 31.27 10.71
N GLY G 26 -29.98 30.24 11.25
CA GLY G 26 -30.22 29.82 12.62
C GLY G 26 -28.91 29.74 13.34
N TYR G 27 -28.92 30.18 14.62
CA TYR G 27 -27.74 30.23 15.47
C TYR G 27 -28.02 29.62 16.80
N VAL G 28 -26.97 29.03 17.41
CA VAL G 28 -26.92 28.58 18.79
C VAL G 28 -25.76 29.43 19.31
N ASP G 29 -26.07 30.40 20.21
CA ASP G 29 -25.14 31.42 20.65
C ASP G 29 -24.61 32.15 19.38
N ASP G 30 -23.28 32.38 19.29
CA ASP G 30 -22.61 33.06 18.15
C ASP G 30 -22.19 32.07 17.02
N THR G 31 -22.89 30.89 16.92
CA THR G 31 -22.61 29.82 15.96
C THR G 31 -23.78 29.47 15.08
N GLN G 32 -23.65 29.76 13.76
CA GLN G 32 -24.66 29.49 12.74
C GLN G 32 -24.63 28.00 12.45
N PHE G 33 -25.83 27.35 12.43
CA PHE G 33 -25.99 25.90 12.21
C PHE G 33 -26.88 25.53 11.05
N VAL G 34 -27.66 26.48 10.55
CA VAL G 34 -28.62 26.23 9.49
C VAL G 34 -28.81 27.46 8.58
N ARG G 35 -28.94 27.23 7.28
CA ARG G 35 -29.22 28.25 6.26
C ARG G 35 -30.27 27.71 5.27
N PHE G 36 -31.06 28.64 4.73
CA PHE G 36 -32.06 28.38 3.72
C PHE G 36 -32.05 29.61 2.85
N ASP G 37 -31.93 29.40 1.56
CA ASP G 37 -31.94 30.50 0.59
C ASP G 37 -32.84 30.09 -0.55
N SER G 38 -33.99 30.77 -0.67
CA SER G 38 -34.96 30.52 -1.71
C SER G 38 -34.39 30.67 -3.13
N ASP G 39 -33.24 31.37 -3.29
CA ASP G 39 -32.58 31.57 -4.58
C ASP G 39 -31.58 30.48 -4.98
N ALA G 40 -31.33 29.52 -4.07
CA ALA G 40 -30.45 28.38 -4.33
C ALA G 40 -31.02 27.52 -5.48
N ALA G 41 -30.15 26.72 -6.14
CA ALA G 41 -30.48 25.83 -7.25
C ALA G 41 -31.65 24.89 -6.88
N SER G 42 -31.48 24.14 -5.77
CA SER G 42 -32.49 23.27 -5.20
C SER G 42 -32.62 23.74 -3.76
N PRO G 43 -33.49 24.74 -3.50
CA PRO G 43 -33.59 25.29 -2.13
C PRO G 43 -34.00 24.27 -1.08
N ARG G 44 -33.22 24.18 -0.02
CA ARG G 44 -33.53 23.31 1.11
C ARG G 44 -32.77 23.76 2.35
N GLY G 45 -33.14 23.22 3.51
CA GLY G 45 -32.49 23.52 4.78
C GLY G 45 -31.13 22.86 4.73
N GLU G 46 -30.06 23.66 4.86
CA GLU G 46 -28.69 23.15 4.80
C GLU G 46 -27.97 23.26 6.12
N PRO G 47 -27.25 22.19 6.57
CA PRO G 47 -26.47 22.32 7.81
C PRO G 47 -25.28 23.25 7.62
N ARG G 48 -24.92 24.01 8.66
CA ARG G 48 -23.79 24.96 8.67
C ARG G 48 -22.83 24.71 9.84
N ALA G 49 -23.16 23.69 10.67
CA ALA G 49 -22.39 23.25 11.84
C ALA G 49 -22.37 21.74 11.90
N PRO G 50 -21.26 21.12 12.35
CA PRO G 50 -21.19 19.64 12.39
C PRO G 50 -22.20 18.93 13.28
N TRP G 51 -22.62 19.57 14.39
CA TRP G 51 -23.52 18.97 15.37
C TRP G 51 -25.02 18.82 14.91
N VAL G 52 -25.40 19.37 13.73
CA VAL G 52 -26.76 19.17 13.15
C VAL G 52 -26.69 18.23 11.95
N GLU G 53 -25.47 18.00 11.42
CA GLU G 53 -25.24 17.13 10.29
C GLU G 53 -25.70 15.69 10.56
N GLN G 54 -25.53 15.21 11.83
CA GLN G 54 -25.89 13.85 12.24
C GLN G 54 -27.38 13.67 12.56
N GLU G 55 -28.21 14.72 12.38
CA GLU G 55 -29.67 14.61 12.52
C GLU G 55 -30.11 13.93 11.22
N GLY G 56 -31.09 13.03 11.27
CA GLY G 56 -31.49 12.25 10.09
C GLY G 56 -32.00 12.98 8.86
N PRO G 57 -32.21 12.23 7.74
CA PRO G 57 -32.82 12.85 6.54
C PRO G 57 -34.24 13.33 6.85
N GLU G 58 -34.94 12.62 7.79
CA GLU G 58 -36.30 12.92 8.28
C GLU G 58 -36.37 14.31 8.89
N TYR G 59 -35.34 14.69 9.69
CA TYR G 59 -35.18 16.01 10.31
C TYR G 59 -35.09 17.08 9.22
N TRP G 60 -34.11 16.92 8.28
CA TRP G 60 -33.81 17.87 7.21
C TRP G 60 -34.96 18.04 6.24
N ASP G 61 -35.69 16.96 5.92
CA ASP G 61 -36.88 17.03 5.05
C ASP G 61 -37.98 17.84 5.75
N ARG G 62 -38.15 17.62 7.07
CA ARG G 62 -39.14 18.32 7.91
C ARG G 62 -38.82 19.82 8.02
N GLU G 63 -37.54 20.18 8.22
CA GLU G 63 -37.12 21.57 8.30
C GLU G 63 -37.31 22.26 6.96
N THR G 64 -36.91 21.60 5.84
CA THR G 64 -37.04 22.12 4.47
C THR G 64 -38.49 22.47 4.19
N GLN G 65 -39.41 21.59 4.59
CA GLN G 65 -40.84 21.83 4.42
C GLN G 65 -41.31 23.03 5.23
N LYS G 66 -40.79 23.20 6.44
CA LYS G 66 -41.17 24.35 7.27
C LYS G 66 -40.74 25.65 6.61
N TYR G 67 -39.50 25.68 6.07
CA TYR G 67 -38.94 26.81 5.34
C TYR G 67 -39.70 27.08 4.04
N LYS G 68 -39.93 26.04 3.20
CA LYS G 68 -40.62 26.16 1.91
C LYS G 68 -42.00 26.80 2.05
N ARG G 69 -42.74 26.38 3.09
CA ARG G 69 -44.07 26.87 3.40
C ARG G 69 -44.06 28.29 3.94
N GLN G 70 -43.13 28.64 4.88
CA GLN G 70 -43.02 30.01 5.42
C GLN G 70 -42.57 30.97 4.32
N ALA G 71 -41.74 30.50 3.35
CA ALA G 71 -41.32 31.30 2.18
C ALA G 71 -42.56 31.77 1.39
N GLN G 72 -43.49 30.81 1.11
CA GLN G 72 -44.78 31.06 0.42
C GLN G 72 -45.61 32.05 1.26
N ALA G 73 -45.75 31.78 2.57
CA ALA G 73 -46.51 32.60 3.49
C ALA G 73 -45.99 34.02 3.50
N ASP G 74 -44.68 34.20 3.60
CA ASP G 74 -44.08 35.55 3.64
C ASP G 74 -44.25 36.30 2.32
N ARG G 75 -44.38 35.55 1.20
CA ARG G 75 -44.64 36.11 -0.13
C ARG G 75 -46.02 36.83 -0.09
N VAL G 76 -46.99 36.20 0.61
CA VAL G 76 -48.33 36.75 0.85
C VAL G 76 -48.23 37.94 1.81
N ASN G 77 -47.49 37.76 2.93
CA ASN G 77 -47.32 38.76 3.97
C ASN G 77 -46.79 40.06 3.44
N LEU G 78 -45.78 40.04 2.55
CA LEU G 78 -45.25 41.26 1.98
C LEU G 78 -46.32 41.92 1.15
N ARG G 79 -47.09 41.13 0.40
CA ARG G 79 -48.16 41.68 -0.41
C ARG G 79 -49.11 42.45 0.52
N LYS G 80 -49.58 41.80 1.57
CA LYS G 80 -50.49 42.35 2.56
C LYS G 80 -49.93 43.62 3.22
N LEU G 81 -48.65 43.59 3.65
CA LEU G 81 -47.96 44.71 4.30
C LEU G 81 -47.87 45.97 3.41
N ARG G 82 -47.64 45.78 2.09
CA ARG G 82 -47.63 46.84 1.07
C ARG G 82 -49.01 47.54 1.10
N GLY G 83 -50.07 46.73 1.11
CA GLY G 83 -51.45 47.18 1.22
C GLY G 83 -51.77 47.93 2.50
N TYR G 84 -51.33 47.41 3.68
CA TYR G 84 -51.58 48.00 5.00
C TYR G 84 -51.01 49.42 5.08
N TYR G 85 -49.78 49.60 4.54
CA TYR G 85 -49.08 50.88 4.54
C TYR G 85 -49.40 51.74 3.33
N ASN G 86 -50.26 51.22 2.43
CA ASN G 86 -50.69 51.89 1.20
C ASN G 86 -49.51 52.28 0.31
N GLN G 87 -48.58 51.32 0.12
CA GLN G 87 -47.39 51.48 -0.69
C GLN G 87 -47.64 51.08 -2.12
N SER G 88 -46.80 51.60 -3.01
CA SER G 88 -46.81 51.27 -4.42
C SER G 88 -46.16 49.90 -4.63
N GLU G 89 -46.53 49.23 -5.71
CA GLU G 89 -45.95 47.93 -6.06
C GLU G 89 -44.56 48.06 -6.70
N ASP G 90 -44.11 49.32 -6.98
CA ASP G 90 -42.80 49.64 -7.58
C ASP G 90 -41.59 49.49 -6.63
N GLY G 91 -41.78 49.73 -5.34
CA GLY G 91 -40.68 49.65 -4.37
C GLY G 91 -40.40 48.28 -3.77
N SER G 92 -39.15 48.06 -3.39
CA SER G 92 -38.71 46.83 -2.74
C SER G 92 -38.89 46.96 -1.23
N HIS G 93 -39.42 45.93 -0.54
CA HIS G 93 -39.64 46.01 0.90
C HIS G 93 -39.08 44.84 1.65
N THR G 94 -38.84 45.01 2.95
CA THR G 94 -38.22 43.98 3.80
C THR G 94 -39.11 43.61 4.95
N LEU G 95 -39.30 42.31 5.13
CA LEU G 95 -40.00 41.69 6.25
C LEU G 95 -38.98 40.77 6.95
N GLN G 96 -38.80 40.97 8.25
CA GLN G 96 -37.86 40.22 9.07
C GLN G 96 -38.53 39.62 10.26
N TRP G 97 -38.18 38.38 10.55
CA TRP G 97 -38.67 37.68 11.72
C TRP G 97 -37.47 37.28 12.57
N MET G 98 -37.63 37.36 13.90
CA MET G 98 -36.59 36.99 14.86
C MET G 98 -37.26 36.27 16.02
N TYR G 99 -36.94 34.98 16.17
CA TYR G 99 -37.52 34.20 17.24
C TYR G 99 -36.54 33.19 17.80
N GLY G 100 -36.80 32.75 19.03
CA GLY G 100 -35.90 31.85 19.71
C GLY G 100 -36.09 31.91 21.20
N CYS G 101 -35.23 31.19 21.92
CA CYS G 101 -35.26 31.02 23.36
C CYS G 101 -33.87 31.11 23.96
N ASP G 102 -33.80 31.59 25.20
CA ASP G 102 -32.61 31.68 26.04
C ASP G 102 -32.80 30.53 27.05
N LEU G 103 -31.79 29.69 27.25
CA LEU G 103 -31.82 28.56 28.18
C LEU G 103 -31.44 28.99 29.59
N LEU G 109 -36.73 27.20 30.08
CA LEU G 109 -36.77 28.52 29.40
C LEU G 109 -36.43 29.61 30.38
N LEU G 110 -35.62 30.57 29.92
CA LEU G 110 -35.24 31.77 30.68
C LEU G 110 -35.99 32.97 30.09
N ARG G 111 -36.08 33.07 28.73
CA ARG G 111 -36.77 34.13 27.98
C ARG G 111 -37.09 33.68 26.56
N GLY G 112 -38.31 33.97 26.10
CA GLY G 112 -38.80 33.69 24.75
C GLY G 112 -38.92 34.96 23.92
N TYR G 113 -38.63 34.85 22.61
CA TYR G 113 -38.65 35.96 21.64
C TYR G 113 -39.44 35.59 20.37
N ASP G 114 -40.20 36.56 19.83
CA ASP G 114 -41.00 36.47 18.60
C ASP G 114 -41.26 37.90 18.13
N GLN G 115 -40.31 38.45 17.36
CA GLN G 115 -40.39 39.83 16.94
C GLN G 115 -40.31 39.96 15.44
N SER G 116 -40.92 41.01 14.90
CA SER G 116 -40.91 41.30 13.49
C SER G 116 -40.58 42.77 13.24
N ALA G 117 -40.20 43.05 12.00
CA ALA G 117 -39.87 44.38 11.56
C ALA G 117 -40.14 44.46 10.09
N TYR G 118 -40.69 45.59 9.69
CA TYR G 118 -41.03 45.87 8.33
C TYR G 118 -40.27 47.11 7.93
N ASP G 119 -39.46 47.01 6.89
CA ASP G 119 -38.59 48.07 6.41
C ASP G 119 -37.69 48.65 7.53
N GLY G 120 -37.09 47.72 8.29
CA GLY G 120 -36.17 47.97 9.38
C GLY G 120 -36.69 48.63 10.63
N LYS G 121 -38.01 48.62 10.80
CA LYS G 121 -38.68 49.24 11.95
C LYS G 121 -39.56 48.17 12.62
N ASP G 122 -39.55 48.12 13.98
CA ASP G 122 -40.37 47.17 14.74
C ASP G 122 -41.79 47.16 14.20
N TYR G 123 -42.30 45.98 13.93
CA TYR G 123 -43.65 45.83 13.43
C TYR G 123 -44.55 45.34 14.59
N ILE G 124 -44.41 44.07 14.99
CA ILE G 124 -45.18 43.48 16.08
C ILE G 124 -44.31 42.45 16.81
N ALA G 125 -44.34 42.50 18.15
CA ALA G 125 -43.55 41.60 18.97
C ALA G 125 -44.36 40.91 20.06
N LEU G 126 -43.99 39.68 20.40
CA LEU G 126 -44.61 38.93 21.49
C LEU G 126 -43.96 39.43 22.79
N ASN G 127 -44.76 39.79 23.79
CA ASN G 127 -44.28 40.30 25.08
C ASN G 127 -43.58 39.22 25.90
N GLU G 128 -42.72 39.61 26.87
CA GLU G 128 -41.99 38.67 27.74
C GLU G 128 -42.91 37.62 28.40
N ASP G 129 -44.19 37.99 28.68
CA ASP G 129 -45.20 37.10 29.26
C ASP G 129 -45.68 35.99 28.30
N LEU G 130 -45.39 36.13 26.99
CA LEU G 130 -45.74 35.20 25.90
C LEU G 130 -47.26 34.99 25.77
N ARG G 131 -48.04 35.96 26.29
CA ARG G 131 -49.50 35.95 26.28
C ARG G 131 -50.10 37.13 25.50
N SER G 132 -49.26 38.15 25.21
CA SER G 132 -49.70 39.39 24.56
C SER G 132 -48.70 39.95 23.57
N TRP G 133 -49.15 40.95 22.80
CA TRP G 133 -48.38 41.58 21.73
C TRP G 133 -48.16 43.08 21.90
N THR G 134 -47.05 43.57 21.34
CA THR G 134 -46.72 44.98 21.25
C THR G 134 -46.69 45.34 19.76
N ALA G 135 -47.71 46.10 19.31
CA ALA G 135 -47.86 46.57 17.94
C ALA G 135 -47.26 47.95 17.92
N ALA G 136 -46.22 48.15 17.11
CA ALA G 136 -45.49 49.42 17.06
C ALA G 136 -46.21 50.58 16.38
N ASP G 137 -47.20 50.30 15.50
CA ASP G 137 -47.91 51.35 14.79
C ASP G 137 -49.36 50.98 14.43
N THR G 138 -50.10 51.95 13.82
CA THR G 138 -51.49 51.81 13.37
C THR G 138 -51.66 50.59 12.48
N ALA G 139 -50.69 50.37 11.55
CA ALA G 139 -50.76 49.25 10.61
C ALA G 139 -50.55 47.91 11.29
N ALA G 140 -49.66 47.85 12.32
CA ALA G 140 -49.36 46.63 13.09
C ALA G 140 -50.54 46.24 13.95
N GLN G 141 -51.45 47.20 14.17
CA GLN G 141 -52.67 46.97 14.93
C GLN G 141 -53.57 45.98 14.18
N ILE G 142 -53.72 46.11 12.82
CA ILE G 142 -54.50 45.14 11.97
C ILE G 142 -54.05 43.69 12.32
N THR G 143 -52.73 43.41 12.20
CA THR G 143 -52.16 42.12 12.52
C THR G 143 -52.52 41.75 13.97
N GLN G 144 -52.18 42.58 14.98
CA GLN G 144 -52.52 42.29 16.37
C GLN G 144 -54.00 41.95 16.59
N ARG G 145 -54.94 42.72 15.97
CA ARG G 145 -56.38 42.45 16.11
C ARG G 145 -56.64 41.02 15.60
N LYS G 146 -56.02 40.69 14.42
CA LYS G 146 -56.12 39.39 13.75
C LYS G 146 -55.63 38.28 14.67
N TRP G 147 -54.42 38.43 15.20
CA TRP G 147 -53.74 37.48 16.08
C TRP G 147 -54.38 37.29 17.45
N GLU G 148 -55.07 38.32 17.96
CA GLU G 148 -55.78 38.23 19.22
C GLU G 148 -57.04 37.38 18.99
N ALA G 149 -57.72 37.56 17.83
CA ALA G 149 -58.92 36.80 17.47
C ALA G 149 -58.57 35.32 17.18
N ALA G 150 -57.51 35.12 16.36
CA ALA G 150 -56.98 33.82 15.99
C ALA G 150 -56.27 33.08 17.16
N ARG G 151 -55.88 33.82 18.20
CA ARG G 151 -55.23 33.33 19.43
C ARG G 151 -53.85 32.72 19.13
N GLU G 152 -53.10 33.42 18.26
CA GLU G 152 -51.75 33.12 17.76
C GLU G 152 -50.66 32.84 18.83
N ALA G 153 -50.72 33.58 19.99
CA ALA G 153 -49.76 33.49 21.10
C ALA G 153 -49.72 32.11 21.77
N GLU G 154 -50.86 31.40 21.79
CA GLU G 154 -51.00 30.05 22.34
C GLU G 154 -49.95 29.11 21.76
N GLN G 155 -49.93 29.00 20.43
CA GLN G 155 -49.01 28.13 19.70
C GLN G 155 -47.55 28.50 19.98
N TRP G 156 -47.25 29.83 19.97
CA TRP G 156 -45.92 30.41 20.21
C TRP G 156 -45.40 30.16 21.62
N ARG G 157 -46.24 30.42 22.64
CA ARG G 157 -45.91 30.17 24.02
C ARG G 157 -45.52 28.69 24.16
N ALA G 158 -46.32 27.79 23.52
CA ALA G 158 -46.08 26.35 23.54
C ALA G 158 -44.74 25.98 22.83
N TYR G 159 -44.43 26.67 21.71
CA TYR G 159 -43.18 26.42 20.99
C TYR G 159 -41.96 26.87 21.81
N LEU G 160 -41.94 28.16 22.22
CA LEU G 160 -40.82 28.77 22.94
C LEU G 160 -40.52 28.13 24.27
N GLU G 161 -41.56 27.70 25.02
CA GLU G 161 -41.42 27.05 26.33
C GLU G 161 -41.02 25.58 26.21
N GLY G 162 -41.61 24.90 25.23
CA GLY G 162 -41.38 23.49 25.02
C GLY G 162 -40.38 23.15 23.95
N THR G 163 -40.85 23.10 22.71
CA THR G 163 -40.12 22.72 21.51
C THR G 163 -38.75 23.41 21.32
N CYS G 164 -38.69 24.78 21.33
CA CYS G 164 -37.50 25.64 21.15
C CYS G 164 -36.35 25.11 21.99
N VAL G 165 -36.54 25.19 23.33
CA VAL G 165 -35.65 24.78 24.43
C VAL G 165 -35.28 23.30 24.35
N GLU G 166 -36.19 22.47 23.81
CA GLU G 166 -35.97 21.04 23.63
C GLU G 166 -34.88 20.81 22.63
N TRP G 167 -34.90 21.60 21.57
CA TRP G 167 -33.93 21.54 20.51
C TRP G 167 -32.60 22.11 20.92
N LEU G 168 -32.59 23.33 21.54
CA LEU G 168 -31.37 24.02 22.01
C LEU G 168 -30.59 23.10 22.96
N ARG G 169 -31.30 22.42 23.88
CA ARG G 169 -30.67 21.49 24.83
C ARG G 169 -30.01 20.32 24.10
N ARG G 170 -30.68 19.84 23.02
CA ARG G 170 -30.18 18.78 22.16
C ARG G 170 -28.92 19.28 21.39
N TYR G 171 -29.01 20.46 20.73
CA TYR G 171 -27.91 21.07 19.99
C TYR G 171 -26.68 21.31 20.85
N LEU G 172 -26.87 21.77 22.10
CA LEU G 172 -25.79 21.96 23.08
C LEU G 172 -25.19 20.62 23.55
N GLU G 173 -25.97 19.52 23.53
CA GLU G 173 -25.44 18.21 23.90
C GLU G 173 -24.65 17.66 22.72
N ASN G 174 -25.23 17.76 21.50
CA ASN G 174 -24.62 17.41 20.20
C ASN G 174 -23.19 18.05 20.08
N GLY G 175 -23.12 19.37 20.04
CA GLY G 175 -21.88 20.13 19.91
C GLY G 175 -21.32 20.70 21.20
N LYS G 176 -21.43 19.95 22.32
CA LYS G 176 -20.91 20.41 23.59
C LYS G 176 -19.42 20.74 23.54
N GLU G 177 -18.66 20.01 22.69
CA GLU G 177 -17.22 20.15 22.52
C GLU G 177 -16.79 21.50 21.94
N THR G 178 -17.73 22.20 21.27
CA THR G 178 -17.50 23.49 20.63
C THR G 178 -18.30 24.66 21.23
N LEU G 179 -19.64 24.47 21.36
CA LEU G 179 -20.63 25.44 21.89
C LEU G 179 -20.53 25.67 23.40
N GLN G 180 -20.11 24.63 24.18
CA GLN G 180 -20.03 24.79 25.63
C GLN G 180 -18.60 24.99 26.15
N ARG G 181 -17.64 25.34 25.27
CA ARG G 181 -16.25 25.56 25.65
C ARG G 181 -15.79 26.92 25.15
N ALA G 182 -15.76 27.95 26.05
CA ALA G 182 -15.32 29.31 25.67
C ALA G 182 -13.86 29.30 25.34
N GLU G 183 -13.48 30.11 24.37
CA GLU G 183 -12.10 30.24 23.97
C GLU G 183 -11.60 31.65 24.37
N HIS G 184 -10.64 31.73 25.28
CA HIS G 184 -10.10 32.98 25.78
C HIS G 184 -9.41 33.79 24.65
N PRO G 185 -9.40 35.15 24.71
CA PRO G 185 -8.72 35.90 23.65
C PRO G 185 -7.21 35.84 23.77
N LYS G 186 -6.52 35.77 22.62
CA LYS G 186 -5.07 35.82 22.56
C LYS G 186 -4.81 37.33 22.37
N THR G 187 -4.10 37.90 23.34
CA THR G 187 -3.88 39.35 23.43
C THR G 187 -2.42 39.77 23.28
N HIS G 188 -2.20 40.92 22.64
CA HIS G 188 -0.89 41.53 22.48
C HIS G 188 -1.06 42.98 22.15
N VAL G 189 -0.01 43.78 22.37
CA VAL G 189 0.00 45.21 22.11
C VAL G 189 1.00 45.53 20.99
N THR G 190 0.56 46.38 20.03
CA THR G 190 1.44 46.83 18.95
C THR G 190 1.67 48.32 19.10
N HIS G 191 2.78 48.80 18.57
CA HIS G 191 3.19 50.20 18.69
C HIS G 191 3.47 50.76 17.31
N HIS G 192 2.79 51.86 16.96
CA HIS G 192 2.89 52.49 15.66
C HIS G 192 3.05 53.99 15.80
N PRO G 193 4.29 54.52 15.67
CA PRO G 193 4.49 55.98 15.72
C PRO G 193 3.65 56.75 14.70
N VAL G 194 3.03 57.87 15.15
CA VAL G 194 2.16 58.68 14.31
C VAL G 194 2.80 60.00 13.96
N SER G 195 3.69 60.47 14.82
CA SER G 195 4.40 61.74 14.68
C SER G 195 5.73 61.60 15.42
N ASP G 196 6.47 62.72 15.52
CA ASP G 196 7.75 62.79 16.21
C ASP G 196 7.59 62.73 17.75
N HIS G 197 6.35 62.93 18.24
CA HIS G 197 6.14 62.97 19.67
C HIS G 197 5.00 62.12 20.17
N GLU G 198 4.30 61.41 19.26
CA GLU G 198 3.17 60.53 19.60
C GLU G 198 3.27 59.18 18.92
N ALA G 199 2.57 58.20 19.49
CA ALA G 199 2.53 56.84 18.96
C ALA G 199 1.17 56.21 19.25
N THR G 200 0.67 55.35 18.35
CA THR G 200 -0.55 54.60 18.59
C THR G 200 -0.18 53.29 19.28
N LEU G 201 -0.85 53.00 20.40
CA LEU G 201 -0.73 51.72 21.11
C LEU G 201 -2.03 51.02 20.82
N ARG G 202 -1.98 49.85 20.19
CA ARG G 202 -3.12 49.04 19.78
C ARG G 202 -3.13 47.75 20.60
N CYS G 203 -4.19 47.57 21.32
CA CYS G 203 -4.41 46.38 22.10
C CYS G 203 -5.24 45.42 21.28
N TRP G 204 -4.76 44.21 21.03
CA TRP G 204 -5.48 43.21 20.24
C TRP G 204 -6.05 42.06 21.06
N ALA G 205 -7.24 41.60 20.68
CA ALA G 205 -7.88 40.45 21.28
C ALA G 205 -8.27 39.62 20.08
N LEU G 206 -7.66 38.44 19.94
CA LEU G 206 -7.90 37.57 18.80
C LEU G 206 -8.33 36.15 19.18
N GLY G 207 -9.02 35.51 18.23
CA GLY G 207 -9.43 34.11 18.33
C GLY G 207 -10.24 33.72 19.55
N PHE G 208 -11.17 34.61 19.96
CA PHE G 208 -12.03 34.37 21.10
C PHE G 208 -13.45 34.00 20.70
N TYR G 209 -14.08 33.17 21.54
CA TYR G 209 -15.44 32.73 21.41
C TYR G 209 -16.02 32.60 22.84
N PRO G 210 -17.23 33.15 23.14
CA PRO G 210 -18.13 33.92 22.28
C PRO G 210 -17.65 35.35 22.02
N ALA G 211 -18.41 36.10 21.22
CA ALA G 211 -18.05 37.44 20.83
C ALA G 211 -18.00 38.46 21.96
N GLU G 212 -18.80 38.31 23.04
CA GLU G 212 -18.85 39.30 24.13
C GLU G 212 -17.49 39.44 24.79
N ILE G 213 -16.96 40.68 24.78
CA ILE G 213 -15.63 41.06 25.31
C ILE G 213 -15.60 42.53 25.74
N THR G 214 -14.65 42.88 26.64
CA THR G 214 -14.42 44.25 27.11
C THR G 214 -12.94 44.55 27.02
N LEU G 215 -12.56 45.46 26.12
CA LEU G 215 -11.21 45.95 25.84
C LEU G 215 -11.24 47.42 26.18
N THR G 216 -10.41 47.80 27.12
CA THR G 216 -10.31 49.15 27.61
C THR G 216 -8.81 49.46 27.79
N TRP G 217 -8.50 50.77 27.70
CA TRP G 217 -7.20 51.38 27.97
C TRP G 217 -7.40 52.24 29.18
N GLN G 218 -6.45 52.19 30.11
CA GLN G 218 -6.44 53.10 31.28
C GLN G 218 -5.04 53.76 31.36
N ARG G 219 -5.02 55.06 31.61
CA ARG G 219 -3.77 55.76 31.80
C ARG G 219 -3.55 55.91 33.31
N ASP G 220 -2.72 55.04 33.89
CA ASP G 220 -2.42 55.01 35.34
C ASP G 220 -3.67 55.00 36.24
N GLY G 221 -4.71 54.36 35.73
CA GLY G 221 -6.01 54.20 36.33
C GLY G 221 -7.05 55.14 35.79
N GLU G 222 -6.62 56.25 35.14
CA GLU G 222 -7.58 57.20 34.56
C GLU G 222 -8.22 56.61 33.30
N ASP G 223 -9.52 56.66 33.27
CA ASP G 223 -10.37 56.20 32.19
C ASP G 223 -9.98 56.82 30.84
N GLN G 224 -9.96 56.01 29.75
CA GLN G 224 -9.58 56.54 28.43
C GLN G 224 -10.70 56.38 27.39
N THR G 225 -11.92 56.23 27.84
CA THR G 225 -13.04 56.02 26.92
C THR G 225 -13.13 57.14 25.83
N GLN G 226 -13.01 58.42 26.20
CA GLN G 226 -13.04 59.55 25.27
C GLN G 226 -11.90 59.51 24.23
N ASP G 227 -10.73 58.92 24.57
CA ASP G 227 -9.57 58.92 23.68
C ASP G 227 -9.25 57.59 22.98
N THR G 228 -10.10 56.57 23.16
CA THR G 228 -9.90 55.25 22.58
C THR G 228 -10.72 55.04 21.33
N GLU G 229 -10.05 54.57 20.27
CA GLU G 229 -10.70 54.11 19.06
C GLU G 229 -10.88 52.62 19.35
N LEU G 230 -12.14 52.17 19.36
CA LEU G 230 -12.53 50.81 19.67
C LEU G 230 -13.37 50.31 18.50
N VAL G 231 -12.82 49.40 17.68
CA VAL G 231 -13.57 48.85 16.53
C VAL G 231 -14.65 47.87 17.02
N GLU G 232 -15.70 47.64 16.20
CA GLU G 232 -16.73 46.66 16.55
C GLU G 232 -16.11 45.26 16.48
N THR G 233 -16.60 44.36 17.36
CA THR G 233 -16.18 42.96 17.38
C THR G 233 -16.52 42.38 16.03
N ARG G 234 -15.52 41.82 15.36
CA ARG G 234 -15.66 41.31 14.02
C ARG G 234 -15.36 39.81 13.91
N PRO G 235 -16.05 39.08 12.99
CA PRO G 235 -15.74 37.65 12.81
C PRO G 235 -14.41 37.43 12.09
N ALA G 236 -13.58 36.50 12.59
CA ALA G 236 -12.32 36.14 11.95
C ALA G 236 -12.63 35.30 10.68
N GLY G 237 -13.78 34.63 10.69
CA GLY G 237 -14.20 33.80 9.57
C GLY G 237 -14.02 32.32 9.84
N ASP G 238 -13.45 31.98 11.00
CA ASP G 238 -13.17 30.60 11.42
C ASP G 238 -13.96 30.20 12.68
N GLY G 239 -15.02 30.95 12.98
CA GLY G 239 -15.86 30.74 14.16
C GLY G 239 -15.45 31.55 15.38
N THR G 240 -14.25 32.19 15.32
CA THR G 240 -13.73 33.03 16.39
C THR G 240 -13.87 34.49 16.05
N PHE G 241 -13.67 35.37 17.04
CA PHE G 241 -13.81 36.81 16.89
C PHE G 241 -12.52 37.59 17.15
N GLN G 242 -12.51 38.84 16.69
CA GLN G 242 -11.41 39.79 16.84
C GLN G 242 -11.95 41.16 17.27
N LYS G 243 -11.10 41.90 17.97
CA LYS G 243 -11.39 43.25 18.42
C LYS G 243 -10.06 43.90 18.78
N TRP G 244 -10.02 45.26 18.69
CA TRP G 244 -8.87 46.06 19.07
C TRP G 244 -9.31 47.43 19.56
N ALA G 245 -8.54 47.97 20.54
CA ALA G 245 -8.72 49.28 21.14
C ALA G 245 -7.39 49.95 20.98
N ALA G 246 -7.38 51.13 20.34
CA ALA G 246 -6.16 51.91 20.10
C ALA G 246 -6.24 53.26 20.79
N VAL G 247 -5.10 53.72 21.30
CA VAL G 247 -4.98 55.01 21.95
C VAL G 247 -3.68 55.70 21.49
N VAL G 248 -3.73 57.03 21.26
CA VAL G 248 -2.58 57.82 20.82
C VAL G 248 -1.92 58.37 22.08
N VAL G 249 -0.70 57.90 22.33
CA VAL G 249 0.06 58.21 23.52
C VAL G 249 1.28 59.05 23.26
N PRO G 250 1.67 59.91 24.23
CA PRO G 250 2.94 60.63 24.12
C PRO G 250 4.14 59.67 24.13
N SER G 251 5.07 59.84 23.17
CA SER G 251 6.29 59.05 23.12
C SER G 251 7.05 59.22 24.43
N GLY G 252 7.34 58.09 25.05
CA GLY G 252 8.03 58.04 26.32
C GLY G 252 7.08 57.82 27.49
N GLU G 253 5.77 57.93 27.22
CA GLU G 253 4.77 57.75 28.27
C GLU G 253 4.01 56.44 28.14
N GLU G 254 4.50 55.50 27.29
CA GLU G 254 3.84 54.20 27.02
C GLU G 254 3.54 53.39 28.28
N GLN G 255 4.47 53.44 29.29
CA GLN G 255 4.31 52.64 30.49
C GLN G 255 3.21 53.18 31.41
N ARG G 256 2.56 54.26 31.01
CA ARG G 256 1.44 54.80 31.75
C ARG G 256 0.12 54.21 31.27
N TYR G 257 0.11 53.40 30.21
CA TYR G 257 -1.13 52.86 29.61
C TYR G 257 -1.24 51.37 29.76
N THR G 258 -2.37 50.94 30.31
CA THR G 258 -2.61 49.53 30.52
C THR G 258 -3.89 49.14 29.89
N CYS G 259 -3.81 48.09 29.07
CA CYS G 259 -4.95 47.52 28.40
C CYS G 259 -5.58 46.47 29.30
N HIS G 260 -6.90 46.57 29.52
CA HIS G 260 -7.66 45.65 30.37
C HIS G 260 -8.59 44.80 29.48
N VAL G 261 -8.52 43.47 29.67
CA VAL G 261 -9.32 42.50 28.96
C VAL G 261 -10.24 41.70 29.94
N GLN G 262 -11.51 41.57 29.51
CA GLN G 262 -12.55 40.85 30.21
C GLN G 262 -13.26 39.96 29.19
N HIS G 263 -13.24 38.64 29.47
CA HIS G 263 -13.85 37.61 28.62
C HIS G 263 -14.19 36.38 29.45
N GLU G 264 -15.27 35.69 29.09
CA GLU G 264 -15.83 34.48 29.70
C GLU G 264 -14.72 33.41 29.86
N GLY G 265 -13.87 33.29 28.82
CA GLY G 265 -12.78 32.33 28.73
C GLY G 265 -11.58 32.61 29.61
N LEU G 266 -11.52 33.81 30.20
CA LEU G 266 -10.45 34.23 31.12
C LEU G 266 -10.85 34.00 32.59
N PRO G 267 -10.00 33.25 33.34
CA PRO G 267 -10.33 32.98 34.77
C PRO G 267 -10.26 34.24 35.64
N GLU G 268 -9.35 35.16 35.32
CA GLU G 268 -9.16 36.45 35.98
C GLU G 268 -9.00 37.47 34.84
N PRO G 269 -9.45 38.75 35.01
CA PRO G 269 -9.26 39.72 33.93
C PRO G 269 -7.79 39.98 33.74
N LEU G 270 -7.49 40.14 32.50
CA LEU G 270 -6.16 40.28 32.02
C LEU G 270 -5.82 41.73 31.86
N THR G 271 -4.58 42.06 32.19
CA THR G 271 -4.06 43.39 31.94
C THR G 271 -2.79 43.18 31.11
N LEU G 272 -2.62 44.02 30.08
CA LEU G 272 -1.39 43.95 29.30
C LEU G 272 -0.89 45.35 28.92
N ARG G 273 0.43 45.49 28.89
CA ARG G 273 1.10 46.74 28.55
C ARG G 273 2.02 46.54 27.33
N TRP G 274 2.51 47.63 26.79
CA TRP G 274 3.46 47.57 25.72
C TRP G 274 4.82 47.12 26.31
N MET H 1 -39.63 53.75 6.66
CA MET H 1 -38.54 53.43 5.77
C MET H 1 -37.19 53.75 6.44
N ILE H 2 -36.76 52.86 7.32
CA ILE H 2 -35.47 52.98 7.97
C ILE H 2 -34.38 52.76 6.92
N GLN H 3 -33.34 53.60 6.95
CA GLN H 3 -32.17 53.51 6.09
C GLN H 3 -30.91 53.68 6.96
N ARG H 4 -30.07 52.65 7.01
CA ARG H 4 -28.85 52.72 7.82
C ARG H 4 -27.64 52.52 6.96
N THR H 5 -26.60 53.36 7.16
CA THR H 5 -25.35 53.29 6.41
C THR H 5 -24.50 52.07 6.87
N PRO H 6 -23.92 51.27 5.93
CA PRO H 6 -23.11 50.14 6.37
C PRO H 6 -21.82 50.62 6.99
N LYS H 7 -21.38 49.95 8.07
CA LYS H 7 -20.11 50.17 8.74
C LYS H 7 -19.23 49.12 8.08
N ILE H 8 -17.99 49.49 7.71
CA ILE H 8 -17.08 48.61 6.99
C ILE H 8 -15.78 48.41 7.75
N GLN H 9 -15.27 47.17 7.78
CA GLN H 9 -13.95 46.81 8.35
C GLN H 9 -13.26 45.87 7.37
N VAL H 10 -12.08 46.27 6.88
CA VAL H 10 -11.25 45.47 5.96
C VAL H 10 -10.03 44.96 6.74
N TYR H 11 -9.93 43.65 6.88
CA TYR H 11 -8.86 43.01 7.67
C TYR H 11 -8.57 41.62 7.14
N SER H 12 -7.52 40.99 7.67
CA SER H 12 -7.10 39.63 7.34
C SER H 12 -7.46 38.69 8.47
N ARG H 13 -7.72 37.42 8.16
CA ARG H 13 -8.07 36.42 9.16
C ARG H 13 -6.90 36.23 10.15
N HIS H 14 -5.68 36.08 9.62
CA HIS H 14 -4.46 35.86 10.38
C HIS H 14 -3.53 37.05 10.19
N PRO H 15 -2.54 37.28 11.10
CA PRO H 15 -1.63 38.41 10.90
C PRO H 15 -0.92 38.27 9.56
N ALA H 16 -0.92 39.36 8.76
CA ALA H 16 -0.33 39.39 7.43
C ALA H 16 1.13 39.04 7.42
N GLU H 17 1.51 38.08 6.57
CA GLU H 17 2.90 37.67 6.36
C GLU H 17 3.04 37.67 4.86
N ASN H 18 4.01 38.43 4.35
CA ASN H 18 4.26 38.54 2.92
C ASN H 18 4.68 37.21 2.33
N GLY H 19 3.96 36.80 1.29
CA GLY H 19 4.19 35.56 0.59
C GLY H 19 3.50 34.34 1.18
N LYS H 20 2.64 34.56 2.19
CA LYS H 20 1.91 33.47 2.85
C LYS H 20 0.41 33.61 2.62
N SER H 21 -0.23 32.51 2.19
CA SER H 21 -1.68 32.50 1.97
C SER H 21 -2.43 32.80 3.26
N ASN H 22 -3.46 33.63 3.13
CA ASN H 22 -4.28 34.14 4.22
C ASN H 22 -5.67 34.42 3.60
N PHE H 23 -6.56 35.06 4.37
CA PHE H 23 -7.89 35.40 3.91
C PHE H 23 -8.14 36.89 4.09
N LEU H 24 -8.69 37.55 3.05
CA LEU H 24 -9.04 38.96 3.06
C LEU H 24 -10.51 39.05 3.36
N ASN H 25 -10.86 39.75 4.44
CA ASN H 25 -12.23 39.93 4.91
C ASN H 25 -12.75 41.35 4.84
N CYS H 26 -14.02 41.51 4.46
CA CYS H 26 -14.70 42.79 4.48
C CYS H 26 -15.98 42.55 5.24
N TYR H 27 -16.04 43.09 6.43
CA TYR H 27 -17.18 42.91 7.29
C TYR H 27 -18.00 44.18 7.22
N VAL H 28 -19.19 44.06 6.60
CA VAL H 28 -20.19 45.11 6.44
C VAL H 28 -21.30 44.83 7.43
N SER H 29 -21.56 45.79 8.32
CA SER H 29 -22.57 45.64 9.36
C SER H 29 -23.40 46.92 9.54
N GLY H 30 -24.43 46.82 10.37
CA GLY H 30 -25.30 47.93 10.75
C GLY H 30 -26.07 48.62 9.65
N PHE H 31 -26.29 47.95 8.48
CA PHE H 31 -27.05 48.55 7.36
C PHE H 31 -28.47 48.07 7.25
N HIS H 32 -29.25 48.81 6.46
CA HIS H 32 -30.65 48.54 6.12
C HIS H 32 -31.01 49.48 5.02
N PRO H 33 -31.68 49.05 3.92
CA PRO H 33 -32.11 47.66 3.59
C PRO H 33 -30.95 46.71 3.27
N SER H 34 -31.27 45.43 3.04
CA SER H 34 -30.30 44.36 2.80
C SER H 34 -29.60 44.38 1.44
N ASP H 35 -30.14 45.08 0.41
CA ASP H 35 -29.48 45.14 -0.90
C ASP H 35 -28.17 45.89 -0.75
N ILE H 36 -27.06 45.18 -0.97
CA ILE H 36 -25.71 45.74 -0.82
C ILE H 36 -24.84 45.14 -1.89
N GLU H 37 -23.85 45.88 -2.36
CA GLU H 37 -22.90 45.51 -3.41
C GLU H 37 -21.53 45.64 -2.77
N VAL H 38 -20.84 44.51 -2.56
CA VAL H 38 -19.53 44.49 -1.91
C VAL H 38 -18.49 43.82 -2.79
N ASP H 39 -17.37 44.49 -3.06
CA ASP H 39 -16.28 43.98 -3.88
C ASP H 39 -14.97 44.11 -3.16
N LEU H 40 -14.13 43.10 -3.29
CA LEU H 40 -12.78 43.13 -2.74
C LEU H 40 -11.90 43.43 -3.93
N LEU H 41 -11.04 44.43 -3.79
CA LEU H 41 -10.18 44.87 -4.89
C LEU H 41 -8.72 44.59 -4.61
N LYS H 42 -7.96 44.34 -5.69
CA LYS H 42 -6.51 44.16 -5.68
C LYS H 42 -6.00 45.12 -6.73
N ASN H 43 -5.34 46.19 -6.26
CA ASN H 43 -4.80 47.28 -7.09
C ASN H 43 -5.91 47.91 -7.95
N GLY H 44 -7.04 48.21 -7.31
CA GLY H 44 -8.21 48.80 -7.94
C GLY H 44 -9.07 47.88 -8.81
N GLU H 45 -8.56 46.67 -9.10
CA GLU H 45 -9.28 45.70 -9.92
C GLU H 45 -10.06 44.72 -9.03
N ARG H 46 -11.34 44.47 -9.36
CA ARG H 46 -12.22 43.56 -8.61
C ARG H 46 -11.66 42.12 -8.60
N ILE H 47 -11.62 41.49 -7.40
CA ILE H 47 -11.19 40.11 -7.22
C ILE H 47 -12.41 39.25 -7.58
N GLU H 48 -12.20 38.25 -8.44
CA GLU H 48 -13.25 37.41 -8.99
C GLU H 48 -13.86 36.38 -8.01
N LYS H 49 -13.06 35.46 -7.45
CA LYS H 49 -13.60 34.42 -6.58
C LYS H 49 -13.82 34.89 -5.11
N VAL H 50 -14.88 35.69 -4.89
CA VAL H 50 -15.22 36.20 -3.56
C VAL H 50 -16.49 35.55 -3.07
N GLU H 51 -16.45 34.99 -1.86
CA GLU H 51 -17.57 34.32 -1.21
C GLU H 51 -18.08 35.24 -0.11
N HIS H 52 -19.33 35.03 0.34
CA HIS H 52 -19.87 35.81 1.43
C HIS H 52 -20.71 34.97 2.39
N SER H 53 -20.87 35.44 3.62
CA SER H 53 -21.66 34.78 4.65
C SER H 53 -23.15 34.87 4.30
N ASP H 54 -23.98 34.16 5.09
CA ASP H 54 -25.42 34.15 4.87
C ASP H 54 -26.02 35.35 5.57
N LEU H 55 -26.92 36.08 4.87
CA LEU H 55 -27.52 37.29 5.44
C LEU H 55 -28.15 37.04 6.77
N SER H 56 -27.72 37.82 7.74
CA SER H 56 -28.18 37.78 9.12
C SER H 56 -28.31 39.21 9.60
N PHE H 57 -28.81 39.42 10.82
CA PHE H 57 -28.99 40.74 11.38
C PHE H 57 -28.87 40.74 12.90
N SER H 58 -28.67 41.93 13.47
CA SER H 58 -28.53 42.20 14.90
C SER H 58 -29.88 42.44 15.58
N LYS H 59 -29.88 42.60 16.92
CA LYS H 59 -31.10 42.86 17.71
C LYS H 59 -31.89 44.08 17.20
N ASP H 60 -31.18 45.11 16.69
CA ASP H 60 -31.78 46.34 16.16
C ASP H 60 -32.28 46.21 14.73
N TRP H 61 -32.22 44.97 14.14
CA TRP H 61 -32.69 44.60 12.80
C TRP H 61 -31.71 44.90 11.68
N SER H 62 -30.62 45.57 11.98
CA SER H 62 -29.62 45.92 11.00
C SER H 62 -28.81 44.71 10.53
N PHE H 63 -28.52 44.65 9.22
CA PHE H 63 -27.85 43.53 8.61
C PHE H 63 -26.36 43.53 8.80
N TYR H 64 -25.77 42.34 8.58
CA TYR H 64 -24.33 42.09 8.60
C TYR H 64 -23.98 40.94 7.67
N LEU H 65 -22.86 41.09 6.96
CA LEU H 65 -22.34 40.12 5.99
C LEU H 65 -20.84 40.15 6.09
N LEU H 66 -20.21 39.00 5.80
CA LEU H 66 -18.77 38.91 5.76
C LEU H 66 -18.44 38.42 4.37
N TYR H 67 -17.70 39.24 3.61
CA TYR H 67 -17.19 38.93 2.27
C TYR H 67 -15.75 38.56 2.45
N TYR H 68 -15.31 37.48 1.81
CA TYR H 68 -13.95 36.98 1.98
C TYR H 68 -13.36 36.29 0.76
N THR H 69 -12.01 36.33 0.63
CA THR H 69 -11.28 35.64 -0.42
C THR H 69 -9.90 35.21 0.07
N GLU H 70 -9.39 34.09 -0.47
CA GLU H 70 -8.06 33.62 -0.16
C GLU H 70 -7.12 34.59 -0.86
N PHE H 71 -6.07 35.01 -0.20
CA PHE H 71 -5.12 35.91 -0.84
C PHE H 71 -3.72 35.72 -0.29
N THR H 72 -2.72 36.17 -1.05
CA THR H 72 -1.32 36.10 -0.65
C THR H 72 -0.78 37.53 -0.67
N PRO H 73 -0.74 38.19 0.51
CA PRO H 73 -0.29 39.59 0.54
C PRO H 73 1.18 39.72 0.21
N THR H 74 1.55 40.84 -0.43
CA THR H 74 2.94 41.21 -0.76
C THR H 74 3.12 42.69 -0.41
N GLU H 75 4.35 43.23 -0.49
CA GLU H 75 4.58 44.64 -0.16
C GLU H 75 3.96 45.56 -1.23
N LYS H 76 4.21 45.27 -2.53
CA LYS H 76 3.70 46.03 -3.66
C LYS H 76 2.16 46.11 -3.69
N ASP H 77 1.46 44.94 -3.64
CA ASP H 77 0.01 44.80 -3.72
C ASP H 77 -0.76 45.65 -2.71
N GLU H 78 -1.87 46.26 -3.21
CA GLU H 78 -2.77 47.14 -2.47
C GLU H 78 -4.17 46.57 -2.50
N TYR H 79 -4.69 46.19 -1.35
CA TYR H 79 -6.03 45.62 -1.24
C TYR H 79 -7.01 46.62 -0.69
N ALA H 80 -8.29 46.45 -1.03
CA ALA H 80 -9.37 47.35 -0.62
C ALA H 80 -10.69 46.68 -0.70
N CYS H 81 -11.69 47.32 -0.11
CA CYS H 81 -13.06 46.85 -0.15
C CYS H 81 -13.92 48.02 -0.64
N ARG H 82 -14.75 47.78 -1.65
CA ARG H 82 -15.63 48.79 -2.20
C ARG H 82 -17.10 48.42 -1.92
N VAL H 83 -17.82 49.30 -1.21
CA VAL H 83 -19.22 49.06 -0.83
C VAL H 83 -20.15 50.05 -1.47
N ASN H 84 -21.20 49.49 -2.11
CA ASN H 84 -22.31 50.23 -2.67
C ASN H 84 -23.61 49.88 -1.97
N HIS H 85 -24.31 50.91 -1.55
CA HIS H 85 -25.56 50.82 -0.82
C HIS H 85 -26.39 52.06 -1.17
N VAL H 86 -27.67 52.02 -0.85
CA VAL H 86 -28.57 53.11 -1.14
C VAL H 86 -28.29 54.36 -0.29
N THR H 87 -27.73 54.19 0.92
CA THR H 87 -27.36 55.25 1.87
C THR H 87 -26.09 55.99 1.42
N LEU H 88 -25.24 55.34 0.63
CA LEU H 88 -23.99 55.92 0.13
C LEU H 88 -24.23 56.69 -1.16
N SER H 89 -23.78 57.98 -1.20
CA SER H 89 -23.94 58.84 -2.40
C SER H 89 -23.08 58.36 -3.55
N GLN H 90 -22.01 57.65 -3.21
CA GLN H 90 -21.04 57.10 -4.16
C GLN H 90 -20.38 55.88 -3.51
N PRO H 91 -19.72 54.98 -4.29
CA PRO H 91 -19.05 53.83 -3.67
C PRO H 91 -18.05 54.24 -2.58
N LYS H 92 -18.11 53.57 -1.40
CA LYS H 92 -17.15 53.82 -0.32
C LYS H 92 -16.03 52.80 -0.44
N ILE H 93 -14.78 53.27 -0.57
CA ILE H 93 -13.62 52.39 -0.68
C ILE H 93 -12.78 52.51 0.58
N VAL H 94 -12.61 51.38 1.27
CA VAL H 94 -11.82 51.27 2.49
C VAL H 94 -10.60 50.42 2.15
N LYS H 95 -9.41 51.03 2.21
CA LYS H 95 -8.14 50.37 1.92
C LYS H 95 -7.79 49.39 3.05
N TRP H 96 -7.17 48.28 2.69
CA TRP H 96 -6.71 47.32 3.67
C TRP H 96 -5.34 47.81 4.23
N ASP H 97 -5.23 47.84 5.57
CA ASP H 97 -4.07 48.21 6.38
C ASP H 97 -3.78 46.97 7.24
N ARG H 98 -2.60 46.35 7.05
CA ARG H 98 -2.25 45.14 7.77
C ARG H 98 -2.18 45.33 9.30
N ASP H 99 -2.03 46.57 9.77
CA ASP H 99 -1.97 46.92 11.19
C ASP H 99 -3.33 47.18 11.84
N MET H 100 -4.45 46.93 11.11
CA MET H 100 -5.80 47.18 11.58
C MET H 100 -6.80 46.05 11.32
N ALA I 1 33.53 28.21 13.56
CA ALA I 1 34.02 29.03 14.68
C ALA I 1 33.45 30.43 14.70
N ARG I 2 33.02 30.83 15.89
CA ARG I 2 32.34 32.09 16.18
C ARG I 2 33.22 33.31 16.20
N PHE I 3 32.57 34.46 15.97
CA PHE I 3 33.14 35.80 16.05
C PHE I 3 33.73 35.91 17.44
N ASN I 4 34.98 36.40 17.55
CA ASN I 4 35.68 36.42 18.82
C ASN I 4 35.25 37.51 19.81
N ASP I 5 34.45 38.45 19.41
CA ASP I 5 34.07 39.49 20.35
C ASP I 5 32.58 39.45 20.69
N LEU I 6 32.15 40.32 21.64
CA LEU I 6 30.80 40.40 22.11
C LEU I 6 30.17 41.58 21.48
N ARG I 7 28.82 41.51 21.14
CA ARG I 7 28.03 42.62 20.58
C ARG I 7 27.08 43.18 21.62
N PHE I 8 27.19 44.48 21.86
CA PHE I 8 26.30 45.22 22.73
C PHE I 8 25.50 46.26 21.94
N VAL I 9 24.18 46.19 22.04
CA VAL I 9 23.27 47.13 21.38
C VAL I 9 23.16 48.44 22.17
N ALA J 1 40.06 -21.89 -2.56
CA ALA J 1 40.95 -22.59 -3.48
C ALA J 1 40.52 -24.04 -3.67
N ARG J 2 40.62 -24.51 -4.92
CA ARG J 2 40.19 -25.81 -5.37
C ARG J 2 41.11 -26.94 -5.02
N PHE J 3 40.55 -28.17 -5.01
CA PHE J 3 41.28 -29.41 -4.81
C PHE J 3 42.35 -29.44 -5.90
N ASN J 4 43.60 -29.73 -5.50
CA ASN J 4 44.74 -29.64 -6.39
C ASN J 4 44.86 -30.73 -7.43
N ASP J 5 44.17 -31.84 -7.26
CA ASP J 5 44.31 -32.91 -8.23
C ASP J 5 43.08 -33.12 -9.13
N LEU J 6 43.28 -33.92 -10.18
CA LEU J 6 42.27 -34.27 -11.16
C LEU J 6 41.53 -35.48 -10.67
N ARG J 7 40.25 -35.61 -11.02
CA ARG J 7 39.45 -36.74 -10.56
C ARG J 7 38.65 -37.42 -11.68
N PHE J 8 38.92 -38.71 -11.82
CA PHE J 8 38.33 -39.55 -12.84
C PHE J 8 37.45 -40.62 -12.24
N VAL J 9 36.24 -40.75 -12.75
CA VAL J 9 35.30 -41.74 -12.23
C VAL J 9 35.56 -43.13 -12.88
N ALA K 1 -25.00 -30.15 -23.12
CA ALA K 1 -26.30 -30.11 -22.45
C ALA K 1 -27.00 -31.44 -22.70
N ARG K 2 -27.81 -31.83 -21.74
CA ARG K 2 -28.55 -33.09 -21.67
C ARG K 2 -29.73 -33.19 -22.60
N PHE K 3 -30.09 -34.44 -22.94
CA PHE K 3 -31.26 -34.83 -23.72
C PHE K 3 -32.42 -34.31 -22.89
N ASN K 4 -33.36 -33.58 -23.54
CA ASN K 4 -34.43 -32.91 -22.83
C ASN K 4 -35.52 -33.79 -22.32
N ASP K 5 -35.66 -35.01 -22.85
CA ASP K 5 -36.76 -35.86 -22.39
C ASP K 5 -36.32 -36.98 -21.43
N LEU K 6 -37.27 -37.55 -20.71
CA LEU K 6 -37.04 -38.63 -19.77
C LEU K 6 -37.17 -39.92 -20.52
N ARG K 7 -36.46 -40.96 -20.09
CA ARG K 7 -36.52 -42.27 -20.70
C ARG K 7 -36.86 -43.37 -19.66
N PHE K 8 -37.89 -44.16 -19.99
CA PHE K 8 -38.38 -45.25 -19.18
C PHE K 8 -38.08 -46.61 -19.82
N VAL K 9 -37.61 -47.58 -19.03
CA VAL K 9 -37.32 -48.94 -19.47
C VAL K 9 -38.65 -49.79 -19.54
N ALA L 1 -34.71 23.62 15.46
CA ALA L 1 -35.94 23.35 14.74
C ALA L 1 -36.91 24.51 14.79
N ARG L 2 -37.56 24.76 13.66
CA ARG L 2 -38.47 25.89 13.43
C ARG L 2 -39.87 25.73 14.03
N PHE L 3 -40.60 26.87 14.16
CA PHE L 3 -42.01 26.90 14.55
C PHE L 3 -42.75 26.10 13.46
N ASN L 4 -43.58 25.13 13.86
CA ASN L 4 -44.18 24.19 12.90
C ASN L 4 -45.28 24.75 12.01
N ASP L 5 -45.92 25.85 12.43
CA ASP L 5 -47.03 26.37 11.67
C ASP L 5 -46.73 27.62 10.84
N LEU L 6 -47.67 27.92 9.90
CA LEU L 6 -47.67 29.08 9.02
C LEU L 6 -48.32 30.22 9.74
N ARG L 7 -47.78 31.41 9.53
CA ARG L 7 -48.29 32.63 10.15
C ARG L 7 -48.46 33.75 9.14
N PHE L 8 -49.68 34.31 9.09
CA PHE L 8 -50.05 35.38 8.17
C PHE L 8 -50.31 36.67 8.92
N VAL L 9 -49.72 37.78 8.43
CA VAL L 9 -49.85 39.12 8.98
C VAL L 9 -51.22 39.72 8.68
#